data_8R3H
#
_entry.id   8R3H
#
_cell.length_a   1.00
_cell.length_b   1.00
_cell.length_c   1.00
_cell.angle_alpha   90.00
_cell.angle_beta   90.00
_cell.angle_gamma   90.00
#
_symmetry.space_group_name_H-M   'P 1'
#
loop_
_entity.id
_entity.type
_entity.pdbx_description
1 polymer 'Actin, alpha skeletal muscle'
2 polymer phalloidin
3 non-polymer 'MAGNESIUM ION'
4 non-polymer "ADENOSINE-5'-DIPHOSPHATE"
#
loop_
_entity_poly.entity_id
_entity_poly.type
_entity_poly.pdbx_seq_one_letter_code
_entity_poly.pdbx_strand_id
1 'polypeptide(L)'
;MCDEDETTALVCDNGSGLVKAGFAGDDAPRAVFPSIVGRPRHQGVMVGMGQKDSYVGDEAQSKRGILTLKYPIE(HIC)G
IITNWDDMEKIWHHTFYNELRVAPEEHPTLLTEAPLNPKANREKMTQIMFETFNVPAMYVAIQAVLSLYASGRTTGIVLD
SGDGVTHNVPIYEGYALPHAIMRLDLAGRDLTDYLMKILTERGYSFVTTAEREIVRDIKEKLCYVALDFENEMATAASSS
SLEKSYELPDGQVITIGNERFRCPETLFQPSFIGMESAGIHETTYNSIMKCDIDIRKDLYANNVMSGGTTMYPGIADRMQ
KEITALAPSTMKIKIIAPPERKYSVWIGGSILASLSTFQQMWITKQEYDEAGPSIVHRKCF
;
F,G,H,I,J
2 'polypeptide(L)' (HYP)AW(G5G)A(ALO)C X,Y,Z
#
loop_
_chem_comp.id
_chem_comp.type
_chem_comp.name
_chem_comp.formula
ADP non-polymer ADENOSINE-5'-DIPHOSPHATE 'C10 H15 N5 O10 P2'
MG non-polymer 'MAGNESIUM ION' 'Mg 2'
#
# COMPACT_ATOMS: atom_id res chain seq x y z
N THR A 7 -16.13 -8.54 -44.86
CA THR A 7 -15.33 -9.70 -45.39
C THR A 7 -14.65 -10.45 -44.26
N THR A 8 -13.97 -11.53 -44.61
CA THR A 8 -13.25 -12.31 -43.61
C THR A 8 -12.09 -11.51 -43.06
N ALA A 9 -11.88 -11.60 -41.75
CA ALA A 9 -10.81 -10.86 -41.10
C ALA A 9 -9.55 -11.71 -41.01
N LEU A 10 -8.40 -11.04 -41.03
CA LEU A 10 -7.11 -11.70 -40.90
C LEU A 10 -6.63 -11.64 -39.46
N VAL A 11 -6.01 -12.72 -39.00
CA VAL A 11 -5.45 -12.80 -37.67
C VAL A 11 -3.97 -13.12 -37.81
N CYS A 12 -3.11 -12.22 -37.35
CA CYS A 12 -1.66 -12.41 -37.44
C CYS A 12 -1.06 -12.27 -36.04
N ASP A 13 -0.47 -13.36 -35.55
CA ASP A 13 0.19 -13.36 -34.24
C ASP A 13 1.68 -13.16 -34.47
N ASN A 14 2.11 -11.90 -34.44
CA ASN A 14 3.52 -11.57 -34.67
C ASN A 14 4.29 -11.69 -33.35
N GLY A 15 4.66 -12.92 -33.04
CA GLY A 15 5.52 -13.18 -31.91
C GLY A 15 6.98 -12.99 -32.29
N SER A 16 7.84 -13.21 -31.30
CA SER A 16 9.27 -13.03 -31.51
C SER A 16 9.87 -14.17 -32.32
N GLY A 17 9.34 -15.39 -32.17
CA GLY A 17 9.92 -16.53 -32.84
C GLY A 17 9.30 -16.86 -34.17
N LEU A 18 7.99 -17.03 -34.21
CA LEU A 18 7.28 -17.46 -35.40
C LEU A 18 6.19 -16.47 -35.75
N VAL A 19 5.84 -16.44 -37.04
CA VAL A 19 4.67 -15.69 -37.49
C VAL A 19 3.55 -16.68 -37.77
N LYS A 20 2.43 -16.53 -37.07
CA LYS A 20 1.26 -17.38 -37.24
C LYS A 20 0.14 -16.52 -37.78
N ALA A 21 -0.21 -16.74 -39.06
CA ALA A 21 -1.21 -15.93 -39.72
C ALA A 21 -2.28 -16.84 -40.32
N GLY A 22 -3.45 -16.25 -40.53
CA GLY A 22 -4.58 -17.02 -41.06
C GLY A 22 -5.80 -16.15 -41.14
N PHE A 23 -6.96 -16.80 -41.30
CA PHE A 23 -8.24 -16.12 -41.41
C PHE A 23 -9.08 -16.43 -40.18
N ALA A 24 -9.85 -15.43 -39.74
CA ALA A 24 -10.72 -15.63 -38.59
C ALA A 24 -11.76 -16.70 -38.90
N GLY A 25 -12.06 -17.52 -37.89
CA GLY A 25 -13.00 -18.61 -38.04
C GLY A 25 -12.37 -19.95 -38.34
N ASP A 26 -11.14 -19.97 -38.86
CA ASP A 26 -10.43 -21.22 -39.06
C ASP A 26 -9.94 -21.76 -37.73
N ASP A 27 -9.67 -23.07 -37.70
CA ASP A 27 -9.28 -23.73 -36.46
C ASP A 27 -7.78 -23.66 -36.18
N ALA A 28 -6.96 -23.51 -37.21
CA ALA A 28 -5.52 -23.47 -37.05
C ALA A 28 -4.95 -22.41 -37.98
N PRO A 29 -3.79 -21.85 -37.66
CA PRO A 29 -3.19 -20.86 -38.56
C PRO A 29 -2.87 -21.47 -39.92
N ARG A 30 -3.08 -20.69 -40.97
CA ARG A 30 -2.78 -21.17 -42.31
C ARG A 30 -1.29 -21.18 -42.58
N ALA A 31 -0.58 -20.13 -42.17
CA ALA A 31 0.85 -19.98 -42.41
C ALA A 31 1.58 -19.87 -41.09
N VAL A 32 2.62 -20.69 -40.92
CA VAL A 32 3.44 -20.68 -39.71
C VAL A 32 4.89 -20.83 -40.16
N PHE A 33 5.64 -19.73 -40.13
CA PHE A 33 7.01 -19.72 -40.59
C PHE A 33 7.84 -18.88 -39.64
N PRO A 34 9.14 -19.15 -39.52
CA PRO A 34 9.95 -18.38 -38.58
C PRO A 34 10.05 -16.91 -38.98
N SER A 35 10.11 -16.06 -37.96
CA SER A 35 10.25 -14.61 -38.17
C SER A 35 11.72 -14.26 -38.39
N ILE A 36 12.22 -14.66 -39.55
CA ILE A 36 13.64 -14.58 -39.89
C ILE A 36 13.78 -13.78 -41.17
N VAL A 37 14.84 -12.97 -41.25
CA VAL A 37 15.25 -12.31 -42.48
C VAL A 37 16.74 -12.57 -42.68
N GLY A 38 17.09 -13.26 -43.75
CA GLY A 38 18.46 -13.61 -44.04
C GLY A 38 19.00 -12.79 -45.19
N ARG A 39 20.30 -12.54 -45.17
CA ARG A 39 20.96 -11.81 -46.24
C ARG A 39 22.26 -12.52 -46.61
N PRO A 40 22.58 -12.62 -47.89
CA PRO A 40 23.82 -13.30 -48.28
C PRO A 40 25.04 -12.61 -47.67
N ARG A 41 26.02 -13.41 -47.27
CA ARG A 41 27.25 -12.90 -46.67
C ARG A 41 28.49 -13.34 -47.43
N HIS A 42 28.35 -13.81 -48.67
CA HIS A 42 29.48 -14.20 -49.49
C HIS A 42 29.34 -13.53 -50.85
N GLN A 43 30.30 -13.80 -51.74
CA GLN A 43 30.28 -13.19 -53.05
C GLN A 43 29.71 -14.14 -54.09
N GLY A 44 28.74 -13.68 -54.85
CA GLY A 44 28.20 -14.47 -55.94
C GLY A 44 29.19 -14.54 -57.09
N VAL A 45 29.27 -15.72 -57.71
CA VAL A 45 30.21 -15.94 -58.80
C VAL A 45 29.51 -16.57 -59.99
N MET A 46 28.19 -16.77 -59.90
CA MET A 46 27.40 -17.33 -60.98
C MET A 46 26.35 -16.27 -61.35
N VAL A 47 26.63 -15.52 -62.43
CA VAL A 47 25.76 -14.44 -62.83
C VAL A 47 24.39 -14.94 -63.23
N GLY A 48 24.31 -16.11 -63.87
CA GLY A 48 23.04 -16.58 -64.40
C GLY A 48 21.98 -16.86 -63.36
N MET A 49 22.38 -17.19 -62.14
CA MET A 49 21.42 -17.58 -61.12
C MET A 49 20.73 -16.35 -60.51
N GLY A 50 19.57 -16.60 -59.93
CA GLY A 50 18.80 -15.56 -59.24
C GLY A 50 19.25 -15.38 -57.81
N GLN A 51 20.39 -14.71 -57.62
CA GLN A 51 21.00 -14.62 -56.30
C GLN A 51 20.03 -14.05 -55.26
N LYS A 52 19.33 -12.97 -55.60
CA LYS A 52 18.35 -12.38 -54.69
C LYS A 52 19.07 -11.69 -53.53
N ASP A 53 18.54 -10.56 -53.07
CA ASP A 53 19.25 -9.74 -52.09
C ASP A 53 18.91 -10.10 -50.66
N SER A 54 17.74 -10.70 -50.42
CA SER A 54 17.35 -11.06 -49.07
C SER A 54 16.32 -12.19 -49.13
N TYR A 55 16.20 -12.90 -48.01
CA TYR A 55 15.30 -14.04 -47.90
C TYR A 55 14.50 -13.91 -46.61
N VAL A 56 13.32 -14.50 -46.59
CA VAL A 56 12.40 -14.37 -45.47
C VAL A 56 11.81 -15.74 -45.14
N GLY A 57 11.52 -15.95 -43.86
CA GLY A 57 10.79 -17.14 -43.46
C GLY A 57 11.53 -18.41 -43.82
N ASP A 58 10.79 -19.37 -44.38
CA ASP A 58 11.37 -20.68 -44.68
C ASP A 58 12.44 -20.60 -45.75
N GLU A 59 12.34 -19.64 -46.66
CA GLU A 59 13.39 -19.47 -47.66
C GLU A 59 14.73 -19.21 -47.00
N ALA A 60 14.76 -18.33 -46.00
CA ALA A 60 15.99 -18.08 -45.28
C ALA A 60 16.44 -19.30 -44.49
N GLN A 61 15.48 -20.01 -43.88
CA GLN A 61 15.83 -21.16 -43.06
C GLN A 61 16.48 -22.26 -43.90
N SER A 62 15.98 -22.48 -45.11
CA SER A 62 16.52 -23.53 -45.97
C SER A 62 17.84 -23.14 -46.61
N LYS A 63 18.14 -21.84 -46.70
CA LYS A 63 19.39 -21.35 -47.25
C LYS A 63 20.32 -20.82 -46.17
N ARG A 64 20.14 -21.23 -44.92
CA ARG A 64 20.89 -20.63 -43.82
C ARG A 64 22.39 -20.83 -43.97
N GLY A 65 22.82 -21.78 -44.80
CA GLY A 65 24.25 -22.02 -44.95
C GLY A 65 25.02 -20.81 -45.43
N ILE A 66 24.43 -20.04 -46.36
CA ILE A 66 25.11 -18.89 -46.95
C ILE A 66 24.57 -17.57 -46.44
N LEU A 67 23.67 -17.59 -45.47
CA LEU A 67 22.99 -16.38 -45.01
C LEU A 67 23.37 -16.07 -43.57
N THR A 68 23.18 -14.81 -43.20
CA THR A 68 23.21 -14.41 -41.79
C THR A 68 21.79 -14.05 -41.38
N LEU A 69 21.28 -14.74 -40.37
CA LEU A 69 19.88 -14.68 -40.01
C LEU A 69 19.68 -13.67 -38.88
N LYS A 70 18.66 -12.82 -39.01
CA LYS A 70 18.37 -11.79 -38.04
C LYS A 70 16.88 -11.77 -37.72
N TYR A 71 16.57 -11.69 -36.44
CA TYR A 71 15.19 -11.56 -35.97
C TYR A 71 14.80 -10.10 -35.88
N PRO A 72 13.73 -9.66 -36.53
CA PRO A 72 13.31 -8.26 -36.35
C PRO A 72 12.67 -7.97 -35.01
N ILE A 73 12.18 -8.99 -34.30
CA ILE A 73 11.58 -8.83 -32.98
C ILE A 73 12.54 -9.36 -31.94
N GLU A 74 12.72 -8.59 -30.86
CA GLU A 74 13.53 -9.03 -29.74
C GLU A 74 12.81 -8.68 -28.44
N HIC A 75 12.44 -9.69 -27.68
CA HIC A 75 11.74 -9.52 -26.43
C HIC A 75 10.41 -8.81 -26.67
O HIC A 75 9.95 -7.95 -25.94
CB HIC A 75 12.50 -8.70 -25.37
CG HIC A 75 13.76 -9.36 -24.98
ND1 HIC A 75 13.88 -10.71 -24.62
CD2 HIC A 75 15.02 -8.74 -24.91
CE1 HIC A 75 15.17 -10.90 -24.33
NE2 HIC A 75 15.92 -9.73 -24.50
CZ HIC A 75 17.31 -9.56 -24.30
H HIC A 75 12.61 -10.66 -27.88
HA HIC A 75 11.52 -10.55 -26.01
HB2 HIC A 75 12.73 -7.69 -25.79
HB3 HIC A 75 11.86 -8.56 -24.46
HD2 HIC A 75 15.33 -7.72 -25.12
HE1 HIC A 75 15.63 -11.84 -24.01
HZ1 HIC A 75 17.79 -10.55 -24.06
HZ2 HIC A 75 17.49 -8.86 -23.44
HZ3 HIC A 75 17.78 -9.13 -25.22
N GLY A 76 9.77 -9.21 -27.76
CA GLY A 76 8.45 -8.72 -28.09
C GLY A 76 8.41 -7.31 -28.64
N ILE A 77 9.59 -6.71 -28.83
CA ILE A 77 9.71 -5.35 -29.34
C ILE A 77 10.35 -5.40 -30.71
N ILE A 78 9.74 -4.73 -31.68
CA ILE A 78 10.26 -4.69 -33.04
C ILE A 78 11.42 -3.71 -33.09
N THR A 79 12.59 -4.21 -33.49
CA THR A 79 13.81 -3.42 -33.48
C THR A 79 14.29 -3.00 -34.85
N ASN A 80 13.85 -3.69 -35.91
CA ASN A 80 14.24 -3.36 -37.28
C ASN A 80 12.96 -3.30 -38.10
N TRP A 81 12.52 -2.08 -38.42
CA TRP A 81 11.20 -1.92 -39.01
C TRP A 81 11.20 -2.27 -40.50
N ASP A 82 12.32 -2.10 -41.19
CA ASP A 82 12.37 -2.53 -42.59
C ASP A 82 12.22 -4.04 -42.69
N ASP A 83 12.93 -4.78 -41.84
CA ASP A 83 12.79 -6.22 -41.83
C ASP A 83 11.39 -6.66 -41.45
N MET A 84 10.75 -5.95 -40.51
CA MET A 84 9.39 -6.32 -40.13
C MET A 84 8.41 -6.04 -41.27
N GLU A 85 8.58 -4.93 -41.98
CA GLU A 85 7.75 -4.70 -43.16
C GLU A 85 7.96 -5.80 -44.19
N LYS A 86 9.19 -6.25 -44.36
CA LYS A 86 9.46 -7.37 -45.25
C LYS A 86 8.74 -8.62 -44.81
N ILE A 87 8.76 -8.91 -43.50
CA ILE A 87 8.09 -10.09 -42.97
C ILE A 87 6.60 -10.00 -43.22
N TRP A 88 6.00 -8.84 -42.98
CA TRP A 88 4.57 -8.68 -43.17
C TRP A 88 4.19 -8.79 -44.65
N HIS A 89 5.02 -8.22 -45.53
CA HIS A 89 4.76 -8.35 -46.96
C HIS A 89 4.79 -9.81 -47.37
N HIS A 90 5.79 -10.56 -46.89
CA HIS A 90 5.81 -11.99 -47.13
C HIS A 90 4.52 -12.64 -46.66
N THR A 91 4.14 -12.39 -45.40
CA THR A 91 2.97 -13.03 -44.83
C THR A 91 1.73 -12.77 -45.69
N PHE A 92 1.49 -11.51 -46.03
CA PHE A 92 0.26 -11.17 -46.75
C PHE A 92 0.26 -11.72 -48.16
N TYR A 93 1.36 -11.56 -48.89
CA TYR A 93 1.32 -11.84 -50.33
C TYR A 93 1.76 -13.25 -50.69
N ASN A 94 2.82 -13.77 -50.10
CA ASN A 94 3.36 -15.07 -50.51
C ASN A 94 2.78 -16.23 -49.72
N GLU A 95 2.52 -16.03 -48.43
CA GLU A 95 2.02 -17.10 -47.58
C GLU A 95 0.49 -17.24 -47.66
N LEU A 96 -0.23 -16.17 -47.36
CA LEU A 96 -1.69 -16.22 -47.43
C LEU A 96 -2.21 -15.90 -48.82
N ARG A 97 -1.47 -15.09 -49.59
CA ARG A 97 -1.89 -14.70 -50.92
C ARG A 97 -3.24 -13.98 -50.88
N VAL A 98 -3.26 -12.85 -50.19
CA VAL A 98 -4.47 -12.04 -50.05
C VAL A 98 -4.11 -10.59 -50.33
N ALA A 99 -5.13 -9.78 -50.59
CA ALA A 99 -4.95 -8.35 -50.69
C ALA A 99 -5.26 -7.73 -49.33
N PRO A 100 -4.27 -7.22 -48.60
CA PRO A 100 -4.55 -6.75 -47.23
C PRO A 100 -5.56 -5.62 -47.16
N GLU A 101 -5.79 -4.91 -48.26
CA GLU A 101 -6.77 -3.82 -48.25
C GLU A 101 -8.20 -4.34 -48.26
N GLU A 102 -8.41 -5.63 -48.42
CA GLU A 102 -9.75 -6.21 -48.48
C GLU A 102 -10.12 -6.96 -47.20
N HIS A 103 -9.21 -7.07 -46.23
CA HIS A 103 -9.47 -7.78 -44.99
C HIS A 103 -9.04 -6.90 -43.83
N PRO A 104 -9.82 -6.82 -42.74
CA PRO A 104 -9.31 -6.22 -41.51
C PRO A 104 -8.41 -7.19 -40.78
N THR A 105 -7.37 -6.67 -40.14
CA THR A 105 -6.32 -7.48 -39.53
C THR A 105 -6.35 -7.32 -38.02
N LEU A 106 -6.24 -8.44 -37.31
CA LEU A 106 -6.13 -8.44 -35.86
C LEU A 106 -4.70 -8.82 -35.48
N LEU A 107 -4.02 -7.93 -34.76
CA LEU A 107 -2.64 -8.14 -34.35
C LEU A 107 -2.57 -8.31 -32.84
N THR A 108 -1.38 -8.66 -32.35
CA THR A 108 -1.17 -8.92 -30.94
C THR A 108 0.17 -8.37 -30.50
N GLU A 109 0.28 -8.12 -29.19
CA GLU A 109 1.56 -7.74 -28.60
C GLU A 109 1.52 -8.04 -27.11
N ALA A 110 2.69 -8.12 -26.50
CA ALA A 110 2.79 -8.45 -25.10
C ALA A 110 2.45 -7.23 -24.24
N PRO A 111 2.00 -7.44 -23.01
CA PRO A 111 1.70 -6.30 -22.13
C PRO A 111 2.96 -5.59 -21.68
N LEU A 112 2.79 -4.33 -21.30
CA LEU A 112 3.89 -3.50 -20.82
C LEU A 112 4.92 -3.26 -21.91
N ASN A 113 4.49 -3.23 -23.15
CA ASN A 113 5.38 -2.88 -24.25
C ASN A 113 5.49 -1.37 -24.39
N PRO A 114 6.55 -0.89 -25.04
CA PRO A 114 6.63 0.55 -25.30
C PRO A 114 5.46 1.02 -26.15
N LYS A 115 5.02 2.26 -25.90
CA LYS A 115 3.88 2.79 -26.62
C LYS A 115 4.18 2.92 -28.11
N ALA A 116 5.41 3.29 -28.46
CA ALA A 116 5.76 3.50 -29.85
C ALA A 116 5.58 2.23 -30.68
N ASN A 117 5.68 1.06 -30.04
CA ASN A 117 5.56 -0.20 -30.77
C ASN A 117 4.19 -0.31 -31.43
N ARG A 118 3.12 -0.04 -30.68
CA ARG A 118 1.79 -0.06 -31.27
C ARG A 118 1.61 1.03 -32.32
N GLU A 119 2.16 2.21 -32.06
CA GLU A 119 1.95 3.33 -32.97
C GLU A 119 2.60 3.07 -34.32
N LYS A 120 3.86 2.64 -34.33
CA LYS A 120 4.52 2.33 -35.59
C LYS A 120 3.82 1.16 -36.29
N MET A 121 3.40 0.16 -35.53
CA MET A 121 2.70 -0.96 -36.12
C MET A 121 1.44 -0.51 -36.83
N THR A 122 0.63 0.31 -36.15
CA THR A 122 -0.60 0.81 -36.74
C THR A 122 -0.32 1.67 -37.96
N GLN A 123 0.70 2.54 -37.88
CA GLN A 123 1.01 3.41 -39.00
C GLN A 123 1.43 2.60 -40.22
N ILE A 124 2.29 1.60 -40.02
CA ILE A 124 2.70 0.77 -41.14
C ILE A 124 1.50 0.03 -41.72
N MET A 125 0.64 -0.51 -40.85
CA MET A 125 -0.49 -1.28 -41.34
C MET A 125 -1.45 -0.42 -42.14
N PHE A 126 -1.68 0.82 -41.72
CA PHE A 126 -2.66 1.66 -42.41
C PHE A 126 -2.09 2.31 -43.65
N GLU A 127 -0.86 2.81 -43.57
CA GLU A 127 -0.33 3.62 -44.67
C GLU A 127 0.47 2.82 -45.69
N THR A 128 0.98 1.65 -45.33
CA THR A 128 1.72 0.82 -46.26
C THR A 128 0.88 -0.29 -46.87
N PHE A 129 0.10 -1.01 -46.05
CA PHE A 129 -0.74 -2.08 -46.55
C PHE A 129 -2.18 -1.64 -46.77
N ASN A 130 -2.57 -0.46 -46.30
CA ASN A 130 -3.90 0.09 -46.57
C ASN A 130 -5.01 -0.86 -46.15
N VAL A 131 -4.89 -1.40 -44.93
CA VAL A 131 -5.96 -2.25 -44.40
C VAL A 131 -7.18 -1.39 -44.15
N PRO A 132 -8.40 -1.94 -44.23
CA PRO A 132 -9.58 -1.11 -43.94
C PRO A 132 -9.74 -0.81 -42.46
N ALA A 133 -9.44 -1.78 -41.60
CA ALA A 133 -9.50 -1.59 -40.16
C ALA A 133 -8.59 -2.61 -39.50
N MET A 134 -8.19 -2.32 -38.27
CA MET A 134 -7.29 -3.19 -37.55
C MET A 134 -7.50 -3.06 -36.06
N TYR A 135 -6.93 -3.99 -35.31
CA TYR A 135 -7.01 -4.02 -33.86
C TYR A 135 -5.78 -4.70 -33.32
N VAL A 136 -5.37 -4.29 -32.13
CA VAL A 136 -4.17 -4.81 -31.46
C VAL A 136 -4.62 -5.32 -30.10
N ALA A 137 -4.46 -6.63 -29.86
CA ALA A 137 -4.94 -7.26 -28.64
C ALA A 137 -3.77 -7.67 -27.75
N ILE A 138 -4.10 -8.07 -26.52
CA ILE A 138 -3.11 -8.62 -25.61
C ILE A 138 -3.14 -10.14 -25.73
N GLN A 139 -1.97 -10.75 -25.88
CA GLN A 139 -1.90 -12.17 -26.19
C GLN A 139 -2.49 -13.02 -25.07
N ALA A 140 -2.16 -12.69 -23.82
CA ALA A 140 -2.67 -13.46 -22.70
C ALA A 140 -4.19 -13.44 -22.63
N VAL A 141 -4.82 -12.36 -23.09
CA VAL A 141 -6.28 -12.31 -23.12
C VAL A 141 -6.81 -13.26 -24.17
N LEU A 142 -6.20 -13.28 -25.35
CA LEU A 142 -6.65 -14.18 -26.40
C LEU A 142 -6.46 -15.64 -25.99
N SER A 143 -5.48 -15.93 -25.14
CA SER A 143 -5.33 -17.29 -24.66
C SER A 143 -6.55 -17.77 -23.90
N LEU A 144 -7.20 -16.91 -23.13
CA LEU A 144 -8.42 -17.32 -22.45
C LEU A 144 -9.55 -17.58 -23.42
N TYR A 145 -9.75 -16.70 -24.41
CA TYR A 145 -10.71 -16.98 -25.46
C TYR A 145 -10.48 -18.36 -26.04
N ALA A 146 -9.23 -18.68 -26.37
CA ALA A 146 -8.92 -20.00 -26.91
C ALA A 146 -9.29 -21.10 -25.92
N SER A 147 -8.98 -20.90 -24.63
CA SER A 147 -9.34 -21.87 -23.60
C SER A 147 -10.82 -21.86 -23.28
N GLY A 148 -11.58 -20.90 -23.78
CA GLY A 148 -13.02 -20.88 -23.57
C GLY A 148 -13.45 -20.71 -22.13
N ARG A 149 -12.85 -19.76 -21.41
CA ARG A 149 -13.28 -19.45 -20.06
C ARG A 149 -13.07 -17.96 -19.81
N THR A 150 -13.70 -17.46 -18.76
CA THR A 150 -13.68 -16.04 -18.44
C THR A 150 -12.76 -15.70 -17.28
N THR A 151 -12.34 -16.70 -16.50
CA THR A 151 -11.52 -16.47 -15.32
C THR A 151 -10.28 -17.34 -15.39
N GLY A 152 -9.17 -16.81 -14.90
CA GLY A 152 -7.93 -17.55 -14.89
C GLY A 152 -6.74 -16.61 -14.99
N ILE A 153 -5.58 -17.16 -14.66
CA ILE A 153 -4.32 -16.45 -14.78
C ILE A 153 -3.50 -17.16 -15.85
N VAL A 154 -3.18 -16.43 -16.91
CA VAL A 154 -2.53 -17.01 -18.08
C VAL A 154 -1.04 -16.79 -17.98
N LEU A 155 -0.27 -17.87 -18.08
CA LEU A 155 1.19 -17.79 -18.15
C LEU A 155 1.57 -18.04 -19.60
N ASP A 156 1.80 -16.98 -20.35
CA ASP A 156 2.17 -17.06 -21.75
C ASP A 156 3.67 -16.86 -21.88
N SER A 157 4.33 -17.80 -22.54
CA SER A 157 5.79 -17.77 -22.68
C SER A 157 6.14 -18.19 -24.09
N GLY A 158 6.63 -17.25 -24.88
CA GLY A 158 6.97 -17.52 -26.26
C GLY A 158 8.46 -17.52 -26.51
N ASP A 159 8.89 -16.86 -27.57
CA ASP A 159 10.31 -16.83 -27.90
C ASP A 159 11.03 -15.68 -27.21
N GLY A 160 10.35 -14.56 -27.00
CA GLY A 160 11.01 -13.38 -26.48
C GLY A 160 10.61 -12.96 -25.08
N VAL A 161 9.35 -13.16 -24.70
CA VAL A 161 8.82 -12.57 -23.49
C VAL A 161 7.86 -13.54 -22.80
N THR A 162 7.94 -13.56 -21.47
CA THR A 162 7.04 -14.32 -20.63
C THR A 162 6.24 -13.36 -19.76
N HIS A 163 4.93 -13.55 -19.69
CA HIS A 163 4.09 -12.65 -18.92
C HIS A 163 2.95 -13.40 -18.25
N ASN A 164 2.46 -12.84 -17.16
CA ASN A 164 1.29 -13.35 -16.44
C ASN A 164 0.21 -12.28 -16.50
N VAL A 165 -1.04 -12.69 -16.67
CA VAL A 165 -2.15 -11.76 -16.71
C VAL A 165 -3.35 -12.37 -15.98
N PRO A 166 -3.68 -11.91 -14.78
CA PRO A 166 -4.88 -12.43 -14.10
C PRO A 166 -6.14 -11.80 -14.69
N ILE A 167 -7.13 -12.65 -14.99
CA ILE A 167 -8.42 -12.22 -15.48
C ILE A 167 -9.49 -12.83 -14.61
N TYR A 168 -10.44 -12.02 -14.17
CA TYR A 168 -11.57 -12.48 -13.37
C TYR A 168 -12.87 -12.02 -14.01
N GLU A 169 -13.75 -12.98 -14.32
CA GLU A 169 -15.05 -12.68 -14.90
C GLU A 169 -14.96 -11.68 -16.04
N GLY A 170 -13.87 -11.74 -16.79
CA GLY A 170 -13.67 -10.83 -17.89
C GLY A 170 -13.08 -9.50 -17.52
N TYR A 171 -12.72 -9.29 -16.26
CA TYR A 171 -12.08 -8.05 -15.81
C TYR A 171 -10.60 -8.32 -15.58
N ALA A 172 -9.76 -7.54 -16.24
CA ALA A 172 -8.32 -7.68 -16.08
C ALA A 172 -7.84 -6.86 -14.90
N LEU A 173 -6.79 -7.35 -14.26
CA LEU A 173 -6.20 -6.66 -13.12
C LEU A 173 -4.83 -6.13 -13.53
N PRO A 174 -4.77 -5.01 -14.24
CA PRO A 174 -3.49 -4.56 -14.81
C PRO A 174 -2.42 -4.27 -13.78
N HIS A 175 -2.78 -4.05 -12.52
CA HIS A 175 -1.77 -3.83 -11.50
C HIS A 175 -1.06 -5.12 -11.10
N ALA A 176 -1.63 -6.27 -11.46
CA ALA A 176 -1.04 -7.56 -11.13
C ALA A 176 -0.34 -8.21 -12.32
N ILE A 177 -0.27 -7.54 -13.47
CA ILE A 177 0.39 -8.13 -14.62
C ILE A 177 1.89 -8.15 -14.41
N MET A 178 2.49 -9.32 -14.59
CA MET A 178 3.93 -9.49 -14.50
C MET A 178 4.49 -9.74 -15.89
N ARG A 179 5.80 -9.53 -16.03
CA ARG A 179 6.48 -9.75 -17.30
C ARG A 179 7.94 -10.06 -17.05
N LEU A 180 8.45 -11.08 -17.75
CA LEU A 180 9.85 -11.44 -17.70
C LEU A 180 10.42 -11.39 -19.11
N ASP A 181 11.65 -10.87 -19.23
CA ASP A 181 12.38 -10.92 -20.50
C ASP A 181 13.29 -12.14 -20.51
N LEU A 182 12.66 -13.31 -20.38
CA LEU A 182 13.36 -14.59 -20.33
C LEU A 182 12.46 -15.62 -20.97
N ALA A 183 12.82 -16.06 -22.18
CA ALA A 183 11.92 -16.91 -22.96
C ALA A 183 12.77 -17.87 -23.79
N GLY A 184 12.17 -18.46 -24.81
CA GLY A 184 12.84 -19.53 -25.54
C GLY A 184 14.20 -19.14 -26.08
N ARG A 185 14.35 -17.90 -26.54
CA ARG A 185 15.63 -17.48 -27.10
C ARG A 185 16.73 -17.50 -26.05
N ASP A 186 16.43 -17.05 -24.83
CA ASP A 186 17.43 -17.12 -23.77
C ASP A 186 17.81 -18.55 -23.44
N LEU A 187 16.84 -19.46 -23.45
CA LEU A 187 17.14 -20.87 -23.24
C LEU A 187 18.02 -21.41 -24.37
N THR A 188 17.76 -21.00 -25.60
CA THR A 188 18.60 -21.42 -26.71
C THR A 188 20.03 -20.94 -26.52
N ASP A 189 20.20 -19.68 -26.12
CA ASP A 189 21.54 -19.15 -25.91
C ASP A 189 22.24 -19.89 -24.76
N TYR A 190 21.52 -20.15 -23.68
CA TYR A 190 22.12 -20.89 -22.57
C TYR A 190 22.52 -22.30 -23.00
N LEU A 191 21.68 -22.96 -23.79
CA LEU A 191 22.03 -24.29 -24.28
C LEU A 191 23.28 -24.22 -25.16
N MET A 192 23.36 -23.20 -26.02
CA MET A 192 24.58 -23.02 -26.80
C MET A 192 25.79 -22.91 -25.89
N LYS A 193 25.70 -22.09 -24.85
CA LYS A 193 26.82 -21.94 -23.92
C LYS A 193 27.11 -23.26 -23.21
N ILE A 194 26.06 -23.94 -22.76
CA ILE A 194 26.24 -25.15 -21.94
C ILE A 194 26.83 -26.27 -22.76
N LEU A 195 26.47 -26.35 -24.05
CA LEU A 195 26.97 -27.44 -24.89
C LEU A 195 28.46 -27.35 -25.12
N THR A 196 29.07 -26.19 -24.92
CA THR A 196 30.52 -26.08 -25.11
C THR A 196 31.27 -26.98 -24.14
N GLU A 197 30.81 -27.05 -22.90
CA GLU A 197 31.51 -27.84 -21.90
C GLU A 197 31.56 -29.32 -22.26
N ARG A 198 30.70 -29.79 -23.15
CA ARG A 198 30.76 -31.15 -23.64
C ARG A 198 31.62 -31.30 -24.90
N GLY A 199 32.03 -30.20 -25.51
CA GLY A 199 32.96 -30.26 -26.62
C GLY A 199 32.39 -29.81 -27.96
N TYR A 200 31.17 -29.28 -27.97
CA TYR A 200 30.53 -28.85 -29.20
C TYR A 200 30.46 -27.33 -29.23
N SER A 201 30.85 -26.75 -30.37
CA SER A 201 30.91 -25.30 -30.53
C SER A 201 29.90 -24.87 -31.58
N PHE A 202 28.96 -24.01 -31.17
CA PHE A 202 27.96 -23.43 -32.05
C PHE A 202 28.02 -21.92 -31.87
N VAL A 203 28.48 -21.21 -32.90
CA VAL A 203 28.75 -19.78 -32.75
C VAL A 203 28.01 -18.95 -33.78
N THR A 204 27.70 -19.52 -34.93
CA THR A 204 27.08 -18.74 -35.99
C THR A 204 25.57 -18.69 -35.81
N THR A 205 24.94 -17.75 -36.52
CA THR A 205 23.49 -17.64 -36.48
C THR A 205 22.82 -18.89 -37.03
N ALA A 206 23.36 -19.45 -38.12
CA ALA A 206 22.80 -20.67 -38.69
C ALA A 206 22.88 -21.83 -37.71
N GLU A 207 23.89 -21.82 -36.82
CA GLU A 207 24.01 -22.89 -35.84
C GLU A 207 23.09 -22.67 -34.64
N ARG A 208 22.70 -21.42 -34.39
CA ARG A 208 21.69 -21.18 -33.37
C ARG A 208 20.40 -21.91 -33.70
N GLU A 209 20.08 -22.04 -34.99
CA GLU A 209 18.87 -22.76 -35.38
C GLU A 209 19.00 -24.25 -35.13
N ILE A 210 20.18 -24.82 -35.39
CA ILE A 210 20.40 -26.23 -35.05
C ILE A 210 20.25 -26.43 -33.55
N VAL A 211 20.80 -25.52 -32.75
CA VAL A 211 20.67 -25.67 -31.31
C VAL A 211 19.23 -25.52 -30.87
N ARG A 212 18.47 -24.61 -31.49
CA ARG A 212 17.06 -24.48 -31.16
C ARG A 212 16.31 -25.77 -31.50
N ASP A 213 16.65 -26.39 -32.63
CA ASP A 213 16.03 -27.66 -32.98
C ASP A 213 16.37 -28.73 -31.94
N ILE A 214 17.62 -28.76 -31.50
CA ILE A 214 18.02 -29.72 -30.46
C ILE A 214 17.18 -29.49 -29.21
N LYS A 215 17.00 -28.22 -28.83
CA LYS A 215 16.20 -27.90 -27.66
C LYS A 215 14.78 -28.41 -27.82
N GLU A 216 14.16 -28.13 -28.97
CA GLU A 216 12.79 -28.56 -29.20
C GLU A 216 12.68 -30.08 -29.18
N LYS A 217 13.74 -30.77 -29.58
CA LYS A 217 13.66 -32.23 -29.73
C LYS A 217 13.92 -32.95 -28.42
N LEU A 218 14.91 -32.51 -27.65
CA LEU A 218 15.47 -33.34 -26.59
C LEU A 218 15.31 -32.79 -25.17
N CYS A 219 15.01 -31.51 -25.00
CA CYS A 219 14.97 -30.94 -23.67
C CYS A 219 13.65 -31.23 -22.97
N TYR A 220 13.71 -31.33 -21.65
CA TYR A 220 12.54 -31.56 -20.82
C TYR A 220 12.78 -30.98 -19.44
N VAL A 221 11.70 -30.83 -18.68
CA VAL A 221 11.76 -30.24 -17.35
C VAL A 221 11.80 -31.35 -16.31
N ALA A 222 12.79 -31.29 -15.42
CA ALA A 222 12.90 -32.30 -14.38
C ALA A 222 11.99 -31.97 -13.20
N LEU A 223 11.27 -32.99 -12.72
CA LEU A 223 10.37 -32.76 -11.60
C LEU A 223 11.13 -32.36 -10.34
N ASP A 224 12.28 -32.99 -10.09
CA ASP A 224 13.14 -32.63 -8.96
C ASP A 224 14.54 -32.43 -9.52
N PHE A 225 14.99 -31.18 -9.59
CA PHE A 225 16.23 -30.88 -10.30
C PHE A 225 17.44 -31.54 -9.66
N GLU A 226 17.56 -31.45 -8.34
CA GLU A 226 18.75 -32.00 -7.68
C GLU A 226 18.82 -33.51 -7.83
N ASN A 227 17.71 -34.20 -7.66
CA ASN A 227 17.70 -35.64 -7.85
C ASN A 227 18.02 -36.02 -9.29
N GLU A 228 17.53 -35.25 -10.26
CA GLU A 228 17.86 -35.51 -11.64
C GLU A 228 19.35 -35.32 -11.90
N MET A 229 19.94 -34.27 -11.34
CA MET A 229 21.37 -34.06 -11.50
C MET A 229 22.15 -35.22 -10.89
N ALA A 230 21.73 -35.69 -9.73
CA ALA A 230 22.39 -36.83 -9.10
C ALA A 230 22.27 -38.08 -9.96
N THR A 231 21.10 -38.31 -10.56
CA THR A 231 20.92 -39.49 -11.39
C THR A 231 21.84 -39.46 -12.61
N ALA A 232 21.82 -38.35 -13.36
CA ALA A 232 22.61 -38.27 -14.57
C ALA A 232 24.10 -38.45 -14.29
N ALA A 233 24.56 -37.99 -13.12
CA ALA A 233 25.97 -38.14 -12.79
C ALA A 233 26.34 -39.57 -12.46
N SER A 234 25.35 -40.43 -12.16
CA SER A 234 25.61 -41.80 -11.79
C SER A 234 25.25 -42.81 -12.87
N SER A 235 24.60 -42.37 -13.95
CA SER A 235 24.18 -43.29 -15.00
C SER A 235 24.10 -42.54 -16.32
N SER A 236 24.19 -43.29 -17.42
CA SER A 236 24.01 -42.75 -18.76
C SER A 236 22.62 -43.01 -19.30
N SER A 237 21.67 -43.40 -18.46
CA SER A 237 20.32 -43.70 -18.92
C SER A 237 19.62 -42.47 -19.49
N LEU A 238 20.05 -41.28 -19.08
CA LEU A 238 19.39 -40.05 -19.50
C LEU A 238 19.92 -39.50 -20.81
N GLU A 239 20.98 -40.08 -21.36
CA GLU A 239 21.62 -39.50 -22.53
C GLU A 239 20.84 -39.79 -23.81
N LYS A 240 20.90 -38.85 -24.74
CA LYS A 240 20.31 -39.01 -26.06
C LYS A 240 21.31 -38.54 -27.10
N SER A 241 21.14 -39.02 -28.32
CA SER A 241 22.03 -38.69 -29.43
C SER A 241 21.25 -37.93 -30.49
N TYR A 242 21.91 -36.93 -31.06
CA TYR A 242 21.33 -36.09 -32.10
C TYR A 242 22.28 -36.04 -33.27
N GLU A 243 21.74 -36.04 -34.48
CA GLU A 243 22.51 -36.06 -35.70
C GLU A 243 22.47 -34.68 -36.36
N LEU A 244 23.64 -34.07 -36.54
CA LEU A 244 23.72 -32.76 -37.13
C LEU A 244 23.51 -32.85 -38.65
N PRO A 245 23.27 -31.72 -39.31
CA PRO A 245 22.98 -31.75 -40.75
C PRO A 245 24.07 -32.40 -41.58
N ASP A 246 25.33 -32.33 -41.16
CA ASP A 246 26.43 -32.89 -41.93
C ASP A 246 26.69 -34.35 -41.59
N GLY A 247 25.95 -34.94 -40.66
CA GLY A 247 26.12 -36.32 -40.30
C GLY A 247 26.83 -36.58 -38.99
N GLN A 248 27.45 -35.58 -38.39
CA GLN A 248 28.08 -35.77 -37.09
C GLN A 248 27.01 -36.07 -36.05
N VAL A 249 27.32 -36.98 -35.13
CA VAL A 249 26.40 -37.37 -34.07
C VAL A 249 26.94 -36.84 -32.75
N ILE A 250 26.09 -36.14 -32.01
CA ILE A 250 26.47 -35.57 -30.71
C ILE A 250 25.58 -36.17 -29.64
N THR A 251 26.18 -36.47 -28.49
CA THR A 251 25.49 -37.04 -27.35
C THR A 251 25.29 -35.96 -26.30
N ILE A 252 24.07 -35.86 -25.77
CA ILE A 252 23.70 -34.82 -24.82
C ILE A 252 23.17 -35.48 -23.56
N GLY A 253 23.69 -35.05 -22.41
CA GLY A 253 23.38 -35.69 -21.15
C GLY A 253 22.47 -34.87 -20.26
N ASN A 254 23.00 -34.39 -19.13
CA ASN A 254 22.16 -33.61 -18.22
C ASN A 254 21.83 -32.24 -18.79
N GLU A 255 22.46 -31.85 -19.89
CA GLU A 255 22.08 -30.61 -20.56
C GLU A 255 20.64 -30.65 -21.02
N ARG A 256 20.04 -31.83 -21.11
CA ARG A 256 18.66 -31.94 -21.56
C ARG A 256 17.71 -31.19 -20.65
N PHE A 257 17.88 -31.30 -19.33
CA PHE A 257 17.01 -30.65 -18.38
C PHE A 257 17.63 -29.44 -17.69
N ARG A 258 18.92 -29.19 -17.87
CA ARG A 258 19.50 -27.98 -17.30
C ARG A 258 19.08 -26.75 -18.08
N CYS A 259 18.75 -26.90 -19.35
CA CYS A 259 18.35 -25.78 -20.19
C CYS A 259 17.01 -25.22 -19.72
N PRO A 260 15.93 -26.00 -19.75
CA PRO A 260 14.64 -25.48 -19.30
C PRO A 260 14.58 -25.15 -17.83
N GLU A 261 15.51 -25.64 -17.02
CA GLU A 261 15.54 -25.27 -15.61
C GLU A 261 15.75 -23.78 -15.42
N THR A 262 16.26 -23.09 -16.46
CA THR A 262 16.44 -21.64 -16.35
C THR A 262 15.13 -20.92 -16.13
N LEU A 263 14.01 -21.51 -16.57
CA LEU A 263 12.72 -20.86 -16.34
C LEU A 263 12.42 -20.75 -14.85
N PHE A 264 12.89 -21.70 -14.06
CA PHE A 264 12.62 -21.70 -12.62
C PHE A 264 13.75 -21.14 -11.79
N GLN A 265 14.96 -21.06 -12.35
CA GLN A 265 16.12 -20.48 -11.68
C GLN A 265 16.81 -19.53 -12.64
N PRO A 266 16.22 -18.35 -12.88
CA PRO A 266 16.84 -17.41 -13.83
C PRO A 266 18.26 -17.02 -13.47
N SER A 267 18.71 -17.33 -12.25
CA SER A 267 20.09 -17.01 -11.87
C SER A 267 21.10 -17.74 -12.75
N PHE A 268 20.70 -18.84 -13.39
CA PHE A 268 21.62 -19.55 -14.27
C PHE A 268 22.15 -18.64 -15.37
N ILE A 269 21.33 -17.73 -15.88
CA ILE A 269 21.73 -16.82 -16.94
C ILE A 269 22.00 -15.42 -16.39
N GLY A 270 22.23 -15.29 -15.08
CA GLY A 270 22.61 -14.02 -14.51
C GLY A 270 21.48 -13.09 -14.13
N MET A 271 20.23 -13.46 -14.39
CA MET A 271 19.10 -12.66 -13.97
C MET A 271 18.76 -12.95 -12.53
N GLU A 272 18.44 -11.90 -11.77
CA GLU A 272 18.02 -12.06 -10.38
C GLU A 272 16.52 -12.11 -10.22
N SER A 273 15.76 -12.12 -11.32
CA SER A 273 14.33 -12.23 -11.23
C SER A 273 13.92 -13.60 -10.67
N ALA A 274 12.65 -13.71 -10.32
CA ALA A 274 12.13 -14.96 -9.80
C ALA A 274 11.71 -15.88 -10.94
N GLY A 275 11.62 -17.17 -10.63
CA GLY A 275 11.19 -18.14 -11.62
C GLY A 275 9.75 -17.92 -12.01
N ILE A 276 9.31 -18.67 -13.02
CA ILE A 276 7.95 -18.50 -13.52
C ILE A 276 6.95 -18.93 -12.48
N HIS A 277 7.26 -19.95 -11.68
CA HIS A 277 6.34 -20.35 -10.61
C HIS A 277 6.18 -19.22 -9.60
N GLU A 278 7.29 -18.63 -9.17
CA GLU A 278 7.22 -17.53 -8.21
C GLU A 278 6.53 -16.32 -8.81
N THR A 279 6.78 -16.05 -10.09
CA THR A 279 6.11 -14.92 -10.72
C THR A 279 4.61 -15.13 -10.78
N THR A 280 4.16 -16.35 -11.12
CA THR A 280 2.74 -16.64 -11.14
C THR A 280 2.13 -16.50 -9.76
N TYR A 281 2.81 -17.04 -8.74
CA TYR A 281 2.29 -16.94 -7.39
C TYR A 281 2.20 -15.49 -6.94
N ASN A 282 3.23 -14.70 -7.22
CA ASN A 282 3.23 -13.29 -6.86
C ASN A 282 2.12 -12.54 -7.57
N SER A 283 1.88 -12.85 -8.85
CA SER A 283 0.78 -12.22 -9.56
C SER A 283 -0.55 -12.55 -8.90
N ILE A 284 -0.72 -13.81 -8.50
CA ILE A 284 -1.96 -14.19 -7.82
C ILE A 284 -2.11 -13.42 -6.52
N MET A 285 -1.03 -13.29 -5.75
CA MET A 285 -1.10 -12.59 -4.47
C MET A 285 -1.29 -11.09 -4.63
N LYS A 286 -1.17 -10.56 -5.85
CA LYS A 286 -1.48 -9.16 -6.09
C LYS A 286 -2.97 -8.91 -6.23
N CYS A 287 -3.77 -9.96 -6.37
CA CYS A 287 -5.20 -9.81 -6.58
C CYS A 287 -5.95 -9.86 -5.26
N ASP A 288 -7.20 -9.42 -5.30
CA ASP A 288 -8.02 -9.36 -4.09
C ASP A 288 -8.22 -10.74 -3.50
N ILE A 289 -8.33 -10.80 -2.18
CA ILE A 289 -8.32 -12.08 -1.48
C ILE A 289 -9.47 -12.96 -1.92
N ASP A 290 -10.57 -12.37 -2.38
CA ASP A 290 -11.69 -13.17 -2.85
C ASP A 290 -11.48 -13.68 -4.26
N ILE A 291 -10.43 -13.24 -4.93
CA ILE A 291 -10.17 -13.67 -6.30
C ILE A 291 -9.26 -14.89 -6.33
N ARG A 292 -8.43 -15.08 -5.30
CA ARG A 292 -7.32 -16.01 -5.40
C ARG A 292 -7.79 -17.46 -5.53
N LYS A 293 -8.90 -17.81 -4.88
CA LYS A 293 -9.39 -19.18 -4.97
C LYS A 293 -9.57 -19.61 -6.42
N ASP A 294 -10.17 -18.76 -7.23
CA ASP A 294 -10.42 -19.10 -8.62
C ASP A 294 -9.16 -19.05 -9.48
N LEU A 295 -8.23 -18.14 -9.18
CA LEU A 295 -7.00 -18.07 -9.95
C LEU A 295 -6.16 -19.32 -9.77
N TYR A 296 -6.07 -19.82 -8.53
CA TYR A 296 -5.30 -21.03 -8.28
C TYR A 296 -5.81 -22.20 -9.12
N ALA A 297 -7.12 -22.24 -9.37
CA ALA A 297 -7.70 -23.39 -10.05
C ALA A 297 -7.72 -23.25 -11.56
N ASN A 298 -7.27 -22.13 -12.11
CA ASN A 298 -7.34 -21.86 -13.54
C ASN A 298 -6.01 -21.32 -14.04
N ASN A 299 -4.91 -21.98 -13.71
CA ASN A 299 -3.61 -21.65 -14.27
C ASN A 299 -3.55 -22.12 -15.72
N VAL A 300 -3.63 -21.18 -16.65
CA VAL A 300 -3.64 -21.48 -18.08
C VAL A 300 -2.26 -21.21 -18.64
N MET A 301 -1.72 -22.18 -19.39
CA MET A 301 -0.41 -22.06 -20.02
C MET A 301 -0.57 -21.97 -21.53
N SER A 302 0.28 -21.16 -22.15
CA SER A 302 0.26 -20.99 -23.59
C SER A 302 1.65 -20.61 -24.07
N GLY A 303 1.87 -20.76 -25.36
CA GLY A 303 3.14 -20.42 -25.97
C GLY A 303 4.07 -21.61 -26.11
N GLY A 304 5.08 -21.44 -26.96
CA GLY A 304 5.95 -22.55 -27.27
C GLY A 304 6.74 -23.08 -26.08
N THR A 305 7.31 -22.19 -25.29
CA THR A 305 8.21 -22.63 -24.22
C THR A 305 7.48 -23.39 -23.13
N THR A 306 6.16 -23.39 -23.12
CA THR A 306 5.41 -24.23 -22.21
C THR A 306 5.19 -25.63 -22.76
N MET A 307 5.94 -26.02 -23.79
CA MET A 307 5.80 -27.34 -24.40
C MET A 307 6.85 -28.34 -23.92
N TYR A 308 7.71 -27.96 -23.00
CA TYR A 308 8.67 -28.90 -22.44
C TYR A 308 7.92 -30.00 -21.69
N PRO A 309 8.21 -31.27 -21.95
CA PRO A 309 7.57 -32.33 -21.15
C PRO A 309 7.85 -32.14 -19.67
N GLY A 310 6.81 -32.36 -18.86
CA GLY A 310 6.93 -32.20 -17.42
C GLY A 310 6.83 -30.78 -16.92
N ILE A 311 6.62 -29.81 -17.80
CA ILE A 311 6.51 -28.42 -17.37
C ILE A 311 5.27 -28.23 -16.50
N ALA A 312 4.15 -28.83 -16.89
CA ALA A 312 2.92 -28.66 -16.12
C ALA A 312 3.05 -29.25 -14.73
N ASP A 313 3.63 -30.44 -14.62
CA ASP A 313 3.79 -31.08 -13.32
C ASP A 313 4.72 -30.27 -12.43
N ARG A 314 5.82 -29.77 -12.99
CA ARG A 314 6.75 -28.97 -12.20
C ARG A 314 6.08 -27.69 -11.72
N MET A 315 5.32 -27.04 -12.59
CA MET A 315 4.61 -25.83 -12.20
C MET A 315 3.62 -26.11 -11.08
N GLN A 316 2.86 -27.20 -11.22
CA GLN A 316 1.90 -27.54 -10.17
C GLN A 316 2.59 -27.81 -8.85
N LYS A 317 3.70 -28.55 -8.88
CA LYS A 317 4.42 -28.85 -7.65
C LYS A 317 4.92 -27.57 -6.99
N GLU A 318 5.52 -26.67 -7.77
CA GLU A 318 6.07 -25.45 -7.21
C GLU A 318 4.97 -24.56 -6.64
N ILE A 319 3.87 -24.39 -7.39
CA ILE A 319 2.78 -23.55 -6.91
C ILE A 319 2.19 -24.14 -5.64
N THR A 320 1.98 -25.45 -5.61
CA THR A 320 1.51 -26.10 -4.40
C THR A 320 2.43 -25.83 -3.23
N ALA A 321 3.74 -25.89 -3.46
CA ALA A 321 4.67 -25.56 -2.39
C ALA A 321 4.50 -24.13 -1.91
N LEU A 322 4.29 -23.19 -2.82
CA LEU A 322 4.17 -21.78 -2.43
C LEU A 322 2.81 -21.49 -1.80
N ALA A 323 1.73 -21.88 -2.47
CA ALA A 323 0.40 -21.52 -2.04
C ALA A 323 0.03 -22.27 -0.75
N PRO A 324 -0.94 -21.76 0.01
CA PRO A 324 -1.37 -22.46 1.21
C PRO A 324 -2.09 -23.76 0.88
N SER A 325 -2.01 -24.72 1.81
CA SER A 325 -2.71 -25.97 1.62
C SER A 325 -4.22 -25.70 1.59
N THR A 326 -4.96 -26.73 1.19
CA THR A 326 -6.41 -26.62 1.05
C THR A 326 -6.78 -25.77 -0.17
N MET A 327 -5.78 -25.39 -0.97
CA MET A 327 -6.05 -24.70 -2.22
C MET A 327 -5.94 -25.68 -3.37
N LYS A 328 -7.01 -25.78 -4.16
CA LYS A 328 -7.06 -26.71 -5.29
C LYS A 328 -6.32 -26.08 -6.48
N ILE A 329 -5.00 -26.30 -6.50
CA ILE A 329 -4.18 -25.75 -7.56
C ILE A 329 -4.23 -26.68 -8.77
N LYS A 330 -4.66 -26.14 -9.90
CA LYS A 330 -4.85 -26.90 -11.12
C LYS A 330 -4.27 -26.13 -12.28
N ILE A 331 -3.60 -26.83 -13.19
CA ILE A 331 -2.92 -26.23 -14.33
C ILE A 331 -3.49 -26.81 -15.60
N ILE A 332 -3.93 -25.95 -16.50
CA ILE A 332 -4.55 -26.34 -17.76
C ILE A 332 -3.51 -26.21 -18.85
N ALA A 333 -3.20 -27.33 -19.51
CA ALA A 333 -2.15 -27.38 -20.53
C ALA A 333 -2.73 -28.06 -21.77
N PRO A 334 -3.45 -27.30 -22.60
CA PRO A 334 -4.02 -27.90 -23.80
C PRO A 334 -2.93 -28.45 -24.71
N PRO A 335 -3.21 -29.51 -25.45
CA PRO A 335 -2.20 -30.03 -26.38
C PRO A 335 -1.84 -29.05 -27.48
N GLU A 336 -2.71 -28.07 -27.77
CA GLU A 336 -2.43 -27.04 -28.77
C GLU A 336 -1.99 -25.73 -28.14
N ARG A 337 -1.20 -25.78 -27.06
CA ARG A 337 -0.77 -24.57 -26.38
C ARG A 337 -0.06 -23.60 -27.32
N LYS A 338 0.63 -24.13 -28.34
CA LYS A 338 1.43 -23.27 -29.19
C LYS A 338 0.57 -22.23 -29.90
N TYR A 339 -0.58 -22.64 -30.41
CA TYR A 339 -1.43 -21.76 -31.21
C TYR A 339 -2.61 -21.21 -30.43
N SER A 340 -2.57 -21.27 -29.10
CA SER A 340 -3.71 -20.80 -28.32
C SER A 340 -3.96 -19.31 -28.54
N VAL A 341 -2.89 -18.51 -28.64
CA VAL A 341 -3.08 -17.09 -28.87
C VAL A 341 -3.75 -16.85 -30.21
N TRP A 342 -3.28 -17.53 -31.27
CA TRP A 342 -3.89 -17.35 -32.57
C TRP A 342 -5.32 -17.87 -32.59
N ILE A 343 -5.58 -19.00 -31.95
CA ILE A 343 -6.93 -19.54 -31.92
C ILE A 343 -7.86 -18.56 -31.23
N GLY A 344 -7.42 -17.98 -30.11
CA GLY A 344 -8.24 -17.00 -29.43
C GLY A 344 -8.48 -15.76 -30.28
N GLY A 345 -7.45 -15.30 -30.98
CA GLY A 345 -7.65 -14.19 -31.89
C GLY A 345 -8.66 -14.51 -32.97
N SER A 346 -8.64 -15.74 -33.48
CA SER A 346 -9.62 -16.16 -34.46
C SER A 346 -11.03 -16.14 -33.88
N ILE A 347 -11.18 -16.67 -32.66
CA ILE A 347 -12.49 -16.68 -32.02
C ILE A 347 -12.98 -15.25 -31.81
N LEU A 348 -12.11 -14.39 -31.29
CA LEU A 348 -12.51 -13.01 -31.01
C LEU A 348 -12.89 -12.27 -32.28
N ALA A 349 -12.06 -12.36 -33.31
CA ALA A 349 -12.30 -11.59 -34.53
C ALA A 349 -13.59 -11.98 -35.21
N SER A 350 -14.11 -13.19 -34.93
CA SER A 350 -15.34 -13.64 -35.56
C SER A 350 -16.59 -13.27 -34.77
N LEU A 351 -16.46 -12.88 -33.51
CA LEU A 351 -17.63 -12.54 -32.71
C LEU A 351 -18.32 -11.30 -33.27
N SER A 352 -19.65 -11.36 -33.29
CA SER A 352 -20.43 -10.21 -33.74
C SER A 352 -20.28 -9.02 -32.79
N THR A 353 -20.26 -9.29 -31.48
CA THR A 353 -20.16 -8.21 -30.51
C THR A 353 -18.84 -7.47 -30.58
N PHE A 354 -17.83 -8.04 -31.27
CA PHE A 354 -16.54 -7.39 -31.38
C PHE A 354 -16.44 -6.43 -32.56
N GLN A 355 -17.39 -6.51 -33.50
CA GLN A 355 -17.24 -5.76 -34.74
C GLN A 355 -17.28 -4.25 -34.51
N GLN A 356 -17.70 -3.80 -33.33
CA GLN A 356 -17.70 -2.38 -33.04
C GLN A 356 -16.34 -1.87 -32.60
N MET A 357 -15.41 -2.77 -32.28
CA MET A 357 -14.12 -2.37 -31.73
C MET A 357 -13.03 -2.20 -32.78
N TRP A 358 -13.30 -2.53 -34.04
CA TRP A 358 -12.31 -2.32 -35.09
C TRP A 358 -11.96 -0.84 -35.18
N ILE A 359 -10.68 -0.55 -35.39
CA ILE A 359 -10.24 0.82 -35.65
C ILE A 359 -10.26 1.05 -37.15
N THR A 360 -11.34 1.63 -37.65
CA THR A 360 -11.42 1.93 -39.07
C THR A 360 -10.43 3.01 -39.45
N LYS A 361 -10.04 3.03 -40.73
CA LYS A 361 -9.04 4.00 -41.17
C LYS A 361 -9.54 5.43 -41.02
N GLN A 362 -10.86 5.63 -41.01
CA GLN A 362 -11.39 6.97 -40.78
C GLN A 362 -10.98 7.47 -39.40
N GLU A 363 -11.11 6.62 -38.39
CA GLU A 363 -10.73 7.02 -37.04
C GLU A 363 -9.23 7.30 -36.96
N TYR A 364 -8.41 6.49 -37.64
CA TYR A 364 -6.98 6.76 -37.65
C TYR A 364 -6.68 8.09 -38.31
N ASP A 365 -7.33 8.39 -39.43
CA ASP A 365 -7.09 9.65 -40.11
C ASP A 365 -7.49 10.83 -39.23
N GLU A 366 -8.63 10.75 -38.56
CA GLU A 366 -9.14 11.87 -37.78
C GLU A 366 -8.60 11.90 -36.36
N ALA A 367 -7.79 10.92 -35.96
CA ALA A 367 -7.18 10.93 -34.63
C ALA A 367 -5.70 10.55 -34.62
N GLY A 368 -5.16 9.98 -35.70
CA GLY A 368 -3.76 9.64 -35.74
C GLY A 368 -3.47 8.35 -35.00
N PRO A 369 -2.19 8.02 -34.85
CA PRO A 369 -1.81 6.77 -34.18
C PRO A 369 -2.29 6.70 -32.75
N SER A 370 -2.53 7.86 -32.12
CA SER A 370 -2.92 7.88 -30.72
C SER A 370 -4.21 7.11 -30.48
N ILE A 371 -5.02 6.89 -31.52
CA ILE A 371 -6.29 6.19 -31.34
C ILE A 371 -6.08 4.80 -30.78
N VAL A 372 -4.95 4.17 -31.09
CA VAL A 372 -4.74 2.76 -30.76
C VAL A 372 -4.60 2.52 -29.25
N HIS A 373 -4.38 3.57 -28.46
CA HIS A 373 -4.22 3.41 -27.02
C HIS A 373 -5.52 3.55 -26.25
N ARG A 374 -6.65 3.70 -26.93
CA ARG A 374 -7.93 3.85 -26.26
C ARG A 374 -8.53 2.47 -25.96
N THR B 7 -16.84 44.71 56.50
CA THR B 7 -16.50 44.65 55.05
C THR B 7 -17.74 44.36 54.22
N THR B 8 -17.65 44.64 52.92
CA THR B 8 -18.75 44.36 52.02
C THR B 8 -18.99 42.85 51.92
N ALA B 9 -20.25 42.49 51.66
CA ALA B 9 -20.62 41.09 51.57
C ALA B 9 -20.57 40.59 50.13
N LEU B 10 -20.47 39.28 49.98
CA LEU B 10 -20.52 38.64 48.68
C LEU B 10 -21.94 38.13 48.41
N VAL B 11 -22.41 38.32 47.19
CA VAL B 11 -23.70 37.81 46.76
C VAL B 11 -23.44 36.81 45.64
N CYS B 12 -23.73 35.54 45.90
CA CYS B 12 -23.43 34.45 44.97
C CYS B 12 -24.74 33.73 44.63
N ASP B 13 -25.22 33.94 43.42
CA ASP B 13 -26.46 33.31 42.95
C ASP B 13 -26.10 32.02 42.23
N ASN B 14 -26.12 30.91 42.98
CA ASN B 14 -25.73 29.61 42.44
C ASN B 14 -26.92 29.01 41.69
N GLY B 15 -27.11 29.49 40.47
CA GLY B 15 -28.15 28.94 39.63
C GLY B 15 -27.77 27.57 39.10
N SER B 16 -28.76 26.91 38.50
CA SER B 16 -28.53 25.58 37.94
C SER B 16 -27.69 25.64 36.67
N GLY B 17 -27.76 26.75 35.94
CA GLY B 17 -27.04 26.88 34.69
C GLY B 17 -25.87 27.83 34.74
N LEU B 18 -26.00 28.93 35.47
CA LEU B 18 -24.98 29.96 35.54
C LEU B 18 -24.64 30.28 36.99
N VAL B 19 -23.41 30.68 37.23
CA VAL B 19 -23.01 31.23 38.53
C VAL B 19 -22.83 32.73 38.37
N LYS B 20 -23.58 33.50 39.15
CA LYS B 20 -23.51 34.95 39.13
C LYS B 20 -23.07 35.41 40.50
N ALA B 21 -21.84 35.91 40.59
CA ALA B 21 -21.27 36.32 41.88
C ALA B 21 -20.76 37.75 41.76
N GLY B 22 -20.68 38.40 42.91
CA GLY B 22 -20.23 39.78 42.96
C GLY B 22 -20.30 40.31 44.37
N PHE B 23 -20.12 41.62 44.49
CA PHE B 23 -20.11 42.28 45.78
C PHE B 23 -21.41 43.02 46.01
N ALA B 24 -21.93 42.94 47.23
CA ALA B 24 -23.13 43.68 47.59
C ALA B 24 -22.91 45.17 47.35
N GLY B 25 -23.92 45.81 46.75
CA GLY B 25 -23.85 47.20 46.39
C GLY B 25 -23.60 47.45 44.92
N ASP B 26 -22.94 46.52 44.23
CA ASP B 26 -22.72 46.66 42.79
C ASP B 26 -24.03 46.50 42.04
N ASP B 27 -24.13 47.19 40.89
CA ASP B 27 -25.34 47.14 40.09
C ASP B 27 -25.49 45.84 39.30
N ALA B 28 -24.37 45.20 38.92
CA ALA B 28 -24.41 43.99 38.13
C ALA B 28 -23.37 43.03 38.66
N PRO B 29 -23.58 41.73 38.49
CA PRO B 29 -22.60 40.76 38.98
C PRO B 29 -21.27 40.88 38.25
N ARG B 30 -20.18 40.73 39.00
CA ARG B 30 -18.86 40.80 38.41
C ARG B 30 -18.50 39.53 37.66
N ALA B 31 -18.84 38.37 38.20
CA ALA B 31 -18.50 37.09 37.61
C ALA B 31 -19.76 36.39 37.13
N VAL B 32 -19.77 35.99 35.86
CA VAL B 32 -20.90 35.27 35.27
C VAL B 32 -20.32 34.19 34.37
N PHE B 33 -20.34 32.95 34.82
CA PHE B 33 -19.79 31.84 34.05
C PHE B 33 -20.68 30.62 34.24
N PRO B 34 -20.71 29.72 33.27
CA PRO B 34 -21.58 28.54 33.39
C PRO B 34 -21.16 27.64 34.54
N SER B 35 -22.14 27.05 35.21
CA SER B 35 -21.90 26.16 36.34
C SER B 35 -21.63 24.75 35.81
N ILE B 36 -20.44 24.59 35.25
CA ILE B 36 -20.08 23.38 34.52
C ILE B 36 -18.67 22.96 34.91
N VAL B 37 -18.46 21.66 35.05
CA VAL B 37 -17.15 21.09 35.36
C VAL B 37 -16.85 20.03 34.31
N GLY B 38 -15.74 20.19 33.60
CA GLY B 38 -15.35 19.30 32.53
C GLY B 38 -14.10 18.52 32.91
N ARG B 39 -14.02 17.28 32.42
CA ARG B 39 -12.86 16.43 32.63
C ARG B 39 -12.49 15.75 31.32
N PRO B 40 -11.20 15.59 31.04
CA PRO B 40 -10.80 15.02 29.75
C PRO B 40 -11.33 13.61 29.57
N ARG B 41 -11.71 13.28 28.34
CA ARG B 41 -12.22 11.97 27.98
C ARG B 41 -11.32 11.24 26.99
N HIS B 42 -10.11 11.74 26.76
CA HIS B 42 -9.14 11.08 25.91
C HIS B 42 -7.81 11.00 26.66
N GLN B 43 -6.88 10.23 26.12
CA GLN B 43 -5.58 10.07 26.74
C GLN B 43 -4.61 11.12 26.21
N GLY B 44 -3.99 11.87 27.12
CA GLY B 44 -2.98 12.83 26.72
C GLY B 44 -1.74 12.13 26.22
N VAL B 45 -1.13 12.67 25.17
CA VAL B 45 0.05 12.08 24.57
C VAL B 45 1.26 13.00 24.61
N MET B 46 1.10 14.27 24.94
CA MET B 46 2.20 15.23 24.96
C MET B 46 2.55 15.55 26.41
N VAL B 47 3.79 15.25 26.79
CA VAL B 47 4.21 15.44 28.17
C VAL B 47 4.33 16.92 28.53
N GLY B 48 4.86 17.75 27.62
CA GLY B 48 5.10 19.13 27.95
C GLY B 48 3.85 19.94 28.22
N MET B 49 2.70 19.50 27.69
CA MET B 49 1.46 20.27 27.83
C MET B 49 1.01 20.27 29.29
N GLY B 50 0.30 21.34 29.66
CA GLY B 50 -0.26 21.46 30.99
C GLY B 50 -1.56 20.70 31.14
N GLN B 51 -1.48 19.38 31.23
CA GLN B 51 -2.65 18.53 31.25
C GLN B 51 -3.36 18.62 32.60
N LYS B 52 -4.15 19.67 32.79
CA LYS B 52 -4.92 19.80 34.03
C LYS B 52 -6.02 18.76 34.07
N ASP B 53 -6.31 18.26 35.27
CA ASP B 53 -7.21 17.12 35.40
C ASP B 53 -8.68 17.51 35.39
N SER B 54 -9.00 18.80 35.45
CA SER B 54 -10.38 19.24 35.37
C SER B 54 -10.41 20.72 35.07
N TYR B 55 -11.55 21.16 34.52
CA TYR B 55 -11.76 22.56 34.16
C TYR B 55 -13.12 23.01 34.65
N VAL B 56 -13.27 24.31 34.84
CA VAL B 56 -14.47 24.89 35.43
C VAL B 56 -14.89 26.11 34.62
N GLY B 57 -16.19 26.29 34.46
CA GLY B 57 -16.70 27.54 33.93
C GLY B 57 -16.22 27.82 32.52
N ASP B 58 -15.72 29.02 32.31
CA ASP B 58 -15.35 29.46 30.96
C ASP B 58 -14.30 28.55 30.34
N GLU B 59 -13.31 28.14 31.12
CA GLU B 59 -12.25 27.28 30.58
C GLU B 59 -12.80 25.95 30.11
N ALA B 60 -13.89 25.47 30.71
CA ALA B 60 -14.51 24.24 30.24
C ALA B 60 -15.24 24.45 28.91
N GLN B 61 -15.87 25.61 28.75
CA GLN B 61 -16.51 25.91 27.47
C GLN B 61 -15.48 26.00 26.35
N SER B 62 -14.33 26.62 26.61
CA SER B 62 -13.33 26.79 25.57
C SER B 62 -12.80 25.45 25.08
N LYS B 63 -12.54 24.52 25.99
CA LYS B 63 -11.96 23.23 25.65
C LYS B 63 -12.99 22.11 25.59
N ARG B 64 -14.25 22.43 25.33
CA ARG B 64 -15.30 21.42 25.44
C ARG B 64 -15.18 20.33 24.39
N GLY B 65 -14.35 20.53 23.35
CA GLY B 65 -14.21 19.51 22.34
C GLY B 65 -13.65 18.20 22.87
N ILE B 66 -12.75 18.27 23.85
CA ILE B 66 -12.09 17.10 24.41
C ILE B 66 -12.57 16.78 25.81
N LEU B 67 -13.53 17.52 26.35
CA LEU B 67 -14.00 17.34 27.71
C LEU B 67 -15.40 16.75 27.71
N THR B 68 -15.72 16.04 28.79
CA THR B 68 -17.11 15.68 29.08
C THR B 68 -17.63 16.59 30.17
N LEU B 69 -18.74 17.26 29.90
CA LEU B 69 -19.23 18.35 30.74
C LEU B 69 -20.35 17.87 31.64
N LYS B 70 -20.27 18.21 32.93
CA LYS B 70 -21.26 17.80 33.91
C LYS B 70 -21.71 19.00 34.72
N TYR B 71 -23.01 19.20 34.82
CA TYR B 71 -23.56 20.22 35.69
C TYR B 71 -23.70 19.67 37.12
N PRO B 72 -23.11 20.31 38.12
CA PRO B 72 -23.29 19.80 39.49
C PRO B 72 -24.66 20.06 40.07
N ILE B 73 -25.42 21.01 39.53
CA ILE B 73 -26.75 21.34 40.01
C ILE B 73 -27.77 20.91 38.98
N GLU B 74 -28.78 20.17 39.42
CA GLU B 74 -29.87 19.78 38.55
C GLU B 74 -31.20 19.99 39.26
N HIC B 75 -32.07 20.79 38.65
CA HIC B 75 -33.37 21.08 39.20
C HIC B 75 -33.22 21.75 40.55
O HIC B 75 -33.95 21.54 41.52
CB HIC B 75 -34.28 19.86 39.39
CG HIC B 75 -34.68 19.26 38.11
ND1 HIC B 75 -35.08 19.98 36.98
CD2 HIC B 75 -34.70 17.88 37.82
CE1 HIC B 75 -35.35 19.07 36.03
NE2 HIC B 75 -35.14 17.76 36.51
CZ HIC B 75 -35.32 16.55 35.78
H HIC B 75 -31.92 21.25 37.78
HA HIC B 75 -33.88 21.80 38.50
HB2 HIC B 75 -33.74 19.09 40.01
HB3 HIC B 75 -35.20 20.16 39.95
HD2 HIC B 75 -34.46 17.02 38.44
HE1 HIC B 75 -35.69 19.28 35.02
HZ1 HIC B 75 -36.41 16.31 35.69
HZ2 HIC B 75 -34.80 15.70 36.32
HZ3 HIC B 75 -34.88 16.66 34.75
N GLY B 76 -32.22 22.62 40.62
CA GLY B 76 -31.97 23.41 41.82
C GLY B 76 -31.45 22.60 42.99
N ILE B 77 -31.09 21.35 42.73
CA ILE B 77 -30.56 20.45 43.75
C ILE B 77 -29.13 20.11 43.39
N ILE B 78 -28.23 20.28 44.36
CA ILE B 78 -26.82 19.95 44.14
C ILE B 78 -26.68 18.43 44.20
N THR B 79 -26.27 17.83 43.08
CA THR B 79 -26.12 16.39 42.99
C THR B 79 -24.69 15.91 43.15
N ASN B 80 -23.71 16.77 42.91
CA ASN B 80 -22.30 16.40 43.01
C ASN B 80 -21.60 17.46 43.86
N TRP B 81 -21.29 17.10 45.10
CA TRP B 81 -20.72 18.08 46.02
C TRP B 81 -19.23 18.28 45.76
N ASP B 82 -18.52 17.23 45.37
CA ASP B 82 -17.10 17.38 45.08
C ASP B 82 -16.86 18.31 43.90
N ASP B 83 -17.85 18.43 43.00
CA ASP B 83 -17.75 19.38 41.89
C ASP B 83 -18.31 20.75 42.26
N MET B 84 -19.33 20.80 43.11
CA MET B 84 -19.83 22.08 43.57
C MET B 84 -18.77 22.81 44.36
N GLU B 85 -17.95 22.07 45.11
CA GLU B 85 -16.82 22.66 45.79
C GLU B 85 -15.83 23.27 44.81
N LYS B 86 -15.56 22.59 43.70
CA LYS B 86 -14.69 23.18 42.68
C LYS B 86 -15.30 24.45 42.10
N ILE B 87 -16.62 24.44 41.87
CA ILE B 87 -17.28 25.63 41.35
C ILE B 87 -17.09 26.80 42.30
N TRP B 88 -17.33 26.57 43.59
CA TRP B 88 -17.21 27.66 44.56
C TRP B 88 -15.76 28.11 44.71
N HIS B 89 -14.83 27.16 44.70
CA HIS B 89 -13.42 27.51 44.79
C HIS B 89 -13.01 28.39 43.62
N HIS B 90 -13.43 28.01 42.41
CA HIS B 90 -13.21 28.87 41.25
C HIS B 90 -13.80 30.25 41.48
N THR B 91 -15.08 30.30 41.86
CA THR B 91 -15.75 31.58 42.03
C THR B 91 -14.97 32.50 42.95
N PHE B 92 -14.57 31.98 44.11
CA PHE B 92 -13.93 32.85 45.10
C PHE B 92 -12.51 33.20 44.70
N TYR B 93 -11.74 32.23 44.20
CA TYR B 93 -10.30 32.39 44.10
C TYR B 93 -9.80 32.76 42.71
N ASN B 94 -10.64 32.73 41.68
CA ASN B 94 -10.20 33.00 40.32
C ASN B 94 -11.05 34.04 39.60
N GLU B 95 -12.33 34.14 39.93
CA GLU B 95 -13.20 35.14 39.33
C GLU B 95 -13.28 36.39 40.19
N LEU B 96 -13.73 36.25 41.43
CA LEU B 96 -13.71 37.38 42.35
C LEU B 96 -12.32 37.64 42.91
N ARG B 97 -11.54 36.58 43.14
CA ARG B 97 -10.18 36.69 43.67
C ARG B 97 -10.20 37.41 45.02
N VAL B 98 -10.90 36.81 45.98
CA VAL B 98 -11.03 37.36 47.32
C VAL B 98 -10.83 36.23 48.32
N ALA B 99 -10.59 36.60 49.58
CA ALA B 99 -10.49 35.64 50.66
C ALA B 99 -11.87 35.47 51.26
N PRO B 100 -12.52 34.30 51.11
CA PRO B 100 -13.91 34.18 51.59
C PRO B 100 -14.07 34.46 53.06
N GLU B 101 -13.05 34.20 53.88
CA GLU B 101 -13.15 34.45 55.32
C GLU B 101 -13.24 35.92 55.66
N GLU B 102 -12.99 36.82 54.71
CA GLU B 102 -13.06 38.25 54.97
C GLU B 102 -14.40 38.87 54.62
N HIS B 103 -15.32 38.11 54.03
CA HIS B 103 -16.57 38.66 53.55
C HIS B 103 -17.72 37.73 53.94
N PRO B 104 -18.82 38.24 54.49
CA PRO B 104 -20.02 37.42 54.62
C PRO B 104 -20.63 37.14 53.25
N THR B 105 -21.24 35.97 53.12
CA THR B 105 -21.73 35.47 51.84
C THR B 105 -23.24 35.30 51.89
N LEU B 106 -23.92 35.78 50.86
CA LEU B 106 -25.36 35.59 50.70
C LEU B 106 -25.59 34.62 49.55
N LEU B 107 -26.25 33.50 49.85
CA LEU B 107 -26.55 32.48 48.86
C LEU B 107 -28.05 32.46 48.59
N THR B 108 -28.43 31.75 47.53
CA THR B 108 -29.82 31.68 47.10
C THR B 108 -30.22 30.23 46.86
N GLU B 109 -31.51 29.96 47.03
CA GLU B 109 -32.06 28.63 46.81
C GLU B 109 -33.49 28.76 46.31
N ALA B 110 -33.96 27.72 45.63
CA ALA B 110 -35.34 27.70 45.19
C ALA B 110 -36.25 27.20 46.32
N PRO B 111 -37.51 27.60 46.32
CA PRO B 111 -38.43 27.13 47.36
C PRO B 111 -38.78 25.66 47.17
N LEU B 112 -39.24 25.05 48.25
CA LEU B 112 -39.60 23.64 48.28
C LEU B 112 -38.43 22.73 47.94
N ASN B 113 -37.21 23.17 48.23
CA ASN B 113 -36.04 22.33 48.02
C ASN B 113 -35.83 21.41 49.20
N PRO B 114 -35.03 20.35 49.03
CA PRO B 114 -34.70 19.49 50.16
C PRO B 114 -33.95 20.26 51.23
N LYS B 115 -34.19 19.89 52.50
CA LYS B 115 -33.49 20.53 53.60
C LYS B 115 -32.00 20.19 53.58
N ALA B 116 -31.66 18.96 53.20
CA ALA B 116 -30.26 18.55 53.18
C ALA B 116 -29.44 19.41 52.24
N ASN B 117 -30.05 19.91 51.17
CA ASN B 117 -29.31 20.77 50.25
C ASN B 117 -28.79 22.01 50.97
N ARG B 118 -29.69 22.72 51.66
CA ARG B 118 -29.28 23.92 52.40
C ARG B 118 -28.33 23.57 53.53
N GLU B 119 -28.57 22.46 54.23
CA GLU B 119 -27.69 22.09 55.33
C GLU B 119 -26.27 21.83 54.86
N LYS B 120 -26.13 21.06 53.77
CA LYS B 120 -24.81 20.80 53.21
C LYS B 120 -24.17 22.08 52.71
N MET B 121 -24.96 22.96 52.08
CA MET B 121 -24.40 24.23 51.62
C MET B 121 -23.81 25.01 52.77
N THR B 122 -24.55 25.14 53.87
CA THR B 122 -24.06 25.87 55.04
C THR B 122 -22.81 25.20 55.60
N GLN B 123 -22.82 23.87 55.69
CA GLN B 123 -21.67 23.16 56.25
C GLN B 123 -20.43 23.41 55.41
N ILE B 124 -20.55 23.33 54.09
CA ILE B 124 -19.39 23.57 53.23
C ILE B 124 -18.91 25.00 53.36
N MET B 125 -19.83 25.96 53.42
CA MET B 125 -19.43 27.35 53.54
C MET B 125 -18.70 27.60 54.85
N PHE B 126 -19.15 26.99 55.95
CA PHE B 126 -18.56 27.31 57.24
C PHE B 126 -17.31 26.50 57.54
N GLU B 127 -17.15 25.32 56.94
CA GLU B 127 -16.08 24.42 57.34
C GLU B 127 -14.92 24.36 56.35
N THR B 128 -15.15 24.63 55.07
CA THR B 128 -14.07 24.60 54.08
C THR B 128 -13.61 26.02 53.78
N PHE B 129 -14.53 26.92 53.41
CA PHE B 129 -14.15 28.31 53.18
C PHE B 129 -14.13 29.12 54.47
N ASN B 130 -14.65 28.57 55.56
CA ASN B 130 -14.73 29.25 56.85
C ASN B 130 -15.09 30.72 56.68
N VAL B 131 -16.22 30.94 56.02
CA VAL B 131 -16.80 32.28 55.84
C VAL B 131 -17.20 32.78 57.22
N PRO B 132 -17.09 34.08 57.52
CA PRO B 132 -17.50 34.54 58.85
C PRO B 132 -18.98 34.34 59.11
N ALA B 133 -19.84 34.84 58.22
CA ALA B 133 -21.28 34.67 58.37
C ALA B 133 -21.88 34.54 56.99
N MET B 134 -23.07 33.93 56.93
CA MET B 134 -23.72 33.70 55.65
C MET B 134 -25.22 33.66 55.84
N TYR B 135 -25.94 33.75 54.72
CA TYR B 135 -27.39 33.72 54.71
C TYR B 135 -27.84 33.05 53.42
N VAL B 136 -28.99 32.38 53.49
CA VAL B 136 -29.60 31.72 52.34
C VAL B 136 -30.98 32.34 52.15
N ALA B 137 -31.27 32.79 50.94
CA ALA B 137 -32.48 33.52 50.64
C ALA B 137 -33.26 32.85 49.51
N ILE B 138 -34.57 33.02 49.52
CA ILE B 138 -35.42 32.49 48.45
C ILE B 138 -35.32 33.41 47.25
N GLN B 139 -35.10 32.83 46.07
CA GLN B 139 -34.76 33.63 44.90
C GLN B 139 -35.88 34.59 44.51
N ALA B 140 -37.14 34.14 44.60
CA ALA B 140 -38.24 35.00 44.20
C ALA B 140 -38.31 36.26 45.05
N VAL B 141 -38.05 36.14 46.36
CA VAL B 141 -38.09 37.31 47.22
C VAL B 141 -37.01 38.31 46.80
N LEU B 142 -35.83 37.82 46.46
CA LEU B 142 -34.78 38.71 45.97
C LEU B 142 -35.18 39.37 44.66
N SER B 143 -35.81 38.62 43.76
CA SER B 143 -36.28 39.22 42.52
C SER B 143 -37.26 40.34 42.80
N LEU B 144 -38.18 40.13 43.74
CA LEU B 144 -39.12 41.18 44.11
C LEU B 144 -38.39 42.39 44.70
N TYR B 145 -37.40 42.16 45.56
CA TYR B 145 -36.57 43.25 46.05
C TYR B 145 -35.99 44.06 44.90
N ALA B 146 -35.40 43.36 43.92
CA ALA B 146 -34.80 44.05 42.79
C ALA B 146 -35.84 44.85 42.01
N SER B 147 -37.06 44.33 41.89
CA SER B 147 -38.11 45.05 41.19
C SER B 147 -38.50 46.34 41.90
N GLY B 148 -38.09 46.54 43.14
CA GLY B 148 -38.42 47.76 43.86
C GLY B 148 -39.87 47.87 44.27
N ARG B 149 -40.48 46.76 44.69
CA ARG B 149 -41.85 46.77 45.16
C ARG B 149 -41.99 45.73 46.27
N THR B 150 -43.03 45.91 47.08
CA THR B 150 -43.30 45.02 48.22
C THR B 150 -44.45 44.07 47.97
N THR B 151 -45.13 44.17 46.83
CA THR B 151 -46.27 43.31 46.51
C THR B 151 -46.14 42.81 45.08
N GLY B 152 -46.58 41.59 44.85
CA GLY B 152 -46.53 41.01 43.52
C GLY B 152 -46.33 39.52 43.60
N ILE B 153 -46.51 38.88 42.45
CA ILE B 153 -46.30 37.44 42.30
C ILE B 153 -45.16 37.24 41.32
N VAL B 154 -44.07 36.66 41.80
CA VAL B 154 -42.88 36.51 40.99
C VAL B 154 -42.93 35.18 40.25
N LEU B 155 -42.49 35.19 39.00
CA LEU B 155 -42.38 33.99 38.19
C LEU B 155 -40.93 33.85 37.77
N ASP B 156 -40.16 33.09 38.55
CA ASP B 156 -38.74 32.89 38.30
C ASP B 156 -38.55 31.54 37.62
N SER B 157 -37.95 31.55 36.43
CA SER B 157 -37.61 30.33 35.72
C SER B 157 -36.19 30.46 35.21
N GLY B 158 -35.31 29.60 35.69
CA GLY B 158 -33.92 29.60 35.31
C GLY B 158 -33.58 28.45 34.39
N ASP B 159 -32.60 27.65 34.79
CA ASP B 159 -32.18 26.50 34.02
C ASP B 159 -32.73 25.19 34.57
N GLY B 160 -33.06 25.15 35.85
CA GLY B 160 -33.49 23.91 36.47
C GLY B 160 -34.90 23.92 37.01
N VAL B 161 -35.38 25.06 37.48
CA VAL B 161 -36.67 25.12 38.17
C VAL B 161 -37.43 26.36 37.74
N THR B 162 -38.76 26.22 37.72
CA THR B 162 -39.68 27.34 37.57
C THR B 162 -40.60 27.35 38.78
N HIS B 163 -40.72 28.49 39.44
CA HIS B 163 -41.55 28.56 40.64
C HIS B 163 -42.24 29.92 40.72
N ASN B 164 -43.37 29.93 41.43
CA ASN B 164 -44.13 31.14 41.69
C ASN B 164 -44.14 31.40 43.19
N VAL B 165 -44.06 32.67 43.56
CA VAL B 165 -44.08 33.05 44.97
C VAL B 165 -44.93 34.31 45.13
N PRO B 166 -46.17 34.20 45.56
CA PRO B 166 -46.98 35.41 45.81
C PRO B 166 -46.50 36.11 47.08
N ILE B 167 -46.43 37.43 47.02
CA ILE B 167 -46.04 38.26 48.16
C ILE B 167 -46.96 39.46 48.21
N TYR B 168 -47.44 39.79 49.41
CA TYR B 168 -48.35 40.91 49.63
C TYR B 168 -47.82 41.75 50.78
N GLU B 169 -47.41 42.99 50.48
CA GLU B 169 -46.94 43.91 51.50
C GLU B 169 -45.85 43.29 52.37
N GLY B 170 -44.99 42.50 51.73
CA GLY B 170 -43.89 41.87 52.43
C GLY B 170 -44.24 40.58 53.13
N TYR B 171 -45.49 40.14 53.10
CA TYR B 171 -45.89 38.89 53.71
C TYR B 171 -45.98 37.80 52.64
N ALA B 172 -45.12 36.79 52.74
CA ALA B 172 -45.16 35.68 51.81
C ALA B 172 -46.32 34.75 52.16
N LEU B 173 -46.94 34.20 51.14
CA LEU B 173 -48.02 33.23 51.32
C LEU B 173 -47.48 31.85 50.96
N PRO B 174 -46.81 31.17 51.91
CA PRO B 174 -46.12 29.92 51.55
C PRO B 174 -47.04 28.82 51.07
N HIS B 175 -48.32 28.86 51.41
CA HIS B 175 -49.23 27.81 50.96
C HIS B 175 -49.58 27.92 49.49
N ALA B 176 -49.31 29.06 48.86
CA ALA B 176 -49.60 29.27 47.45
C ALA B 176 -48.37 29.09 46.57
N ILE B 177 -47.23 28.72 47.14
CA ILE B 177 -46.03 28.54 46.33
C ILE B 177 -46.26 27.42 45.32
N MET B 178 -45.72 27.61 44.12
CA MET B 178 -45.80 26.61 43.06
C MET B 178 -44.40 26.36 42.52
N ARG B 179 -44.19 25.16 41.99
CA ARG B 179 -42.88 24.78 41.47
C ARG B 179 -43.05 23.77 40.35
N LEU B 180 -42.34 24.00 39.25
CA LEU B 180 -42.27 23.07 38.13
C LEU B 180 -40.82 22.73 37.86
N ASP B 181 -40.53 21.44 37.73
CA ASP B 181 -39.20 21.00 37.32
C ASP B 181 -39.11 21.02 35.79
N LEU B 182 -39.34 22.21 35.24
CA LEU B 182 -39.35 22.40 33.80
C LEU B 182 -38.76 23.78 33.53
N ALA B 183 -37.54 23.80 33.00
CA ALA B 183 -36.82 25.06 32.85
C ALA B 183 -35.95 24.97 31.60
N GLY B 184 -34.98 25.86 31.48
CA GLY B 184 -34.21 25.96 30.25
C GLY B 184 -33.58 24.66 29.80
N ARG B 185 -33.14 23.83 30.75
CA ARG B 185 -32.47 22.59 30.36
C ARG B 185 -33.45 21.65 29.66
N ASP B 186 -34.68 21.56 30.15
CA ASP B 186 -35.68 20.71 29.50
C ASP B 186 -35.99 21.24 28.10
N LEU B 187 -36.07 22.56 27.95
CA LEU B 187 -36.28 23.12 26.62
C LEU B 187 -35.11 22.82 25.69
N THR B 188 -33.88 22.86 26.21
CA THR B 188 -32.73 22.51 25.39
C THR B 188 -32.80 21.05 24.95
N ASP B 189 -33.16 20.16 25.87
CA ASP B 189 -33.27 18.75 25.50
C ASP B 189 -34.35 18.53 24.46
N TYR B 190 -35.50 19.21 24.62
CA TYR B 190 -36.56 19.08 23.64
C TYR B 190 -36.13 19.62 22.29
N LEU B 191 -35.41 20.73 22.27
CA LEU B 191 -34.91 21.27 21.01
C LEU B 191 -33.95 20.30 20.34
N MET B 192 -33.07 19.66 21.13
CA MET B 192 -32.22 18.62 20.58
C MET B 192 -33.07 17.51 19.95
N LYS B 193 -34.15 17.13 20.63
CA LYS B 193 -34.99 16.05 20.12
C LYS B 193 -35.62 16.41 18.78
N ILE B 194 -36.17 17.62 18.67
CA ILE B 194 -36.95 17.94 17.48
C ILE B 194 -36.06 18.40 16.33
N LEU B 195 -34.85 18.88 16.61
CA LEU B 195 -33.93 19.17 15.52
C LEU B 195 -33.63 17.93 14.71
N THR B 196 -33.77 16.75 15.34
CA THR B 196 -33.58 15.50 14.62
C THR B 196 -34.54 15.37 13.45
N GLU B 197 -35.68 16.06 13.50
CA GLU B 197 -36.64 15.97 12.40
C GLU B 197 -36.06 16.52 11.11
N ARG B 198 -35.28 17.60 11.18
CA ARG B 198 -34.68 18.18 10.00
C ARG B 198 -33.39 17.48 9.58
N GLY B 199 -32.87 16.58 10.41
CA GLY B 199 -31.70 15.81 10.04
C GLY B 199 -30.42 16.21 10.74
N TYR B 200 -30.50 16.99 11.80
CA TYR B 200 -29.33 17.38 12.58
C TYR B 200 -29.28 16.54 13.85
N SER B 201 -28.11 15.96 14.13
CA SER B 201 -27.94 15.06 15.25
C SER B 201 -26.96 15.67 16.24
N PHE B 202 -27.46 16.04 17.41
CA PHE B 202 -26.64 16.55 18.50
C PHE B 202 -26.77 15.59 19.68
N VAL B 203 -25.66 15.01 20.10
CA VAL B 203 -25.69 13.94 21.09
C VAL B 203 -24.79 14.26 22.27
N THR B 204 -23.53 14.58 22.00
CA THR B 204 -22.55 14.73 23.07
C THR B 204 -22.88 15.92 23.96
N THR B 205 -22.38 15.88 25.19
CA THR B 205 -22.59 16.98 26.11
C THR B 205 -22.07 18.30 25.54
N ALA B 206 -20.99 18.23 24.76
CA ALA B 206 -20.48 19.44 24.12
C ALA B 206 -21.48 20.00 23.12
N GLU B 207 -22.16 19.13 22.38
CA GLU B 207 -23.13 19.60 21.40
C GLU B 207 -24.39 20.13 22.07
N ARG B 208 -24.66 19.71 23.31
CA ARG B 208 -25.78 20.29 24.03
C ARG B 208 -25.55 21.77 24.27
N GLU B 209 -24.30 22.21 24.41
CA GLU B 209 -24.02 23.63 24.51
C GLU B 209 -24.29 24.35 23.19
N ILE B 210 -23.99 23.73 22.05
CA ILE B 210 -24.32 24.33 20.76
C ILE B 210 -25.83 24.49 20.64
N VAL B 211 -26.58 23.46 21.04
CA VAL B 211 -28.04 23.55 20.98
C VAL B 211 -28.55 24.62 21.94
N ARG B 212 -27.91 24.76 23.10
CA ARG B 212 -28.28 25.83 24.02
C ARG B 212 -28.07 27.19 23.38
N ASP B 213 -26.96 27.37 22.68
CA ASP B 213 -26.72 28.63 21.98
C ASP B 213 -27.77 28.87 20.90
N ILE B 214 -28.12 27.82 20.15
CA ILE B 214 -29.16 27.95 19.13
C ILE B 214 -30.46 28.41 19.77
N LYS B 215 -30.82 27.80 20.91
CA LYS B 215 -32.02 28.20 21.62
C LYS B 215 -31.96 29.66 22.05
N GLU B 216 -30.82 30.07 22.61
CA GLU B 216 -30.70 31.43 23.11
C GLU B 216 -30.77 32.45 21.98
N LYS B 217 -30.39 32.06 20.78
CA LYS B 217 -30.33 33.04 19.69
C LYS B 217 -31.57 33.06 18.81
N LEU B 218 -32.17 31.91 18.51
CA LEU B 218 -33.16 31.82 17.44
C LEU B 218 -34.57 31.46 17.91
N CYS B 219 -34.82 31.34 19.20
CA CYS B 219 -36.13 30.90 19.67
C CYS B 219 -36.96 32.07 20.16
N TYR B 220 -38.27 31.95 19.98
CA TYR B 220 -39.22 32.97 20.43
C TYR B 220 -40.55 32.30 20.69
N VAL B 221 -41.40 32.98 21.45
CA VAL B 221 -42.71 32.47 21.84
C VAL B 221 -43.75 33.06 20.91
N ALA B 222 -44.58 32.20 20.31
CA ALA B 222 -45.62 32.66 19.41
C ALA B 222 -46.84 33.11 20.20
N LEU B 223 -47.44 34.23 19.79
CA LEU B 223 -48.64 34.71 20.45
C LEU B 223 -49.80 33.74 20.31
N ASP B 224 -49.96 33.15 19.12
CA ASP B 224 -50.98 32.14 18.89
C ASP B 224 -50.29 30.95 18.21
N PHE B 225 -50.22 29.83 18.92
CA PHE B 225 -49.37 28.72 18.47
C PHE B 225 -49.87 28.13 17.16
N GLU B 226 -51.17 27.84 17.07
CA GLU B 226 -51.69 27.18 15.88
C GLU B 226 -51.55 28.07 14.65
N ASN B 227 -51.84 29.36 14.78
CA ASN B 227 -51.67 30.27 13.64
C ASN B 227 -50.21 30.33 13.21
N GLU B 228 -49.30 30.36 14.17
CA GLU B 228 -47.88 30.40 13.82
C GLU B 228 -47.47 29.11 13.12
N MET B 229 -47.97 27.97 13.56
CA MET B 229 -47.66 26.71 12.88
C MET B 229 -48.19 26.73 11.46
N ALA B 230 -49.40 27.23 11.26
CA ALA B 230 -49.96 27.32 9.91
C ALA B 230 -49.12 28.25 9.04
N THR B 231 -48.70 29.39 9.58
CA THR B 231 -47.87 30.31 8.82
C THR B 231 -46.54 29.66 8.45
N ALA B 232 -45.93 28.94 9.39
CA ALA B 232 -44.66 28.29 9.09
C ALA B 232 -44.82 27.21 8.02
N ALA B 233 -45.92 26.46 8.06
CA ALA B 233 -46.12 25.39 7.10
C ALA B 233 -46.44 25.92 5.70
N SER B 234 -46.76 27.21 5.55
CA SER B 234 -47.13 27.76 4.26
C SER B 234 -46.11 28.72 3.68
N SER B 235 -45.24 29.31 4.50
CA SER B 235 -44.26 30.28 4.01
C SER B 235 -42.93 30.02 4.70
N SER B 236 -41.86 30.43 4.03
CA SER B 236 -40.51 30.26 4.56
C SER B 236 -39.99 31.49 5.29
N SER B 237 -40.84 32.50 5.51
CA SER B 237 -40.40 33.74 6.13
C SER B 237 -39.95 33.57 7.56
N LEU B 238 -40.35 32.47 8.22
CA LEU B 238 -40.01 32.26 9.61
C LEU B 238 -38.74 31.45 9.80
N GLU B 239 -38.04 31.10 8.73
CA GLU B 239 -36.86 30.26 8.83
C GLU B 239 -35.60 31.11 8.99
N LYS B 240 -34.68 30.63 9.81
CA LYS B 240 -33.41 31.30 10.04
C LYS B 240 -32.29 30.29 9.88
N SER B 241 -31.06 30.81 9.77
CA SER B 241 -29.89 29.98 9.59
C SER B 241 -28.90 30.22 10.72
N TYR B 242 -28.20 29.16 11.10
CA TYR B 242 -27.20 29.22 12.17
C TYR B 242 -25.98 28.45 11.72
N GLU B 243 -24.80 28.97 12.05
CA GLU B 243 -23.54 28.39 11.61
C GLU B 243 -22.87 27.69 12.78
N LEU B 244 -22.61 26.39 12.63
CA LEU B 244 -22.02 25.60 13.68
C LEU B 244 -20.53 25.93 13.81
N PRO B 245 -19.90 25.50 14.90
CA PRO B 245 -18.48 25.85 15.10
C PRO B 245 -17.57 25.40 13.96
N ASP B 246 -17.93 24.32 13.25
CA ASP B 246 -17.11 23.81 12.17
C ASP B 246 -17.54 24.35 10.81
N GLY B 247 -18.34 25.41 10.79
CA GLY B 247 -18.60 26.14 9.58
C GLY B 247 -19.78 25.67 8.76
N GLN B 248 -20.39 24.54 9.10
CA GLN B 248 -21.55 24.09 8.38
C GLN B 248 -22.81 24.72 8.94
N VAL B 249 -23.72 25.10 8.04
CA VAL B 249 -24.86 25.96 8.36
C VAL B 249 -26.11 25.11 8.39
N ILE B 250 -26.91 25.28 9.45
CA ILE B 250 -28.18 24.57 9.59
C ILE B 250 -29.32 25.57 9.45
N THR B 251 -30.47 25.08 9.00
CA THR B 251 -31.67 25.89 8.84
C THR B 251 -32.75 25.37 9.79
N ILE B 252 -33.33 26.29 10.56
CA ILE B 252 -34.31 25.96 11.58
C ILE B 252 -35.59 26.71 11.30
N GLY B 253 -36.71 26.01 11.29
CA GLY B 253 -37.98 26.60 10.87
C GLY B 253 -38.97 26.77 11.99
N ASN B 254 -40.00 25.91 12.04
CA ASN B 254 -41.01 26.03 13.09
C ASN B 254 -40.48 25.56 14.43
N GLU B 255 -39.28 24.95 14.47
CA GLU B 255 -38.68 24.62 15.74
C GLU B 255 -38.33 25.85 16.55
N ARG B 256 -38.34 27.03 15.93
CA ARG B 256 -38.01 28.25 16.65
C ARG B 256 -38.99 28.51 17.78
N PHE B 257 -40.29 28.32 17.52
CA PHE B 257 -41.32 28.60 18.51
C PHE B 257 -41.97 27.36 19.09
N ARG B 258 -41.68 26.17 18.56
CA ARG B 258 -42.19 24.96 19.19
C ARG B 258 -41.46 24.67 20.50
N CYS B 259 -40.16 24.96 20.56
CA CYS B 259 -39.41 24.68 21.78
C CYS B 259 -39.90 25.50 22.96
N PRO B 260 -40.00 26.83 22.88
CA PRO B 260 -40.55 27.58 24.02
C PRO B 260 -42.00 27.25 24.31
N GLU B 261 -42.74 26.72 23.33
CA GLU B 261 -44.14 26.39 23.56
C GLU B 261 -44.29 25.34 24.65
N THR B 262 -43.24 24.58 24.93
CA THR B 262 -43.30 23.58 25.98
C THR B 262 -43.61 24.20 27.33
N LEU B 263 -43.21 25.46 27.54
CA LEU B 263 -43.50 26.12 28.81
C LEU B 263 -45.00 26.26 29.04
N PHE B 264 -45.79 26.30 27.97
CA PHE B 264 -47.23 26.43 28.08
C PHE B 264 -47.96 25.12 27.84
N GLN B 265 -47.30 24.13 27.23
CA GLN B 265 -47.88 22.81 26.98
C GLN B 265 -46.86 21.75 27.41
N PRO B 266 -46.68 21.56 28.71
CA PRO B 266 -45.66 20.61 29.17
C PRO B 266 -45.87 19.20 28.65
N SER B 267 -47.04 18.89 28.09
CA SER B 267 -47.25 17.58 27.51
C SER B 267 -46.30 17.31 26.35
N PHE B 268 -45.69 18.36 25.79
CA PHE B 268 -44.71 18.17 24.72
C PHE B 268 -43.56 17.29 25.18
N ILE B 269 -43.19 17.36 26.45
CA ILE B 269 -42.11 16.57 27.00
C ILE B 269 -42.62 15.50 27.96
N GLY B 270 -43.90 15.14 27.86
CA GLY B 270 -44.44 14.05 28.64
C GLY B 270 -44.80 14.39 30.07
N MET B 271 -44.84 15.66 30.43
CA MET B 271 -45.20 16.04 31.79
C MET B 271 -46.70 16.28 31.89
N GLU B 272 -47.29 15.81 32.98
CA GLU B 272 -48.71 16.02 33.22
C GLU B 272 -49.00 17.41 33.78
N SER B 273 -47.97 18.16 34.16
CA SER B 273 -48.18 19.43 34.82
C SER B 273 -48.89 20.43 33.91
N ALA B 274 -49.30 21.55 34.48
CA ALA B 274 -49.91 22.62 33.71
C ALA B 274 -48.87 23.64 33.29
N GLY B 275 -49.22 24.44 32.29
CA GLY B 275 -48.31 25.45 31.79
C GLY B 275 -48.03 26.52 32.84
N ILE B 276 -47.08 27.39 32.50
CA ILE B 276 -46.69 28.44 33.44
C ILE B 276 -47.83 29.43 33.66
N HIS B 277 -48.62 29.71 32.63
CA HIS B 277 -49.77 30.58 32.80
C HIS B 277 -50.77 29.98 33.77
N GLU B 278 -51.10 28.70 33.59
CA GLU B 278 -52.02 28.04 34.50
C GLU B 278 -51.44 27.96 35.90
N THR B 279 -50.13 27.71 36.00
CA THR B 279 -49.51 27.62 37.33
C THR B 279 -49.61 28.95 38.06
N THR B 280 -49.31 30.06 37.38
CA THR B 280 -49.38 31.35 38.06
C THR B 280 -50.82 31.72 38.37
N TYR B 281 -51.76 31.39 37.50
CA TYR B 281 -53.16 31.67 37.78
C TYR B 281 -53.64 30.88 39.00
N ASN B 282 -53.26 29.60 39.07
CA ASN B 282 -53.62 28.79 40.23
C ASN B 282 -52.99 29.33 41.51
N SER B 283 -51.73 29.77 41.43
CA SER B 283 -51.10 30.36 42.59
C SER B 283 -51.85 31.60 43.05
N ILE B 284 -52.24 32.46 42.11
CA ILE B 284 -53.00 33.66 42.49
C ILE B 284 -54.31 33.26 43.14
N MET B 285 -55.02 32.29 42.56
CA MET B 285 -56.29 31.87 43.12
C MET B 285 -56.12 31.24 44.50
N LYS B 286 -54.95 30.69 44.80
CA LYS B 286 -54.71 30.13 46.14
C LYS B 286 -54.71 31.21 47.22
N CYS B 287 -54.53 32.47 46.85
CA CYS B 287 -54.43 33.54 47.85
C CYS B 287 -55.81 34.06 48.23
N ASP B 288 -55.83 34.92 49.24
CA ASP B 288 -57.09 35.46 49.73
C ASP B 288 -57.74 36.35 48.67
N ILE B 289 -59.07 36.40 48.69
CA ILE B 289 -59.81 37.10 47.66
C ILE B 289 -59.46 38.58 47.63
N ASP B 290 -59.12 39.16 48.79
CA ASP B 290 -58.80 40.57 48.85
C ASP B 290 -57.41 40.88 48.31
N ILE B 291 -56.61 39.86 48.01
CA ILE B 291 -55.25 40.08 47.56
C ILE B 291 -55.13 39.95 46.04
N ARG B 292 -56.06 39.25 45.41
CA ARG B 292 -55.87 38.84 44.02
C ARG B 292 -55.79 40.05 43.09
N LYS B 293 -56.54 41.12 43.39
CA LYS B 293 -56.54 42.27 42.49
C LYS B 293 -55.14 42.85 42.33
N ASP B 294 -54.41 43.00 43.45
CA ASP B 294 -53.06 43.51 43.37
C ASP B 294 -52.11 42.52 42.70
N LEU B 295 -52.25 41.23 42.97
CA LEU B 295 -51.36 40.25 42.37
C LEU B 295 -51.51 40.24 40.85
N TYR B 296 -52.73 40.37 40.35
CA TYR B 296 -52.91 40.43 38.89
C TYR B 296 -52.08 41.55 38.28
N ALA B 297 -51.95 42.67 38.99
CA ALA B 297 -51.33 43.86 38.43
C ALA B 297 -49.84 43.96 38.72
N ASN B 298 -49.25 42.98 39.39
CA ASN B 298 -47.84 43.03 39.75
C ASN B 298 -47.18 41.69 39.44
N ASN B 299 -47.46 41.18 38.24
CA ASN B 299 -46.96 39.87 37.82
C ASN B 299 -45.53 40.03 37.32
N VAL B 300 -44.58 39.85 38.22
CA VAL B 300 -43.17 40.05 37.92
C VAL B 300 -42.59 38.80 37.29
N MET B 301 -41.63 38.97 36.40
CA MET B 301 -40.92 37.87 35.76
C MET B 301 -39.43 38.04 35.94
N SER B 302 -38.73 36.93 36.21
CA SER B 302 -37.28 36.96 36.34
C SER B 302 -36.72 35.62 35.87
N GLY B 303 -35.42 35.60 35.67
CA GLY B 303 -34.74 34.39 35.23
C GLY B 303 -34.47 34.41 33.74
N GLY B 304 -33.46 33.63 33.34
CA GLY B 304 -33.08 33.60 31.95
C GLY B 304 -34.16 33.05 31.04
N THR B 305 -34.88 32.03 31.49
CA THR B 305 -35.88 31.38 30.64
C THR B 305 -37.03 32.32 30.26
N THR B 306 -37.20 33.43 30.98
CA THR B 306 -38.21 34.41 30.62
C THR B 306 -37.68 35.46 29.64
N MET B 307 -36.56 35.20 28.99
CA MET B 307 -35.96 36.16 28.08
C MET B 307 -36.40 35.96 26.63
N TYR B 308 -37.24 34.96 26.36
CA TYR B 308 -37.71 34.77 25.01
C TYR B 308 -38.53 35.96 24.56
N PRO B 309 -38.30 36.50 23.36
CA PRO B 309 -39.22 37.52 22.84
C PRO B 309 -40.62 36.96 22.70
N GLY B 310 -41.61 37.79 23.05
CA GLY B 310 -43.00 37.39 23.01
C GLY B 310 -43.50 36.66 24.24
N ILE B 311 -42.62 36.40 25.21
CA ILE B 311 -43.05 35.67 26.41
C ILE B 311 -44.04 36.51 27.20
N ALA B 312 -43.77 37.80 27.37
CA ALA B 312 -44.65 38.65 28.16
C ALA B 312 -46.02 38.79 27.52
N ASP B 313 -46.06 38.97 26.20
CA ASP B 313 -47.34 39.09 25.52
C ASP B 313 -48.17 37.82 25.65
N ARG B 314 -47.52 36.66 25.45
CA ARG B 314 -48.23 35.41 25.58
C ARG B 314 -48.74 35.21 27.00
N MET B 315 -47.93 35.53 27.99
CA MET B 315 -48.35 35.39 29.38
C MET B 315 -49.55 36.29 29.67
N GLN B 316 -49.49 37.55 29.22
CA GLN B 316 -50.61 38.46 29.44
C GLN B 316 -51.87 37.94 28.77
N LYS B 317 -51.76 37.49 27.53
CA LYS B 317 -52.93 36.97 26.81
C LYS B 317 -53.54 35.79 27.54
N GLU B 318 -52.70 34.84 27.98
CA GLU B 318 -53.21 33.65 28.64
C GLU B 318 -53.86 33.99 29.98
N ILE B 319 -53.21 34.84 30.77
CA ILE B 319 -53.79 35.19 32.07
C ILE B 319 -55.07 35.97 31.90
N THR B 320 -55.14 36.84 30.88
CA THR B 320 -56.40 37.51 30.58
C THR B 320 -57.48 36.50 30.23
N ALA B 321 -57.14 35.47 29.45
CA ALA B 321 -58.10 34.42 29.14
C ALA B 321 -58.56 33.69 30.39
N LEU B 322 -57.69 33.48 31.37
CA LEU B 322 -58.06 32.76 32.58
C LEU B 322 -58.73 33.65 33.61
N ALA B 323 -58.17 34.84 33.87
CA ALA B 323 -58.70 35.70 34.92
C ALA B 323 -60.02 36.32 34.48
N PRO B 324 -60.85 36.73 35.44
CA PRO B 324 -62.14 37.35 35.08
C PRO B 324 -61.93 38.71 34.44
N SER B 325 -62.93 39.14 33.68
CA SER B 325 -62.90 40.45 33.08
C SER B 325 -62.94 41.53 34.16
N THR B 326 -62.60 42.75 33.78
CA THR B 326 -62.56 43.87 34.71
C THR B 326 -61.36 43.78 35.64
N MET B 327 -60.52 42.77 35.46
CA MET B 327 -59.26 42.70 36.18
C MET B 327 -58.13 43.17 35.27
N LYS B 328 -57.28 44.05 35.79
CA LYS B 328 -56.18 44.61 35.03
C LYS B 328 -54.95 43.75 35.28
N ILE B 329 -54.40 43.19 34.22
CA ILE B 329 -53.28 42.24 34.30
C ILE B 329 -52.05 42.91 33.70
N LYS B 330 -50.97 42.93 34.47
CA LYS B 330 -49.69 43.47 34.03
C LYS B 330 -48.64 42.38 34.15
N ILE B 331 -47.82 42.24 33.11
CA ILE B 331 -46.66 41.36 33.14
C ILE B 331 -45.43 42.25 33.18
N ILE B 332 -44.86 42.44 34.36
CA ILE B 332 -43.70 43.30 34.55
C ILE B 332 -42.46 42.50 34.16
N ALA B 333 -41.83 42.88 33.05
CA ALA B 333 -40.66 42.20 32.51
C ALA B 333 -39.54 43.22 32.35
N PRO B 334 -38.73 43.44 33.38
CA PRO B 334 -37.62 44.39 33.26
C PRO B 334 -36.68 43.98 32.14
N PRO B 335 -35.83 44.89 31.66
CA PRO B 335 -34.85 44.50 30.64
C PRO B 335 -33.70 43.68 31.19
N GLU B 336 -33.47 43.72 32.50
CA GLU B 336 -32.38 42.98 33.13
C GLU B 336 -32.87 41.78 33.93
N ARG B 337 -33.87 41.05 33.43
CA ARG B 337 -34.43 39.93 34.17
C ARG B 337 -33.37 38.89 34.47
N LYS B 338 -32.36 38.75 33.62
CA LYS B 338 -31.34 37.73 33.84
C LYS B 338 -30.72 37.83 35.23
N TYR B 339 -30.56 39.05 35.75
CA TYR B 339 -29.87 39.27 36.99
C TYR B 339 -30.76 39.86 38.08
N SER B 340 -32.08 39.69 37.98
CA SER B 340 -32.95 40.24 39.00
C SER B 340 -32.66 39.62 40.37
N VAL B 341 -32.42 38.31 40.40
CA VAL B 341 -32.16 37.65 41.67
C VAL B 341 -30.89 38.20 42.30
N TRP B 342 -29.81 38.29 41.51
CA TRP B 342 -28.56 38.79 42.07
C TRP B 342 -28.66 40.26 42.44
N ILE B 343 -29.35 41.05 41.62
CA ILE B 343 -29.52 42.46 41.93
C ILE B 343 -30.23 42.62 43.27
N GLY B 344 -31.31 41.87 43.46
CA GLY B 344 -32.02 41.93 44.72
C GLY B 344 -31.16 41.49 45.88
N GLY B 345 -30.39 40.42 45.69
CA GLY B 345 -29.48 39.99 46.74
C GLY B 345 -28.50 41.08 47.13
N SER B 346 -27.96 41.79 46.13
CA SER B 346 -27.07 42.90 46.42
C SER B 346 -27.78 44.01 47.17
N ILE B 347 -29.02 44.32 46.78
CA ILE B 347 -29.78 45.34 47.50
C ILE B 347 -30.04 44.88 48.93
N LEU B 348 -30.48 43.63 49.11
CA LEU B 348 -30.79 43.13 50.44
C LEU B 348 -29.54 43.10 51.32
N ALA B 349 -28.41 42.64 50.76
CA ALA B 349 -27.20 42.50 51.56
C ALA B 349 -26.68 43.84 52.05
N SER B 350 -27.02 44.94 51.39
CA SER B 350 -26.50 46.25 51.73
C SER B 350 -27.43 47.04 52.64
N LEU B 351 -28.58 46.48 53.03
CA LEU B 351 -29.46 47.18 53.95
C LEU B 351 -28.93 47.09 55.37
N SER B 352 -29.14 48.15 56.15
CA SER B 352 -28.73 48.14 57.54
C SER B 352 -29.62 47.25 58.39
N THR B 353 -30.92 47.19 58.08
CA THR B 353 -31.83 46.37 58.86
C THR B 353 -31.54 44.88 58.68
N PHE B 354 -30.86 44.52 57.59
CA PHE B 354 -30.58 43.11 57.34
C PHE B 354 -29.35 42.61 58.09
N GLN B 355 -28.53 43.50 58.63
CA GLN B 355 -27.27 43.08 59.23
C GLN B 355 -27.46 42.20 60.46
N GLN B 356 -28.67 42.13 61.01
CA GLN B 356 -28.94 41.25 62.14
C GLN B 356 -29.39 39.85 61.69
N MET B 357 -29.63 39.65 60.40
CA MET B 357 -30.13 38.36 59.91
C MET B 357 -29.02 37.36 59.61
N TRP B 358 -27.76 37.80 59.56
CA TRP B 358 -26.67 36.90 59.21
C TRP B 358 -26.57 35.77 60.22
N ILE B 359 -26.28 34.56 59.72
CA ILE B 359 -25.91 33.45 60.59
C ILE B 359 -24.40 33.51 60.80
N THR B 360 -23.98 33.86 62.01
CA THR B 360 -22.56 33.98 62.31
C THR B 360 -21.97 32.61 62.62
N LYS B 361 -20.65 32.53 62.51
CA LYS B 361 -19.95 31.25 62.73
C LYS B 361 -20.23 30.71 64.12
N GLN B 362 -20.29 31.59 65.12
CA GLN B 362 -20.54 31.15 66.48
C GLN B 362 -21.94 30.55 66.62
N GLU B 363 -22.94 31.15 65.98
CA GLU B 363 -24.28 30.57 66.02
C GLU B 363 -24.28 29.19 65.38
N TYR B 364 -23.59 29.03 64.26
CA TYR B 364 -23.52 27.72 63.62
C TYR B 364 -22.87 26.70 64.55
N ASP B 365 -21.78 27.10 65.21
CA ASP B 365 -21.09 26.18 66.11
C ASP B 365 -21.98 25.78 67.27
N GLU B 366 -22.69 26.74 67.86
CA GLU B 366 -23.45 26.45 69.07
C GLU B 366 -24.75 25.71 68.76
N ALA B 367 -25.41 26.01 67.65
CA ALA B 367 -26.72 25.44 67.36
C ALA B 367 -26.68 24.33 66.33
N GLY B 368 -25.61 24.22 65.55
CA GLY B 368 -25.50 23.18 64.55
C GLY B 368 -26.09 23.59 63.22
N PRO B 369 -26.03 22.69 62.24
CA PRO B 369 -26.50 23.03 60.89
C PRO B 369 -27.97 23.40 60.83
N SER B 370 -28.74 22.96 61.83
CA SER B 370 -30.18 23.24 61.84
C SER B 370 -30.49 24.72 61.98
N ILE B 371 -29.52 25.55 62.34
CA ILE B 371 -29.77 26.98 62.51
C ILE B 371 -30.23 27.60 61.20
N VAL B 372 -29.84 27.02 60.06
CA VAL B 372 -30.12 27.63 58.78
C VAL B 372 -31.60 27.65 58.42
N HIS B 373 -32.41 26.86 59.10
CA HIS B 373 -33.85 26.83 58.84
C HIS B 373 -34.62 27.88 59.63
N ARG B 374 -33.94 28.69 60.42
CA ARG B 374 -34.58 29.78 61.16
C ARG B 374 -35.48 30.60 60.26
N THR C 7 23.59 10.68 30.93
CA THR C 7 24.21 10.74 29.58
C THR C 7 23.19 11.14 28.52
N THR C 8 23.68 11.62 27.39
CA THR C 8 22.79 12.00 26.29
C THR C 8 22.09 10.78 25.74
N ALA C 9 20.81 10.91 25.41
CA ALA C 9 20.03 9.80 24.88
C ALA C 9 20.25 9.67 23.38
N LEU C 10 19.89 8.49 22.86
CA LEU C 10 19.98 8.21 21.44
C LEU C 10 18.59 8.22 20.82
N VAL C 11 18.46 8.93 19.70
CA VAL C 11 17.21 8.99 18.96
C VAL C 11 17.44 8.30 17.62
N CYS C 12 16.68 7.24 17.35
CA CYS C 12 16.84 6.44 16.14
C CYS C 12 15.49 6.31 15.47
N ASP C 13 15.25 7.12 14.44
CA ASP C 13 14.01 7.06 13.68
C ASP C 13 14.16 5.98 12.62
N ASN C 14 13.76 4.77 12.97
CA ASN C 14 13.88 3.63 12.06
C ASN C 14 12.78 3.66 11.02
N GLY C 15 12.93 4.52 10.02
CA GLY C 15 11.98 4.53 8.93
C GLY C 15 12.12 3.29 8.06
N SER C 16 11.15 3.10 7.18
CA SER C 16 11.16 1.93 6.30
C SER C 16 12.06 2.14 5.08
N GLY C 17 12.49 3.36 4.81
CA GLY C 17 13.36 3.63 3.69
C GLY C 17 14.73 4.15 4.07
N LEU C 18 14.81 4.90 5.17
CA LEU C 18 16.05 5.48 5.64
C LEU C 18 16.17 5.29 7.14
N VAL C 19 17.40 5.14 7.62
CA VAL C 19 17.65 5.18 9.06
C VAL C 19 18.22 6.55 9.41
N LYS C 20 17.63 7.19 10.41
CA LYS C 20 18.06 8.51 10.86
C LYS C 20 18.33 8.43 12.36
N ALA C 21 19.61 8.45 12.73
CA ALA C 21 20.01 8.28 14.11
C ALA C 21 20.88 9.46 14.54
N GLY C 22 20.94 9.69 15.84
CA GLY C 22 21.69 10.80 16.36
C GLY C 22 21.59 10.85 17.87
N PHE C 23 21.89 12.01 18.43
CA PHE C 23 21.84 12.23 19.87
C PHE C 23 20.80 13.28 20.21
N ALA C 24 20.11 13.08 21.32
CA ALA C 24 19.11 14.05 21.77
C ALA C 24 19.76 15.40 22.01
N GLY C 25 19.07 16.45 21.57
CA GLY C 25 19.55 17.81 21.69
C GLY C 25 20.13 18.39 20.42
N ASP C 26 20.64 17.55 19.52
CA ASP C 26 21.16 18.04 18.26
C ASP C 26 20.02 18.48 17.35
N ASP C 27 20.35 19.37 16.41
CA ASP C 27 19.35 19.91 15.49
C ASP C 27 19.14 19.06 14.26
N ALA C 28 20.01 18.08 13.99
CA ALA C 28 19.88 17.22 12.83
C ALA C 28 20.53 15.88 13.14
N PRO C 29 20.09 14.80 12.49
CA PRO C 29 20.68 13.50 12.78
C PRO C 29 22.10 13.38 12.27
N ARG C 30 22.94 12.70 13.05
CA ARG C 30 24.32 12.48 12.63
C ARG C 30 24.40 11.48 11.48
N ALA C 31 23.68 10.36 11.61
CA ALA C 31 23.76 9.27 10.64
C ALA C 31 22.45 9.20 9.86
N VAL C 32 22.55 9.23 8.53
CA VAL C 32 21.40 9.12 7.65
C VAL C 32 21.83 8.25 6.47
N PHE C 33 21.35 7.00 6.43
CA PHE C 33 21.72 6.08 5.37
C PHE C 33 20.52 5.20 5.06
N PRO C 34 20.43 4.69 3.84
CA PRO C 34 19.27 3.86 3.48
C PRO C 34 19.22 2.57 4.28
N SER C 35 18.00 2.14 4.60
CA SER C 35 17.78 0.92 5.37
C SER C 35 17.86 -0.28 4.42
N ILE C 36 19.09 -0.61 4.04
CA ILE C 36 19.37 -1.54 2.97
C ILE C 36 20.38 -2.57 3.44
N VAL C 37 20.19 -3.82 3.04
CA VAL C 37 21.17 -4.88 3.23
C VAL C 37 21.33 -5.62 1.92
N GLY C 38 22.58 -5.77 1.48
CA GLY C 38 22.85 -6.43 0.21
C GLY C 38 23.78 -7.62 0.33
N ARG C 39 23.42 -8.72 -0.32
CA ARG C 39 24.24 -9.91 -0.37
C ARG C 39 24.83 -10.08 -1.76
N PRO C 40 26.10 -10.48 -1.89
CA PRO C 40 26.64 -10.77 -3.21
C PRO C 40 25.85 -11.87 -3.90
N ARG C 41 25.63 -11.72 -5.21
CA ARG C 41 24.85 -12.68 -5.98
C ARG C 41 25.68 -13.43 -7.01
N HIS C 42 26.87 -12.96 -7.34
CA HIS C 42 27.81 -13.72 -8.15
C HIS C 42 28.82 -14.40 -7.25
N GLN C 43 29.73 -15.16 -7.86
CA GLN C 43 30.74 -15.89 -7.10
C GLN C 43 32.10 -15.23 -7.26
N GLY C 44 32.74 -14.96 -6.13
CA GLY C 44 34.05 -14.34 -6.17
C GLY C 44 35.08 -15.25 -6.81
N VAL C 45 36.12 -14.63 -7.38
CA VAL C 45 37.18 -15.37 -8.05
C VAL C 45 38.54 -14.91 -7.56
N MET C 46 38.58 -13.79 -6.86
CA MET C 46 39.83 -13.23 -6.37
C MET C 46 39.95 -13.52 -4.88
N VAL C 47 41.09 -14.09 -4.48
CA VAL C 47 41.27 -14.61 -3.14
C VAL C 47 41.87 -13.60 -2.17
N GLY C 48 42.59 -12.60 -2.67
CA GLY C 48 43.30 -11.69 -1.80
C GLY C 48 42.48 -10.53 -1.26
N MET C 49 41.19 -10.50 -1.55
CA MET C 49 40.34 -9.40 -1.12
C MET C 49 39.75 -9.69 0.26
N GLY C 50 39.24 -8.63 0.89
CA GLY C 50 38.55 -8.76 2.16
C GLY C 50 37.06 -8.84 1.98
N GLN C 51 36.63 -9.59 0.96
CA GLN C 51 35.22 -9.66 0.62
C GLN C 51 34.42 -10.24 1.79
N LYS C 52 33.25 -9.64 2.03
CA LYS C 52 32.39 -10.04 3.14
C LYS C 52 31.01 -10.39 2.58
N ASP C 53 30.24 -11.14 3.39
CA ASP C 53 29.01 -11.73 2.90
C ASP C 53 27.82 -10.78 2.91
N SER C 54 27.94 -9.60 3.51
CA SER C 54 26.79 -8.69 3.57
C SER C 54 27.28 -7.26 3.72
N TYR C 55 26.55 -6.34 3.09
CA TYR C 55 26.83 -4.92 3.15
C TYR C 55 25.57 -4.19 3.59
N VAL C 56 25.75 -3.09 4.30
CA VAL C 56 24.65 -2.36 4.92
C VAL C 56 24.79 -0.88 4.63
N GLY C 57 23.67 -0.24 4.31
CA GLY C 57 23.66 1.21 4.23
C GLY C 57 24.35 1.73 2.98
N ASP C 58 25.22 2.73 3.17
CA ASP C 58 25.85 3.40 2.03
C ASP C 58 26.74 2.45 1.26
N GLU C 59 27.49 1.59 1.96
CA GLU C 59 28.38 0.67 1.26
C GLU C 59 27.61 -0.27 0.34
N ALA C 60 26.40 -0.64 0.73
CA ALA C 60 25.56 -1.46 -0.14
C ALA C 60 25.10 -0.67 -1.36
N GLN C 61 24.86 0.63 -1.21
CA GLN C 61 24.52 1.47 -2.35
C GLN C 61 25.68 1.60 -3.32
N SER C 62 26.90 1.72 -2.79
CA SER C 62 28.06 1.88 -3.66
C SER C 62 28.34 0.61 -4.45
N LYS C 63 28.12 -0.55 -3.85
CA LYS C 63 28.39 -1.83 -4.48
C LYS C 63 27.14 -2.46 -5.09
N ARG C 64 26.08 -1.68 -5.30
CA ARG C 64 24.78 -2.27 -5.63
C ARG C 64 24.83 -3.09 -6.91
N GLY C 65 25.83 -2.85 -7.76
CA GLY C 65 25.90 -3.56 -9.02
C GLY C 65 25.98 -5.07 -8.86
N ILE C 66 26.70 -5.53 -7.83
CA ILE C 66 26.94 -6.96 -7.63
C ILE C 66 26.12 -7.54 -6.49
N LEU C 67 25.18 -6.80 -5.94
CA LEU C 67 24.42 -7.22 -4.77
C LEU C 67 22.94 -7.27 -5.08
N THR C 68 22.22 -8.12 -4.35
CA THR C 68 20.76 -8.09 -4.33
C THR C 68 20.33 -7.29 -3.11
N LEU C 69 19.85 -6.08 -3.32
CA LEU C 69 19.41 -5.23 -2.24
C LEU C 69 18.01 -5.62 -1.79
N LYS C 70 17.80 -5.62 -0.48
CA LYS C 70 16.47 -5.90 0.08
C LYS C 70 16.29 -5.14 1.38
N TYR C 71 15.13 -4.49 1.50
CA TYR C 71 14.76 -3.70 2.66
C TYR C 71 14.24 -4.60 3.76
N PRO C 72 14.76 -4.54 4.99
CA PRO C 72 14.20 -5.36 6.06
C PRO C 72 12.84 -4.88 6.54
N ILE C 73 12.48 -3.62 6.31
CA ILE C 73 11.21 -3.07 6.77
C ILE C 73 10.32 -2.82 5.55
N GLU C 74 9.09 -3.29 5.63
CA GLU C 74 8.11 -3.01 4.59
C GLU C 74 6.78 -2.59 5.22
N HIC C 75 6.30 -1.42 4.83
CA HIC C 75 5.06 -0.89 5.33
C HIC C 75 5.12 -0.74 6.84
O HIC C 75 4.20 -0.99 7.60
CB HIC C 75 3.83 -1.77 5.01
CG HIC C 75 3.57 -1.85 3.57
ND1 HIC C 75 3.51 -0.75 2.71
CD2 HIC C 75 3.37 -3.04 2.84
CE1 HIC C 75 3.26 -1.25 1.49
NE2 HIC C 75 3.17 -2.65 1.52
CZ HIC C 75 2.92 -3.52 0.42
H HIC C 75 6.73 -0.79 4.18
HA HIC C 75 4.90 0.12 4.87
HB2 HIC C 75 2.93 -1.32 5.52
HB3 HIC C 75 3.97 -2.80 5.43
HD2 HIC C 75 3.35 -4.07 3.16
HE1 HIC C 75 3.13 -0.67 0.57
HZ1 HIC C 75 3.54 -4.44 0.50
HZ2 HIC C 75 3.18 -2.99 -0.55
HZ3 HIC C 75 1.83 -3.79 0.40
N GLY C 76 6.28 -0.29 7.29
CA GLY C 76 6.50 0.00 8.69
C GLY C 76 6.60 -1.22 9.58
N ILE C 77 6.54 -2.41 8.98
CA ILE C 77 6.60 -3.67 9.71
C ILE C 77 7.92 -4.35 9.37
N ILE C 78 8.65 -4.76 10.40
CA ILE C 78 9.92 -5.45 10.20
C ILE C 78 9.62 -6.88 9.76
N THR C 79 10.12 -7.25 8.59
CA THR C 79 9.89 -8.59 8.05
C THR C 79 11.09 -9.51 8.18
N ASN C 80 12.30 -8.97 8.23
CA ASN C 80 13.51 -9.78 8.42
C ASN C 80 14.22 -9.25 9.65
N TRP C 81 14.36 -10.08 10.67
CA TRP C 81 14.94 -9.62 11.93
C TRP C 81 16.45 -9.74 11.96
N ASP C 82 17.03 -10.67 11.21
CA ASP C 82 18.49 -10.71 11.10
C ASP C 82 19.02 -9.48 10.36
N ASP C 83 18.36 -9.12 9.25
CA ASP C 83 18.75 -7.90 8.55
C ASP C 83 18.56 -6.68 9.44
N MET C 84 17.47 -6.63 10.20
CA MET C 84 17.24 -5.49 11.06
C MET C 84 18.29 -5.41 12.16
N GLU C 85 18.68 -6.55 12.71
CA GLU C 85 19.76 -6.56 13.69
C GLU C 85 21.05 -6.06 13.07
N LYS C 86 21.34 -6.47 11.84
CA LYS C 86 22.52 -5.96 11.15
C LYS C 86 22.45 -4.45 10.99
N ILE C 87 21.29 -3.93 10.61
CA ILE C 87 21.13 -2.49 10.43
C ILE C 87 21.38 -1.76 11.74
N TRP C 88 20.80 -2.28 12.83
CA TRP C 88 20.97 -1.63 14.13
C TRP C 88 22.41 -1.68 14.59
N HIS C 89 23.07 -2.81 14.40
CA HIS C 89 24.49 -2.91 14.74
C HIS C 89 25.30 -1.89 13.95
N HIS C 90 25.04 -1.78 12.65
CA HIS C 90 25.72 -0.81 11.82
C HIS C 90 25.53 0.60 12.38
N THR C 91 24.28 1.01 12.59
CA THR C 91 24.02 2.38 13.00
C THR C 91 24.65 2.67 14.36
N PHE C 92 24.59 1.73 15.29
CA PHE C 92 25.17 1.99 16.61
C PHE C 92 26.68 2.08 16.54
N TYR C 93 27.33 1.13 15.87
CA TYR C 93 28.78 1.04 15.99
C TYR C 93 29.50 1.80 14.89
N ASN C 94 29.19 1.52 13.63
CA ASN C 94 29.97 2.08 12.53
C ASN C 94 29.57 3.52 12.23
N GLU C 95 28.32 3.88 12.45
CA GLU C 95 27.84 5.22 12.11
C GLU C 95 27.94 6.19 13.27
N LEU C 96 27.35 5.84 14.42
CA LEU C 96 27.43 6.70 15.59
C LEU C 96 28.69 6.47 16.40
N ARG C 97 29.20 5.24 16.42
CA ARG C 97 30.40 4.90 17.19
C ARG C 97 30.17 5.16 18.68
N VAL C 98 29.17 4.48 19.21
CA VAL C 98 28.80 4.58 20.62
C VAL C 98 28.55 3.18 21.17
N ALA C 99 28.63 3.05 22.49
CA ALA C 99 28.27 1.81 23.15
C ALA C 99 26.79 1.89 23.54
N PRO C 100 25.92 1.06 22.98
CA PRO C 100 24.49 1.20 23.29
C PRO C 100 24.18 1.10 24.77
N GLU C 101 24.97 0.33 25.53
CA GLU C 101 24.68 0.14 26.94
C GLU C 101 24.85 1.42 27.76
N GLU C 102 25.44 2.47 27.18
CA GLU C 102 25.64 3.71 27.91
C GLU C 102 24.60 4.78 27.61
N HIS C 103 23.71 4.55 26.64
CA HIS C 103 22.76 5.57 26.21
C HIS C 103 21.35 4.99 26.17
N PRO C 104 20.36 5.68 26.73
CA PRO C 104 18.98 5.28 26.48
C PRO C 104 18.59 5.58 25.04
N THR C 105 17.81 4.68 24.45
CA THR C 105 17.48 4.74 23.03
C THR C 105 15.99 5.02 22.86
N LEU C 106 15.67 6.02 22.06
CA LEU C 106 14.30 6.35 21.71
C LEU C 106 14.03 5.89 20.28
N LEU C 107 13.09 4.98 20.12
CA LEU C 107 12.70 4.47 18.82
C LEU C 107 11.34 5.03 18.43
N THR C 108 10.91 4.70 17.21
CA THR C 108 9.65 5.19 16.68
C THR C 108 8.92 4.08 15.96
N GLU C 109 7.62 4.29 15.75
CA GLU C 109 6.80 3.33 15.03
C GLU C 109 5.58 4.05 14.47
N ALA C 110 4.97 3.44 13.46
CA ALA C 110 3.74 3.97 12.92
C ALA C 110 2.55 3.46 13.75
N PRO C 111 1.43 4.17 13.74
CA PRO C 111 0.25 3.70 14.47
C PRO C 111 -0.40 2.51 13.77
N LEU C 112 -1.18 1.77 14.54
CA LEU C 112 -1.90 0.60 14.06
C LEU C 112 -0.95 -0.49 13.56
N ASN C 113 0.24 -0.58 14.14
CA ASN C 113 1.17 -1.65 13.79
C ASN C 113 0.92 -2.88 14.64
N PRO C 114 1.39 -4.04 14.21
CA PRO C 114 1.24 -5.24 15.04
C PRO C 114 1.96 -5.09 16.37
N LYS C 115 1.39 -5.70 17.41
CA LYS C 115 2.01 -5.65 18.73
C LYS C 115 3.34 -6.39 18.73
N ALA C 116 3.40 -7.54 18.06
CA ALA C 116 4.63 -8.32 18.03
C ALA C 116 5.80 -7.50 17.53
N ASN C 117 5.55 -6.52 16.67
CA ASN C 117 6.65 -5.69 16.16
C ASN C 117 7.33 -4.95 17.31
N ARG C 118 6.54 -4.23 18.12
CA ARG C 118 7.12 -3.55 19.29
C ARG C 118 7.73 -4.54 20.26
N GLU C 119 7.06 -5.66 20.50
CA GLU C 119 7.59 -6.62 21.47
C GLU C 119 8.97 -7.12 21.06
N LYS C 120 9.13 -7.49 19.79
CA LYS C 120 10.41 -7.99 19.32
C LYS C 120 11.45 -6.87 19.26
N MET C 121 11.04 -5.66 18.91
CA MET C 121 11.98 -4.55 18.92
C MET C 121 12.53 -4.32 20.31
N THR C 122 11.66 -4.32 21.31
CA THR C 122 12.11 -4.14 22.70
C THR C 122 13.01 -5.29 23.13
N GLN C 123 12.64 -6.51 22.76
CA GLN C 123 13.45 -7.66 23.14
C GLN C 123 14.85 -7.56 22.55
N ILE C 124 14.94 -7.20 21.28
CA ILE C 124 16.26 -7.05 20.65
C ILE C 124 17.04 -5.94 21.33
N MET C 125 16.39 -4.81 21.60
CA MET C 125 17.11 -3.68 22.17
C MET C 125 17.65 -4.00 23.55
N PHE C 126 16.89 -4.74 24.37
CA PHE C 126 17.36 -5.01 25.73
C PHE C 126 18.30 -6.20 25.78
N GLU C 127 18.00 -7.27 25.05
CA GLU C 127 18.78 -8.50 25.17
C GLU C 127 20.07 -8.44 24.37
N THR C 128 20.01 -7.96 23.13
CA THR C 128 21.16 -7.99 22.23
C THR C 128 22.11 -6.82 22.45
N PHE C 129 21.59 -5.59 22.49
CA PHE C 129 22.42 -4.41 22.65
C PHE C 129 22.57 -3.96 24.08
N ASN C 130 21.84 -4.58 25.02
CA ASN C 130 21.97 -4.26 26.44
C ASN C 130 21.76 -2.77 26.70
N VAL C 131 20.80 -2.18 26.01
CA VAL C 131 20.51 -0.76 26.23
C VAL C 131 19.99 -0.57 27.64
N PRO C 132 20.36 0.51 28.35
CA PRO C 132 19.88 0.65 29.73
C PRO C 132 18.38 0.90 29.81
N ALA C 133 17.85 1.78 28.97
CA ALA C 133 16.43 2.06 28.93
C ALA C 133 16.06 2.46 27.51
N MET C 134 14.79 2.28 27.17
CA MET C 134 14.34 2.61 25.82
C MET C 134 12.88 3.03 25.87
N TYR C 135 12.44 3.65 24.79
CA TYR C 135 11.06 4.10 24.65
C TYR C 135 10.70 4.08 23.17
N VAL C 136 9.44 3.74 22.88
CA VAL C 136 8.95 3.65 21.51
C VAL C 136 7.83 4.66 21.38
N ALA C 137 8.00 5.65 20.52
CA ALA C 137 7.02 6.71 20.34
C ALA C 137 6.31 6.55 19.00
N ILE C 138 5.27 7.36 18.81
CA ILE C 138 4.53 7.37 17.56
C ILE C 138 5.04 8.52 16.71
N GLN C 139 5.29 8.24 15.42
CA GLN C 139 6.00 9.20 14.58
C GLN C 139 5.23 10.51 14.44
N ALA C 140 3.91 10.42 14.24
CA ALA C 140 3.12 11.63 14.04
C ALA C 140 3.16 12.54 15.27
N VAL C 141 3.18 11.96 16.47
CA VAL C 141 3.25 12.77 17.68
C VAL C 141 4.56 13.56 17.70
N LEU C 142 5.68 12.90 17.39
CA LEU C 142 6.96 13.60 17.38
C LEU C 142 6.97 14.67 16.30
N SER C 143 6.27 14.44 15.21
CA SER C 143 6.18 15.47 14.17
C SER C 143 5.61 16.77 14.73
N LEU C 144 4.70 16.69 15.70
CA LEU C 144 4.16 17.91 16.30
C LEU C 144 5.18 18.60 17.18
N TYR C 145 5.88 17.84 18.03
CA TYR C 145 6.97 18.43 18.81
C TYR C 145 7.91 19.19 17.90
N ALA C 146 8.27 18.60 16.76
CA ALA C 146 9.18 19.27 15.84
C ALA C 146 8.65 20.62 15.42
N SER C 147 7.32 20.76 15.35
CA SER C 147 6.71 22.02 14.94
C SER C 147 6.47 22.97 16.10
N GLY C 148 6.66 22.53 17.33
CA GLY C 148 6.46 23.38 18.49
C GLY C 148 5.03 23.49 18.98
N ARG C 149 4.05 23.36 18.09
CA ARG C 149 2.66 23.49 18.50
C ARG C 149 2.19 22.21 19.19
N THR C 150 0.98 22.27 19.74
CA THR C 150 0.38 21.13 20.43
C THR C 150 -0.98 20.73 19.87
N THR C 151 -1.52 21.46 18.90
CA THR C 151 -2.77 21.11 18.25
C THR C 151 -2.56 21.09 16.74
N GLY C 152 -3.02 20.02 16.10
CA GLY C 152 -2.91 19.90 14.66
C GLY C 152 -3.09 18.48 14.21
N ILE C 153 -3.37 18.29 12.93
CA ILE C 153 -3.54 16.97 12.33
C ILE C 153 -2.33 16.72 11.45
N VAL C 154 -1.55 15.70 11.79
CA VAL C 154 -0.27 15.43 11.16
C VAL C 154 -0.48 14.41 10.06
N LEU C 155 -0.01 14.74 8.85
CA LEU C 155 0.00 13.81 7.74
C LEU C 155 1.45 13.39 7.52
N ASP C 156 1.81 12.23 8.05
CA ASP C 156 3.17 11.70 7.93
C ASP C 156 3.19 10.67 6.81
N SER C 157 4.03 10.90 5.81
CA SER C 157 4.13 10.01 4.67
C SER C 157 5.60 9.72 4.40
N GLY C 158 6.02 8.50 4.70
CA GLY C 158 7.41 8.12 4.55
C GLY C 158 7.66 7.27 3.34
N ASP C 159 8.34 6.14 3.53
CA ASP C 159 8.64 5.25 2.42
C ASP C 159 7.64 4.11 2.34
N GLY C 160 7.11 3.68 3.48
CA GLY C 160 6.24 2.51 3.51
C GLY C 160 4.80 2.78 3.89
N VAL C 161 4.55 3.74 4.78
CA VAL C 161 3.23 3.91 5.36
C VAL C 161 2.90 5.40 5.48
N THR C 162 1.66 5.75 5.14
CA THR C 162 1.11 7.08 5.32
C THR C 162 0.01 7.02 6.36
N HIS C 163 -0.01 7.98 7.28
CA HIS C 163 -1.02 7.98 8.33
C HIS C 163 -1.36 9.39 8.75
N ASN C 164 -2.54 9.53 9.35
CA ASN C 164 -3.03 10.77 9.93
C ASN C 164 -3.26 10.57 11.42
N VAL C 165 -2.94 11.57 12.23
CA VAL C 165 -3.14 11.52 13.67
C VAL C 165 -3.63 12.89 14.12
N PRO C 166 -4.91 13.05 14.45
CA PRO C 166 -5.38 14.33 14.98
C PRO C 166 -5.05 14.47 16.46
N ILE C 167 -4.47 15.60 16.83
CA ILE C 167 -4.11 15.91 18.21
C ILE C 167 -4.64 17.29 18.54
N TYR C 168 -5.28 17.42 19.71
CA TYR C 168 -5.86 18.67 20.15
C TYR C 168 -5.50 18.93 21.59
N GLU C 169 -4.79 20.03 21.84
CA GLU C 169 -4.39 20.42 23.19
C GLU C 169 -3.60 19.33 23.88
N GLY C 170 -2.86 18.55 23.10
CA GLY C 170 -2.06 17.47 23.66
C GLY C 170 -2.81 16.19 23.90
N TYR C 171 -4.07 16.10 23.51
CA TYR C 171 -4.84 14.86 23.60
C TYR C 171 -5.01 14.26 22.22
N ALA C 172 -4.56 13.02 22.07
CA ALA C 172 -4.74 12.32 20.81
C ALA C 172 -6.15 11.75 20.71
N LEU C 173 -6.68 11.73 19.50
CA LEU C 173 -7.99 11.15 19.26
C LEU C 173 -7.79 9.85 18.50
N PRO C 174 -7.44 8.76 19.18
CA PRO C 174 -7.06 7.53 18.48
C PRO C 174 -8.16 6.96 17.59
N HIS C 175 -9.43 7.21 17.89
CA HIS C 175 -10.50 6.69 17.05
C HIS C 175 -10.52 7.36 15.68
N ALA C 176 -9.80 8.46 15.49
CA ALA C 176 -9.75 9.16 14.23
C ALA C 176 -8.47 8.92 13.45
N ILE C 177 -7.56 8.10 13.98
CA ILE C 177 -6.31 7.82 13.27
C ILE C 177 -6.60 7.04 12.00
N MET C 178 -6.01 7.47 10.90
CA MET C 178 -6.15 6.80 9.61
C MET C 178 -4.77 6.36 9.12
N ARG C 179 -4.74 5.33 8.29
CA ARG C 179 -3.50 4.77 7.80
C ARG C 179 -3.72 4.18 6.41
N LEU C 180 -2.78 4.45 5.52
CA LEU C 180 -2.74 3.85 4.19
C LEU C 180 -1.38 3.21 3.98
N ASP C 181 -1.39 2.02 3.37
CA ASP C 181 -0.15 1.37 2.97
C ASP C 181 0.22 1.79 1.55
N LEU C 182 0.35 3.10 1.37
CA LEU C 182 0.70 3.68 0.08
C LEU C 182 1.68 4.80 0.35
N ALA C 183 2.92 4.65 -0.13
CA ALA C 183 3.97 5.60 0.22
C ALA C 183 5.03 5.55 -0.87
N GLY C 184 6.21 6.10 -0.58
CA GLY C 184 7.22 6.26 -1.61
C GLY C 184 7.59 4.98 -2.32
N ARG C 185 7.55 3.85 -1.61
CA ARG C 185 7.87 2.57 -2.26
C ARG C 185 6.90 2.28 -3.39
N ASP C 186 5.61 2.46 -3.13
CA ASP C 186 4.61 2.19 -4.15
C ASP C 186 4.71 3.18 -5.31
N LEU C 187 5.05 4.44 -5.02
CA LEU C 187 5.27 5.39 -6.09
C LEU C 187 6.47 5.02 -6.93
N THR C 188 7.55 4.54 -6.31
CA THR C 188 8.69 4.06 -7.08
C THR C 188 8.31 2.89 -7.97
N ASP C 189 7.54 1.95 -7.44
CA ASP C 189 7.12 0.81 -8.25
C ASP C 189 6.26 1.27 -9.43
N TYR C 190 5.33 2.18 -9.18
CA TYR C 190 4.48 2.67 -10.25
C TYR C 190 5.29 3.41 -11.30
N LEU C 191 6.28 4.19 -10.88
CA LEU C 191 7.14 4.88 -11.84
C LEU C 191 7.92 3.88 -12.67
N MET C 192 8.42 2.82 -12.03
CA MET C 192 9.06 1.75 -12.80
C MET C 192 8.10 1.18 -13.84
N LYS C 193 6.84 0.99 -13.47
CA LYS C 193 5.87 0.42 -14.40
C LYS C 193 5.64 1.32 -15.60
N ILE C 194 5.45 2.63 -15.34
CA ILE C 194 5.05 3.52 -16.43
C ILE C 194 6.23 4.01 -17.25
N LEU C 195 7.45 3.87 -16.76
CA LEU C 195 8.60 4.22 -17.58
C LEU C 195 8.77 3.28 -18.75
N THR C 196 8.19 2.08 -18.68
CA THR C 196 8.27 1.15 -19.80
C THR C 196 7.52 1.68 -21.01
N GLU C 197 6.51 2.52 -20.82
CA GLU C 197 5.77 3.06 -21.95
C GLU C 197 6.69 3.81 -22.91
N ARG C 198 7.77 4.40 -22.41
CA ARG C 198 8.72 5.09 -23.24
C ARG C 198 9.88 4.21 -23.68
N GLY C 199 9.91 2.95 -23.27
CA GLY C 199 10.94 2.02 -23.69
C GLY C 199 12.03 1.78 -22.69
N TYR C 200 11.96 2.36 -21.49
CA TYR C 200 12.98 2.12 -20.48
C TYR C 200 12.55 1.00 -19.56
N SER C 201 13.42 0.02 -19.37
CA SER C 201 13.11 -1.17 -18.59
C SER C 201 14.03 -1.23 -17.38
N PHE C 202 13.44 -1.15 -16.18
CA PHE C 202 14.15 -1.31 -14.92
C PHE C 202 13.51 -2.47 -14.19
N VAL C 203 14.27 -3.56 -14.01
CA VAL C 203 13.69 -4.78 -13.46
C VAL C 203 14.46 -5.26 -12.23
N THR C 204 15.74 -4.93 -12.16
CA THR C 204 16.55 -5.42 -11.05
C THR C 204 16.35 -4.55 -9.82
N THR C 205 16.74 -5.09 -8.67
CA THR C 205 16.61 -4.34 -7.43
C THR C 205 17.57 -3.17 -7.38
N ALA C 206 18.72 -3.29 -8.06
CA ALA C 206 19.66 -2.16 -8.10
C ALA C 206 19.13 -1.04 -8.98
N GLU C 207 18.34 -1.36 -9.99
CA GLU C 207 17.73 -0.33 -10.83
C GLU C 207 16.54 0.33 -10.15
N ARG C 208 15.95 -0.32 -9.15
CA ARG C 208 14.92 0.35 -8.36
C ARG C 208 15.49 1.58 -7.66
N GLU C 209 16.75 1.52 -7.25
CA GLU C 209 17.40 2.69 -6.66
C GLU C 209 17.56 3.82 -7.68
N ILE C 210 17.92 3.47 -8.92
CA ILE C 210 18.01 4.47 -9.97
C ILE C 210 16.65 5.14 -10.19
N VAL C 211 15.59 4.33 -10.23
CA VAL C 211 14.26 4.89 -10.42
C VAL C 211 13.85 5.75 -9.23
N ARG C 212 14.26 5.36 -8.02
CA ARG C 212 13.97 6.18 -6.85
C ARG C 212 14.66 7.53 -6.96
N ASP C 213 15.91 7.55 -7.43
CA ASP C 213 16.60 8.81 -7.66
C ASP C 213 15.88 9.65 -8.71
N ILE C 214 15.43 9.03 -9.79
CA ILE C 214 14.69 9.75 -10.82
C ILE C 214 13.45 10.39 -10.21
N LYS C 215 12.72 9.63 -9.39
CA LYS C 215 11.54 10.16 -8.72
C LYS C 215 11.91 11.35 -7.85
N GLU C 216 12.94 11.19 -7.03
CA GLU C 216 13.31 12.25 -6.09
C GLU C 216 13.74 13.51 -6.82
N LYS C 217 14.28 13.39 -8.02
CA LYS C 217 14.85 14.55 -8.70
C LYS C 217 13.92 15.20 -9.72
N LEU C 218 12.98 14.46 -10.30
CA LEU C 218 12.21 14.97 -11.41
C LEU C 218 10.70 15.01 -11.21
N CYS C 219 10.17 14.34 -10.18
CA CYS C 219 8.73 14.27 -10.02
C CYS C 219 8.19 15.48 -9.26
N TYR C 220 6.95 15.84 -9.58
CA TYR C 220 6.27 16.96 -8.91
C TYR C 220 4.78 16.70 -8.98
N VAL C 221 4.03 17.43 -8.15
CA VAL C 221 2.59 17.25 -8.02
C VAL C 221 1.89 18.33 -8.84
N ALA C 222 0.93 17.92 -9.65
CA ALA C 222 0.19 18.85 -10.49
C ALA C 222 -0.93 19.52 -9.69
N LEU C 223 -1.10 20.82 -9.92
CA LEU C 223 -2.21 21.52 -9.28
C LEU C 223 -3.55 21.05 -9.84
N ASP C 224 -3.62 20.89 -11.17
CA ASP C 224 -4.81 20.36 -11.83
C ASP C 224 -4.35 19.26 -12.77
N PHE C 225 -4.69 18.01 -12.45
CA PHE C 225 -4.11 16.88 -13.16
C PHE C 225 -4.46 16.89 -14.64
N GLU C 226 -5.74 17.12 -14.97
CA GLU C 226 -6.15 17.07 -16.36
C GLU C 226 -5.55 18.21 -17.17
N ASN C 227 -5.41 19.40 -16.56
CA ASN C 227 -4.77 20.50 -17.27
C ASN C 227 -3.32 20.16 -17.61
N GLU C 228 -2.59 19.56 -16.69
CA GLU C 228 -1.22 19.14 -16.98
C GLU C 228 -1.19 18.05 -18.04
N MET C 229 -2.10 17.09 -17.97
CA MET C 229 -2.16 16.07 -19.00
C MET C 229 -2.36 16.70 -20.38
N ALA C 230 -3.22 17.71 -20.47
CA ALA C 230 -3.40 18.41 -21.74
C ALA C 230 -2.14 19.15 -22.13
N THR C 231 -1.48 19.81 -21.18
CA THR C 231 -0.26 20.56 -21.50
C THR C 231 0.84 19.62 -21.97
N ALA C 232 0.99 18.47 -21.31
CA ALA C 232 2.04 17.54 -21.71
C ALA C 232 1.83 17.05 -23.14
N ALA C 233 0.59 16.75 -23.52
CA ALA C 233 0.33 16.29 -24.88
C ALA C 233 0.48 17.41 -25.90
N SER C 234 0.45 18.67 -25.45
CA SER C 234 0.49 19.80 -26.37
C SER C 234 1.90 20.32 -26.61
N SER C 235 2.83 20.08 -25.70
CA SER C 235 4.17 20.64 -25.80
C SER C 235 5.16 19.75 -25.09
N SER C 236 6.44 19.91 -25.46
CA SER C 236 7.52 19.24 -24.76
C SER C 236 8.12 20.10 -23.65
N SER C 237 7.44 21.17 -23.26
CA SER C 237 7.96 22.06 -22.22
C SER C 237 8.11 21.33 -20.89
N LEU C 238 7.32 20.29 -20.66
CA LEU C 238 7.36 19.56 -19.41
C LEU C 238 8.43 18.47 -19.37
N GLU C 239 9.05 18.17 -20.50
CA GLU C 239 9.97 17.04 -20.56
C GLU C 239 11.33 17.40 -19.96
N LYS C 240 11.93 16.44 -19.26
CA LYS C 240 13.23 16.61 -18.65
C LYS C 240 14.07 15.38 -18.95
N SER C 241 15.39 15.55 -18.88
CA SER C 241 16.33 14.50 -19.21
C SER C 241 17.11 14.09 -17.97
N TYR C 242 17.38 12.80 -17.85
CA TYR C 242 18.13 12.25 -16.74
C TYR C 242 19.22 11.35 -17.29
N GLU C 243 20.40 11.39 -16.67
CA GLU C 243 21.57 10.65 -17.13
C GLU C 243 21.78 9.44 -16.22
N LEU C 244 21.77 8.25 -16.80
CA LEU C 244 21.90 7.03 -16.04
C LEU C 244 23.35 6.77 -15.67
N PRO C 245 23.60 5.84 -14.75
CA PRO C 245 24.98 5.59 -14.30
C PRO C 245 25.92 5.15 -15.40
N ASP C 246 25.42 4.65 -16.53
CA ASP C 246 26.26 4.21 -17.64
C ASP C 246 26.23 5.18 -18.82
N GLY C 247 25.84 6.43 -18.59
CA GLY C 247 25.92 7.44 -19.63
C GLY C 247 24.71 7.57 -20.52
N GLN C 248 23.75 6.67 -20.43
CA GLN C 248 22.51 6.83 -21.20
C GLN C 248 21.70 8.00 -20.66
N VAL C 249 21.02 8.69 -21.56
CA VAL C 249 20.16 9.81 -21.21
C VAL C 249 18.73 9.46 -21.59
N ILE C 250 17.82 9.55 -20.63
CA ILE C 250 16.42 9.18 -20.81
C ILE C 250 15.55 10.40 -20.56
N THR C 251 14.52 10.55 -21.39
CA THR C 251 13.59 11.68 -21.31
C THR C 251 12.25 11.19 -20.80
N ILE C 252 11.72 11.89 -19.80
CA ILE C 252 10.41 11.55 -19.23
C ILE C 252 9.56 12.81 -19.26
N GLY C 253 8.29 12.63 -19.65
CA GLY C 253 7.37 13.75 -19.78
C GLY C 253 6.30 13.74 -18.73
N ASN C 254 5.10 13.30 -19.08
CA ASN C 254 4.00 13.31 -18.12
C ASN C 254 4.21 12.31 -17.00
N GLU C 255 5.20 11.42 -17.11
CA GLU C 255 5.53 10.54 -15.99
C GLU C 255 6.00 11.34 -14.78
N ARG C 256 6.40 12.60 -14.97
CA ARG C 256 6.89 13.39 -13.86
C ARG C 256 5.79 13.63 -12.82
N PHE C 257 4.58 13.91 -13.27
CA PHE C 257 3.47 14.19 -12.36
C PHE C 257 2.41 13.11 -12.33
N ARG C 258 2.55 12.05 -13.12
CA ARG C 258 1.64 10.91 -12.98
C ARG C 258 2.02 10.07 -11.78
N CYS C 259 3.30 10.01 -11.45
CA CYS C 259 3.78 9.19 -10.34
C CYS C 259 3.21 9.69 -9.02
N PRO C 260 3.48 10.93 -8.61
CA PRO C 260 2.93 11.42 -7.33
C PRO C 260 1.43 11.58 -7.34
N GLU C 261 0.78 11.62 -8.51
CA GLU C 261 -0.67 11.70 -8.54
C GLU C 261 -1.31 10.47 -7.90
N THR C 262 -0.55 9.37 -7.78
CA THR C 262 -1.09 8.18 -7.15
C THR C 262 -1.45 8.41 -5.69
N LEU C 263 -0.85 9.41 -5.05
CA LEU C 263 -1.24 9.71 -3.68
C LEU C 263 -2.68 10.19 -3.60
N PHE C 264 -3.16 10.90 -4.61
CA PHE C 264 -4.53 11.42 -4.62
C PHE C 264 -5.48 10.52 -5.38
N GLN C 265 -4.98 9.60 -6.19
CA GLN C 265 -5.81 8.63 -6.92
C GLN C 265 -5.19 7.25 -6.79
N PRO C 266 -5.30 6.63 -5.63
CA PRO C 266 -4.69 5.30 -5.44
C PRO C 266 -5.19 4.25 -6.41
N SER C 267 -6.29 4.52 -7.12
CA SER C 267 -6.76 3.56 -8.11
C SER C 267 -5.74 3.34 -9.22
N PHE C 268 -4.78 4.26 -9.37
CA PHE C 268 -3.73 4.07 -10.37
C PHE C 268 -2.95 2.79 -10.13
N ILE C 269 -2.82 2.36 -8.87
CA ILE C 269 -2.10 1.14 -8.54
C ILE C 269 -3.04 0.03 -8.08
N GLY C 270 -4.33 0.15 -8.36
CA GLY C 270 -5.28 -0.90 -8.05
C GLY C 270 -5.93 -0.81 -6.69
N MET C 271 -5.47 0.08 -5.81
CA MET C 271 -6.10 0.23 -4.50
C MET C 271 -7.39 1.06 -4.64
N GLU C 272 -8.40 0.67 -3.87
CA GLU C 272 -9.65 1.42 -3.83
C GLU C 272 -9.70 2.40 -2.67
N SER C 273 -8.60 2.55 -1.92
CA SER C 273 -8.57 3.52 -0.84
C SER C 273 -8.77 4.93 -1.38
N ALA C 274 -9.08 5.85 -0.48
CA ALA C 274 -9.21 7.25 -0.86
C ALA C 274 -7.84 7.92 -0.87
N GLY C 275 -7.75 9.02 -1.60
CA GLY C 275 -6.52 9.78 -1.65
C GLY C 275 -6.16 10.33 -0.29
N ILE C 276 -4.98 10.95 -0.21
CA ILE C 276 -4.53 11.51 1.06
C ILE C 276 -5.39 12.70 1.47
N HIS C 277 -5.85 13.50 0.50
CA HIS C 277 -6.73 14.61 0.83
C HIS C 277 -8.03 14.13 1.44
N GLU C 278 -8.66 13.14 0.82
CA GLU C 278 -9.89 12.59 1.37
C GLU C 278 -9.63 11.93 2.72
N THR C 279 -8.48 11.28 2.87
CA THR C 279 -8.16 10.63 4.14
C THR C 279 -8.05 11.65 5.26
N THR C 280 -7.34 12.75 5.02
CA THR C 280 -7.19 13.76 6.06
C THR C 280 -8.53 14.43 6.36
N TYR C 281 -9.34 14.69 5.34
CA TYR C 281 -10.64 15.28 5.57
C TYR C 281 -11.52 14.35 6.40
N ASN C 282 -11.51 13.06 6.08
CA ASN C 282 -12.29 12.09 6.83
C ASN C 282 -11.80 11.99 8.26
N SER C 283 -10.49 12.03 8.46
CA SER C 283 -9.97 12.02 9.82
C SER C 283 -10.46 13.23 10.61
N ILE C 284 -10.46 14.41 9.98
CA ILE C 284 -10.95 15.59 10.67
C ILE C 284 -12.42 15.43 11.01
N MET C 285 -13.22 14.93 10.08
CA MET C 285 -14.65 14.77 10.35
C MET C 285 -14.94 13.66 11.35
N LYS C 286 -13.95 12.83 11.69
CA LYS C 286 -14.14 11.85 12.76
C LYS C 286 -14.04 12.49 14.13
N CYS C 287 -13.62 13.74 14.20
CA CYS C 287 -13.39 14.40 15.48
C CYS C 287 -14.62 15.19 15.92
N ASP C 288 -14.56 15.68 17.15
CA ASP C 288 -15.67 16.45 17.69
C ASP C 288 -15.84 17.75 16.91
N ILE C 289 -17.09 18.17 16.77
CA ILE C 289 -17.40 19.35 15.96
C ILE C 289 -16.72 20.59 16.50
N ASP C 290 -16.35 20.58 17.79
CA ASP C 290 -15.81 21.79 18.40
C ASP C 290 -14.32 21.96 18.16
N ILE C 291 -13.63 20.95 17.66
CA ILE C 291 -12.20 21.06 17.41
C ILE C 291 -11.85 21.08 15.93
N ARG C 292 -12.83 20.89 15.04
CA ARG C 292 -12.52 20.81 13.61
C ARG C 292 -11.92 22.10 13.09
N LYS C 293 -12.39 23.24 13.59
CA LYS C 293 -11.86 24.51 13.12
C LYS C 293 -10.37 24.61 13.38
N ASP C 294 -9.90 24.10 14.51
CA ASP C 294 -8.48 24.14 14.83
C ASP C 294 -7.69 23.13 14.01
N LEU C 295 -8.25 21.96 13.76
CA LEU C 295 -7.56 20.97 12.94
C LEU C 295 -7.38 21.47 11.52
N TYR C 296 -8.43 22.08 10.95
CA TYR C 296 -8.35 22.56 9.59
C TYR C 296 -7.23 23.58 9.41
N ALA C 297 -6.93 24.35 10.45
CA ALA C 297 -5.93 25.41 10.34
C ALA C 297 -4.53 24.95 10.71
N ASN C 298 -4.37 23.72 11.19
CA ASN C 298 -3.06 23.24 11.62
C ASN C 298 -2.73 21.92 10.95
N ASN C 299 -2.90 21.85 9.64
CA ASN C 299 -2.63 20.64 8.87
C ASN C 299 -1.12 20.54 8.64
N VAL C 300 -0.46 19.69 9.40
CA VAL C 300 1.00 19.60 9.40
C VAL C 300 1.42 18.46 8.48
N MET C 301 2.54 18.64 7.78
CA MET C 301 3.09 17.62 6.90
C MET C 301 4.47 17.21 7.39
N SER C 302 4.79 15.92 7.20
CA SER C 302 6.09 15.41 7.55
C SER C 302 6.39 14.19 6.68
N GLY C 303 7.64 13.78 6.68
CA GLY C 303 8.06 12.61 5.94
C GLY C 303 8.57 12.95 4.54
N GLY C 304 9.32 12.01 3.97
CA GLY C 304 9.95 12.26 2.70
C GLY C 304 8.98 12.50 1.56
N THR C 305 7.95 11.66 1.44
CA THR C 305 7.07 11.74 0.28
C THR C 305 6.25 13.02 0.24
N THR C 306 6.23 13.79 1.31
CA THR C 306 5.60 15.11 1.28
C THR C 306 6.54 16.18 0.74
N MET C 307 7.60 15.79 0.03
CA MET C 307 8.58 16.73 -0.49
C MET C 307 8.41 17.04 -1.97
N TYR C 308 7.41 16.45 -2.62
CA TYR C 308 7.17 16.79 -4.02
C TYR C 308 6.79 18.26 -4.13
N PRO C 309 7.37 19.00 -5.07
CA PRO C 309 6.92 20.37 -5.29
C PRO C 309 5.43 20.41 -5.62
N GLY C 310 4.73 21.37 -5.03
CA GLY C 310 3.31 21.53 -5.27
C GLY C 310 2.42 20.61 -4.47
N ILE C 311 2.98 19.78 -3.58
CA ILE C 311 2.15 18.90 -2.77
C ILE C 311 1.28 19.71 -1.82
N ALA C 312 1.87 20.73 -1.19
CA ALA C 312 1.13 21.54 -0.22
C ALA C 312 -0.03 22.26 -0.89
N ASP C 313 0.20 22.87 -2.05
CA ASP C 313 -0.85 23.60 -2.73
C ASP C 313 -1.96 22.67 -3.20
N ARG C 314 -1.59 21.50 -3.72
CA ARG C 314 -2.59 20.55 -4.16
C ARG C 314 -3.45 20.09 -2.98
N MET C 315 -2.82 19.77 -1.86
CA MET C 315 -3.57 19.34 -0.69
C MET C 315 -4.48 20.45 -0.18
N GLN C 316 -3.99 21.68 -0.16
CA GLN C 316 -4.82 22.79 0.28
C GLN C 316 -6.03 22.95 -0.62
N LYS C 317 -5.83 22.91 -1.94
CA LYS C 317 -6.94 23.06 -2.86
C LYS C 317 -7.96 21.93 -2.67
N GLU C 318 -7.47 20.69 -2.54
CA GLU C 318 -8.39 19.57 -2.37
C GLU C 318 -9.19 19.69 -1.08
N ILE C 319 -8.53 19.96 0.04
CA ILE C 319 -9.25 20.07 1.30
C ILE C 319 -10.23 21.23 1.25
N THR C 320 -9.79 22.39 0.76
CA THR C 320 -10.69 23.51 0.60
C THR C 320 -11.92 23.13 -0.21
N ALA C 321 -11.77 22.30 -1.23
CA ALA C 321 -12.93 21.80 -1.95
C ALA C 321 -13.80 20.93 -1.06
N LEU C 322 -13.19 20.04 -0.27
CA LEU C 322 -13.98 19.12 0.56
C LEU C 322 -14.65 19.83 1.73
N ALA C 323 -13.90 20.69 2.42
CA ALA C 323 -14.40 21.31 3.64
C ALA C 323 -15.35 22.46 3.32
N PRO C 324 -16.24 22.81 4.26
CA PRO C 324 -17.10 23.96 4.04
C PRO C 324 -16.31 25.25 4.02
N SER C 325 -16.82 26.22 3.26
CA SER C 325 -16.17 27.52 3.18
C SER C 325 -16.30 28.24 4.52
N THR C 326 -15.77 29.46 4.56
CA THR C 326 -15.80 30.26 5.79
C THR C 326 -14.88 29.65 6.84
N MET C 327 -13.99 28.75 6.43
CA MET C 327 -13.01 28.20 7.35
C MET C 327 -11.63 28.14 6.69
N LYS C 328 -10.63 28.63 7.42
CA LYS C 328 -9.29 28.81 6.87
C LYS C 328 -8.57 27.47 6.85
N ILE C 329 -8.43 26.89 5.66
CA ILE C 329 -7.58 25.71 5.48
C ILE C 329 -6.14 26.19 5.33
N LYS C 330 -5.25 25.64 6.16
CA LYS C 330 -3.86 26.05 6.17
C LYS C 330 -2.98 24.84 6.41
N ILE C 331 -2.01 24.64 5.52
CA ILE C 331 -1.14 23.47 5.56
C ILE C 331 0.26 23.93 5.89
N ILE C 332 0.82 23.38 6.96
CA ILE C 332 2.16 23.74 7.41
C ILE C 332 3.14 22.73 6.83
N ALA C 333 4.03 23.20 5.97
CA ALA C 333 5.01 22.36 5.28
C ALA C 333 6.38 22.96 5.55
N PRO C 334 7.00 22.60 6.67
CA PRO C 334 8.31 23.16 7.00
C PRO C 334 9.36 22.75 6.00
N PRO C 335 10.46 23.50 5.89
CA PRO C 335 11.56 23.05 5.02
C PRO C 335 12.17 21.73 5.47
N GLU C 336 12.17 21.43 6.76
CA GLU C 336 12.80 20.22 7.29
C GLU C 336 11.82 19.08 7.48
N ARG C 337 10.80 18.99 6.61
CA ARG C 337 9.81 17.91 6.72
C ARG C 337 10.48 16.55 6.80
N LYS C 338 11.55 16.33 6.03
CA LYS C 338 12.15 15.00 5.99
C LYS C 338 12.59 14.54 7.37
N TYR C 339 13.20 15.43 8.16
CA TYR C 339 13.73 15.07 9.46
C TYR C 339 12.86 15.48 10.62
N SER C 340 11.61 15.88 10.36
CA SER C 340 10.77 16.41 11.43
C SER C 340 10.53 15.38 12.52
N VAL C 341 10.30 14.12 12.15
CA VAL C 341 10.06 13.10 13.16
C VAL C 341 11.27 12.97 14.08
N TRP C 342 12.47 12.93 13.50
CA TRP C 342 13.67 12.80 14.33
C TRP C 342 13.90 14.05 15.15
N ILE C 343 13.64 15.24 14.59
CA ILE C 343 13.80 16.46 15.36
C ILE C 343 12.89 16.44 16.57
N GLY C 344 11.63 16.08 16.37
CA GLY C 344 10.71 16.00 17.49
C GLY C 344 11.14 14.98 18.52
N GLY C 345 11.58 13.81 18.07
CA GLY C 345 12.11 12.83 19.00
C GLY C 345 13.28 13.36 19.79
N SER C 346 14.13 14.16 19.15
CA SER C 346 15.23 14.80 19.86
C SER C 346 14.72 15.74 20.94
N ILE C 347 13.71 16.55 20.61
CA ILE C 347 13.16 17.47 21.60
C ILE C 347 12.55 16.70 22.77
N LEU C 348 11.76 15.67 22.46
CA LEU C 348 11.08 14.92 23.51
C LEU C 348 12.08 14.23 24.43
N ALA C 349 13.13 13.63 23.86
CA ALA C 349 14.07 12.89 24.68
C ALA C 349 14.87 13.79 25.61
N SER C 350 14.85 15.10 25.38
CA SER C 350 15.61 16.03 26.20
C SER C 350 14.77 16.66 27.31
N LEU C 351 13.45 16.72 27.15
CA LEU C 351 12.61 17.35 28.17
C LEU C 351 12.80 16.68 29.52
N SER C 352 12.94 17.51 30.56
CA SER C 352 13.08 16.97 31.91
C SER C 352 11.80 16.28 32.36
N THR C 353 10.67 16.62 31.75
CA THR C 353 9.40 15.99 32.12
C THR C 353 9.30 14.57 31.60
N PHE C 354 10.08 14.24 30.57
CA PHE C 354 10.03 12.92 29.96
C PHE C 354 10.94 11.90 30.64
N GLN C 355 11.85 12.35 31.50
CA GLN C 355 12.86 11.46 32.05
C GLN C 355 12.27 10.40 32.98
N GLN C 356 10.96 10.39 33.19
CA GLN C 356 10.31 9.34 33.96
C GLN C 356 9.50 8.39 33.09
N MET C 357 9.48 8.61 31.77
CA MET C 357 8.71 7.76 30.87
C MET C 357 9.57 6.65 30.25
N TRP C 358 10.88 6.66 30.47
CA TRP C 358 11.73 5.60 29.94
C TRP C 358 11.32 4.26 30.52
N ILE C 359 11.42 3.21 29.71
CA ILE C 359 11.28 1.85 30.18
C ILE C 359 12.66 1.37 30.60
N THR C 360 12.86 1.12 31.88
CA THR C 360 14.16 0.71 32.38
C THR C 360 14.33 -0.80 32.27
N LYS C 361 15.58 -1.22 32.07
CA LYS C 361 15.87 -2.64 32.00
C LYS C 361 15.37 -3.36 33.26
N GLN C 362 15.51 -2.71 34.42
CA GLN C 362 14.99 -3.27 35.64
C GLN C 362 13.49 -3.53 35.54
N GLU C 363 12.73 -2.57 35.01
CA GLU C 363 11.30 -2.76 34.82
C GLU C 363 11.03 -3.87 33.80
N TYR C 364 11.75 -3.85 32.69
CA TYR C 364 11.44 -4.77 31.59
C TYR C 364 11.69 -6.22 32.00
N ASP C 365 12.83 -6.49 32.64
CA ASP C 365 13.20 -7.87 32.94
C ASP C 365 12.42 -8.47 34.09
N GLU C 366 11.36 -7.80 34.56
CA GLU C 366 10.46 -8.37 35.56
C GLU C 366 9.00 -8.28 35.16
N ALA C 367 8.60 -7.27 34.40
CA ALA C 367 7.22 -7.16 33.94
C ALA C 367 6.99 -7.86 32.62
N GLY C 368 8.05 -8.19 31.87
CA GLY C 368 7.92 -8.90 30.63
C GLY C 368 7.92 -7.97 29.43
N PRO C 369 7.94 -8.56 28.22
CA PRO C 369 7.93 -7.72 27.01
C PRO C 369 6.68 -6.89 26.85
N SER C 370 5.59 -7.23 27.53
CA SER C 370 4.33 -6.51 27.38
C SER C 370 4.39 -5.11 27.97
N ILE C 371 5.45 -4.77 28.72
CA ILE C 371 5.57 -3.44 29.29
C ILE C 371 5.55 -2.37 28.22
N VAL C 372 6.02 -2.70 27.01
CA VAL C 372 6.16 -1.69 25.97
C VAL C 372 4.82 -1.16 25.47
N HIS C 373 3.72 -1.78 25.84
CA HIS C 373 2.39 -1.32 25.42
C HIS C 373 1.76 -0.36 26.43
N ARG C 374 2.46 0.01 27.49
CA ARG C 374 1.95 0.95 28.48
C ARG C 374 1.51 2.25 27.82
N THR D 7 58.74 -26.03 -0.40
CA THR D 7 59.25 -25.84 -1.78
C THR D 7 58.40 -24.86 -2.56
N THR D 8 58.98 -24.28 -3.61
CA THR D 8 58.27 -23.30 -4.42
C THR D 8 57.30 -24.00 -5.37
N ALA D 9 56.24 -23.27 -5.73
CA ALA D 9 55.24 -23.82 -6.63
C ALA D 9 55.53 -23.43 -8.07
N LEU D 10 55.45 -24.41 -8.97
CA LEU D 10 55.59 -24.13 -10.39
C LEU D 10 54.33 -23.46 -10.93
N VAL D 11 54.53 -22.52 -11.84
CA VAL D 11 53.44 -21.88 -12.54
C VAL D 11 53.79 -21.86 -14.03
N CYS D 12 52.93 -22.47 -14.84
CA CYS D 12 53.16 -22.51 -16.28
C CYS D 12 51.82 -22.51 -16.99
N ASP D 13 51.63 -21.56 -17.89
CA ASP D 13 50.41 -21.48 -18.70
C ASP D 13 50.72 -22.03 -20.07
N ASN D 14 50.11 -23.16 -20.41
CA ASN D 14 50.34 -23.83 -21.69
C ASN D 14 49.42 -23.22 -22.73
N GLY D 15 49.87 -22.12 -23.29
CA GLY D 15 49.15 -21.47 -24.36
C GLY D 15 49.20 -22.27 -25.64
N SER D 16 48.35 -21.88 -26.58
CA SER D 16 48.28 -22.60 -27.86
C SER D 16 49.58 -22.47 -28.64
N GLY D 17 50.32 -21.38 -28.43
CA GLY D 17 51.51 -21.11 -29.22
C GLY D 17 52.82 -21.23 -28.48
N LEU D 18 52.86 -20.86 -27.21
CA LEU D 18 54.08 -20.83 -26.43
C LEU D 18 53.86 -21.48 -25.08
N VAL D 19 54.91 -22.14 -24.57
CA VAL D 19 54.92 -22.57 -23.18
C VAL D 19 55.70 -21.55 -22.36
N LYS D 20 55.08 -21.02 -21.31
CA LYS D 20 55.71 -20.08 -20.41
C LYS D 20 55.71 -20.68 -19.01
N ALA D 21 56.87 -21.19 -18.58
CA ALA D 21 56.98 -21.88 -17.31
C ALA D 21 57.97 -21.16 -16.42
N GLY D 22 57.87 -21.40 -15.12
CA GLY D 22 58.76 -20.76 -14.18
C GLY D 22 58.39 -21.12 -12.76
N PHE D 23 58.90 -20.35 -11.82
CA PHE D 23 58.67 -20.57 -10.40
C PHE D 23 57.90 -19.40 -9.81
N ALA D 24 56.88 -19.72 -9.01
CA ALA D 24 56.07 -18.67 -8.40
C ALA D 24 56.96 -17.76 -7.57
N GLY D 25 56.72 -16.45 -7.68
CA GLY D 25 57.50 -15.45 -6.99
C GLY D 25 58.50 -14.72 -7.87
N ASP D 26 58.92 -15.33 -8.97
CA ASP D 26 59.85 -14.66 -9.87
C ASP D 26 59.12 -13.58 -10.67
N ASP D 27 59.90 -12.73 -11.33
CA ASP D 27 59.33 -11.61 -12.07
C ASP D 27 59.02 -11.95 -13.52
N ALA D 28 59.54 -13.05 -14.04
CA ALA D 28 59.30 -13.45 -15.42
C ALA D 28 59.49 -14.95 -15.54
N PRO D 29 58.86 -15.59 -16.52
CA PRO D 29 59.04 -17.03 -16.67
C PRO D 29 60.49 -17.38 -16.99
N ARG D 30 60.93 -18.52 -16.45
CA ARG D 30 62.30 -18.97 -16.69
C ARG D 30 62.46 -19.58 -18.07
N ALA D 31 61.47 -20.34 -18.54
CA ALA D 31 61.53 -21.03 -19.82
C ALA D 31 60.39 -20.55 -20.70
N VAL D 32 60.72 -20.15 -21.92
CA VAL D 32 59.73 -19.69 -22.89
C VAL D 32 60.12 -20.26 -24.24
N PHE D 33 59.38 -21.26 -24.70
CA PHE D 33 59.68 -21.93 -25.96
C PHE D 33 58.36 -22.25 -26.66
N PRO D 34 58.37 -22.34 -27.99
CA PRO D 34 57.13 -22.69 -28.70
C PRO D 34 56.69 -24.12 -28.38
N SER D 35 55.39 -24.34 -28.36
CA SER D 35 54.83 -25.65 -28.04
C SER D 35 54.58 -26.42 -29.33
N ILE D 36 55.67 -26.92 -29.91
CA ILE D 36 55.61 -27.71 -31.13
C ILE D 36 56.39 -28.99 -30.92
N VAL D 37 55.99 -30.04 -31.64
CA VAL D 37 56.68 -31.31 -31.66
C VAL D 37 56.96 -31.66 -33.11
N GLY D 38 58.23 -31.85 -33.45
CA GLY D 38 58.65 -32.12 -34.82
C GLY D 38 59.05 -33.58 -34.99
N ARG D 39 58.62 -34.16 -36.10
CA ARG D 39 58.98 -35.51 -36.48
C ARG D 39 59.79 -35.48 -37.77
N PRO D 40 60.87 -36.25 -37.88
CA PRO D 40 61.59 -36.33 -39.16
C PRO D 40 60.67 -36.86 -40.25
N ARG D 41 60.83 -36.32 -41.45
CA ARG D 41 60.04 -36.73 -42.61
C ARG D 41 60.91 -37.21 -43.76
N HIS D 42 62.15 -37.62 -43.50
CA HIS D 42 63.04 -38.12 -44.52
C HIS D 42 63.77 -39.33 -43.99
N GLN D 43 64.40 -40.08 -44.89
CA GLN D 43 65.11 -41.29 -44.50
C GLN D 43 66.49 -40.93 -43.96
N GLY D 44 66.84 -41.52 -42.82
CA GLY D 44 68.18 -41.36 -42.27
C GLY D 44 69.18 -42.13 -43.10
N VAL D 45 70.29 -41.47 -43.44
CA VAL D 45 71.34 -42.08 -44.26
C VAL D 45 72.71 -41.94 -43.61
N MET D 46 72.76 -41.82 -42.28
CA MET D 46 74.02 -41.80 -41.57
C MET D 46 73.83 -42.46 -40.21
N VAL D 47 74.50 -43.59 -40.01
CA VAL D 47 74.36 -44.33 -38.76
C VAL D 47 74.94 -43.56 -37.59
N GLY D 48 76.01 -42.80 -37.80
CA GLY D 48 76.72 -42.14 -36.73
C GLY D 48 76.17 -40.81 -36.29
N MET D 49 75.02 -40.39 -36.82
CA MET D 49 74.46 -39.09 -36.45
C MET D 49 73.75 -39.12 -35.11
N GLY D 50 73.44 -40.29 -34.58
CA GLY D 50 72.71 -40.36 -33.32
C GLY D 50 71.38 -39.63 -33.38
N GLN D 51 70.63 -39.84 -34.47
CA GLN D 51 69.43 -39.06 -34.71
C GLN D 51 68.35 -39.37 -33.68
N LYS D 52 67.63 -38.34 -33.26
CA LYS D 52 66.53 -38.50 -32.31
C LYS D 52 65.22 -38.73 -33.07
N ASP D 53 64.29 -39.41 -32.40
CA ASP D 53 63.04 -39.77 -33.06
C ASP D 53 62.10 -38.58 -33.16
N SER D 54 62.20 -37.61 -32.24
CA SER D 54 61.32 -36.45 -32.27
C SER D 54 61.99 -35.32 -31.52
N TYR D 55 61.55 -34.10 -31.81
CA TYR D 55 62.12 -32.89 -31.23
C TYR D 55 61.00 -32.01 -30.70
N VAL D 56 61.30 -31.26 -29.66
CA VAL D 56 60.31 -30.46 -28.95
C VAL D 56 60.88 -29.08 -28.65
N GLY D 57 60.04 -28.06 -28.79
CA GLY D 57 60.44 -26.74 -28.35
C GLY D 57 61.45 -26.10 -29.28
N ASP D 58 62.48 -25.49 -28.68
CA ASP D 58 63.45 -24.73 -29.46
C ASP D 58 64.21 -25.62 -30.44
N GLU D 59 64.57 -26.84 -30.03
CA GLU D 59 65.30 -27.71 -30.94
C GLU D 59 64.48 -28.05 -32.17
N ALA D 60 63.17 -28.28 -31.99
CA ALA D 60 62.30 -28.50 -33.15
C ALA D 60 62.28 -27.26 -34.05
N GLN D 61 62.24 -26.08 -33.45
CA GLN D 61 62.27 -24.85 -34.24
C GLN D 61 63.57 -24.71 -35.01
N SER D 62 64.67 -25.23 -34.45
CA SER D 62 65.98 -25.10 -35.10
C SER D 62 66.11 -26.02 -36.30
N LYS D 63 65.58 -27.24 -36.19
CA LYS D 63 65.67 -28.23 -37.26
C LYS D 63 64.42 -28.26 -38.13
N ARG D 64 63.69 -27.15 -38.23
CA ARG D 64 62.40 -27.17 -38.91
C ARG D 64 62.53 -27.59 -40.36
N GLY D 65 63.72 -27.47 -40.94
CA GLY D 65 63.89 -27.81 -42.35
C GLY D 65 63.55 -29.25 -42.66
N ILE D 66 63.92 -30.18 -41.77
CA ILE D 66 63.74 -31.59 -42.01
C ILE D 66 62.67 -32.21 -41.11
N LEU D 67 61.78 -31.40 -40.56
CA LEU D 67 60.76 -31.87 -39.64
C LEU D 67 59.38 -31.40 -40.09
N THR D 68 58.37 -32.17 -39.70
CA THR D 68 56.99 -31.71 -39.79
C THR D 68 56.53 -31.29 -38.39
N LEU D 69 56.10 -30.04 -38.27
CA LEU D 69 55.81 -29.45 -36.97
C LEU D 69 54.31 -29.51 -36.70
N LYS D 70 53.95 -29.94 -35.50
CA LYS D 70 52.56 -30.06 -35.08
C LYS D 70 52.38 -29.37 -33.74
N TYR D 71 51.32 -28.56 -33.64
CA TYR D 71 50.95 -27.95 -32.37
C TYR D 71 49.99 -28.87 -31.64
N PRO D 72 50.31 -29.33 -30.43
CA PRO D 72 49.36 -30.19 -29.71
C PRO D 72 48.14 -29.45 -29.17
N ILE D 73 48.20 -28.13 -29.03
CA ILE D 73 47.07 -27.34 -28.57
C ILE D 73 46.55 -26.52 -29.73
N GLU D 74 45.24 -26.56 -29.94
CA GLU D 74 44.60 -25.73 -30.95
C GLU D 74 43.33 -25.12 -30.39
N HIC D 75 43.24 -23.80 -30.43
CA HIC D 75 42.11 -23.08 -29.89
C HIC D 75 41.95 -23.41 -28.42
O HIC D 75 40.87 -23.56 -27.86
CB HIC D 75 40.75 -23.39 -30.57
CG HIC D 75 40.73 -22.99 -31.98
ND1 HIC D 75 40.95 -21.70 -32.46
CD2 HIC D 75 40.50 -23.87 -33.06
CE1 HIC D 75 40.84 -21.78 -33.80
NE2 HIC D 75 40.58 -23.08 -34.22
CZ HIC D 75 40.40 -23.54 -35.55
H HIC D 75 43.92 -23.17 -30.82
HA HIC D 75 42.31 -21.98 -29.98
HB2 HIC D 75 40.56 -24.50 -30.49
HB3 HIC D 75 39.93 -22.86 -30.02
HD2 HIC D 75 40.30 -24.93 -33.10
HE1 HIC D 75 40.96 -20.94 -34.49
HZ1 HIC D 75 39.50 -23.05 -36.02
HZ2 HIC D 75 40.26 -24.65 -35.57
HZ3 HIC D 75 41.31 -23.28 -36.16
N GLY D 76 43.09 -23.53 -27.76
CA GLY D 76 43.13 -23.76 -26.33
C GLY D 76 42.61 -25.12 -25.92
N ILE D 77 42.52 -26.04 -26.87
CA ILE D 77 42.07 -27.41 -26.63
C ILE D 77 43.19 -28.35 -27.04
N ILE D 78 43.61 -29.21 -26.11
CA ILE D 78 44.66 -30.18 -26.39
C ILE D 78 44.08 -31.24 -27.32
N THR D 79 44.58 -31.30 -28.56
CA THR D 79 44.10 -32.25 -29.54
C THR D 79 44.96 -33.50 -29.62
N ASN D 80 46.22 -33.42 -29.20
CA ASN D 80 47.12 -34.57 -29.21
C ASN D 80 47.73 -34.69 -27.83
N TRP D 81 47.37 -35.75 -27.10
CA TRP D 81 47.79 -35.86 -25.71
C TRP D 81 49.18 -36.45 -25.56
N ASP D 82 49.59 -37.35 -26.45
CA ASP D 82 50.96 -37.83 -26.38
C ASP D 82 51.95 -36.69 -26.57
N ASP D 83 51.71 -35.83 -27.55
CA ASP D 83 52.57 -34.67 -27.76
C ASP D 83 52.51 -33.68 -26.62
N MET D 84 51.33 -33.45 -26.06
CA MET D 84 51.24 -32.53 -24.93
C MET D 84 52.01 -33.06 -23.72
N GLU D 85 51.89 -34.36 -23.46
CA GLU D 85 52.65 -34.96 -22.37
C GLU D 85 54.15 -34.87 -22.65
N LYS D 86 54.55 -35.06 -23.90
CA LYS D 86 55.95 -34.89 -24.26
C LYS D 86 56.42 -33.47 -23.99
N ILE D 87 55.61 -32.48 -24.33
CA ILE D 87 55.99 -31.09 -24.10
C ILE D 87 56.10 -30.80 -22.61
N TRP D 88 55.17 -31.33 -21.82
CA TRP D 88 55.26 -31.15 -20.37
C TRP D 88 56.51 -31.80 -19.81
N HIS D 89 56.82 -33.01 -20.27
CA HIS D 89 58.04 -33.68 -19.83
C HIS D 89 59.26 -32.83 -20.15
N HIS D 90 59.30 -32.29 -21.37
CA HIS D 90 60.38 -31.35 -21.71
C HIS D 90 60.42 -30.20 -20.72
N THR D 91 59.28 -29.54 -20.52
CA THR D 91 59.23 -28.36 -19.67
C THR D 91 59.80 -28.66 -18.29
N PHE D 92 59.43 -29.79 -17.72
CA PHE D 92 59.89 -30.12 -16.37
C PHE D 92 61.35 -30.52 -16.34
N TYR D 93 61.72 -31.52 -17.15
CA TYR D 93 63.01 -32.18 -16.96
C TYR D 93 64.15 -31.60 -17.80
N ASN D 94 63.90 -30.65 -18.70
CA ASN D 94 64.97 -30.11 -19.53
C ASN D 94 65.04 -28.59 -19.47
N GLU D 95 63.89 -27.91 -19.43
CA GLU D 95 63.90 -26.46 -19.35
C GLU D 95 64.07 -25.99 -17.91
N LEU D 96 63.12 -26.35 -17.04
CA LEU D 96 63.24 -26.00 -15.63
C LEU D 96 64.23 -26.89 -14.89
N ARG D 97 64.32 -28.16 -15.27
CA ARG D 97 65.17 -29.13 -14.56
C ARG D 97 64.77 -29.23 -13.10
N VAL D 98 63.53 -29.60 -12.85
CA VAL D 98 63.02 -29.78 -11.51
C VAL D 98 62.54 -31.22 -11.35
N ALA D 99 62.05 -31.54 -10.16
CA ALA D 99 61.40 -32.82 -9.90
C ALA D 99 59.94 -32.53 -9.58
N PRO D 100 59.00 -32.83 -10.47
CA PRO D 100 57.61 -32.40 -10.23
C PRO D 100 57.02 -32.93 -8.94
N GLU D 101 57.54 -34.04 -8.42
CA GLU D 101 56.95 -34.66 -7.24
C GLU D 101 57.06 -33.78 -5.99
N GLU D 102 57.96 -32.80 -5.97
CA GLU D 102 58.12 -31.92 -4.82
C GLU D 102 57.83 -30.45 -5.14
N HIS D 103 57.10 -30.16 -6.21
CA HIS D 103 56.66 -28.80 -6.51
C HIS D 103 55.20 -28.83 -6.91
N PRO D 104 54.31 -28.13 -6.22
CA PRO D 104 52.93 -27.99 -6.74
C PRO D 104 52.89 -27.07 -7.94
N THR D 105 52.15 -27.50 -8.97
CA THR D 105 52.14 -26.84 -10.26
C THR D 105 50.80 -26.17 -10.50
N LEU D 106 50.85 -24.92 -10.96
CA LEU D 106 49.64 -24.16 -11.28
C LEU D 106 49.51 -24.07 -12.80
N LEU D 107 48.40 -24.55 -13.33
CA LEU D 107 48.14 -24.53 -14.76
C LEU D 107 47.00 -23.56 -15.06
N THR D 108 46.84 -23.25 -16.35
CA THR D 108 45.81 -22.32 -16.79
C THR D 108 45.14 -22.84 -18.05
N GLU D 109 43.93 -22.37 -18.29
CA GLU D 109 43.21 -22.70 -19.52
C GLU D 109 42.18 -21.61 -19.78
N ALA D 110 41.67 -21.60 -21.01
CA ALA D 110 40.73 -20.57 -21.41
C ALA D 110 39.33 -20.88 -20.88
N PRO D 111 38.49 -19.86 -20.71
CA PRO D 111 37.11 -20.11 -20.28
C PRO D 111 36.28 -20.73 -21.39
N LEU D 112 35.17 -21.34 -21.00
CA LEU D 112 34.28 -22.01 -21.93
C LEU D 112 35.00 -23.13 -22.69
N ASN D 113 35.94 -23.79 -22.02
CA ASN D 113 36.62 -24.93 -22.61
C ASN D 113 35.89 -26.22 -22.29
N PRO D 114 36.12 -27.28 -23.06
CA PRO D 114 35.53 -28.58 -22.70
C PRO D 114 36.03 -29.06 -21.35
N LYS D 115 35.14 -29.69 -20.59
CA LYS D 115 35.52 -30.18 -19.27
C LYS D 115 36.51 -31.33 -19.36
N ALA D 116 36.36 -32.18 -20.38
CA ALA D 116 37.28 -33.29 -20.55
C ALA D 116 38.73 -32.81 -20.65
N ASN D 117 38.94 -31.65 -21.26
CA ASN D 117 40.29 -31.11 -21.37
C ASN D 117 40.93 -30.97 -20.01
N ARG D 118 40.25 -30.26 -19.10
CA ARG D 118 40.79 -30.07 -17.76
C ARG D 118 40.89 -31.38 -17.00
N GLU D 119 39.90 -32.27 -17.15
CA GLU D 119 39.93 -33.53 -16.43
C GLU D 119 41.15 -34.35 -16.82
N LYS D 120 41.41 -34.48 -18.13
CA LYS D 120 42.57 -35.25 -18.56
C LYS D 120 43.87 -34.53 -18.22
N MET D 121 43.87 -33.20 -18.25
CA MET D 121 45.06 -32.46 -17.84
C MET D 121 45.43 -32.80 -16.39
N THR D 122 44.45 -32.74 -15.49
CA THR D 122 44.74 -33.04 -14.09
C THR D 122 45.08 -34.51 -13.90
N GLN D 123 44.45 -35.39 -14.65
CA GLN D 123 44.79 -36.81 -14.55
C GLN D 123 46.24 -37.05 -14.93
N ILE D 124 46.69 -36.44 -16.03
CA ILE D 124 48.09 -36.58 -16.42
C ILE D 124 48.99 -35.99 -15.35
N MET D 125 48.63 -34.81 -14.83
CA MET D 125 49.51 -34.15 -13.87
C MET D 125 49.68 -35.00 -12.62
N PHE D 126 48.60 -35.61 -12.13
CA PHE D 126 48.69 -36.36 -10.89
C PHE D 126 49.27 -37.76 -11.10
N GLU D 127 48.83 -38.47 -12.14
CA GLU D 127 49.15 -39.87 -12.29
C GLU D 127 50.40 -40.15 -13.12
N THR D 128 50.89 -39.18 -13.89
CA THR D 128 52.09 -39.34 -14.68
C THR D 128 53.30 -38.68 -14.02
N PHE D 129 53.19 -37.39 -13.71
CA PHE D 129 54.29 -36.65 -13.09
C PHE D 129 54.25 -36.71 -11.57
N ASN D 130 53.13 -37.14 -10.98
CA ASN D 130 53.02 -37.29 -9.53
C ASN D 130 53.35 -36.00 -8.80
N VAL D 131 52.77 -34.89 -9.25
CA VAL D 131 52.90 -33.61 -8.55
C VAL D 131 52.19 -33.73 -7.21
N PRO D 132 52.63 -33.01 -6.17
CA PRO D 132 51.92 -33.10 -4.89
C PRO D 132 50.54 -32.48 -4.93
N ALA D 133 50.40 -31.33 -5.59
CA ALA D 133 49.11 -30.66 -5.71
C ALA D 133 49.15 -29.76 -6.93
N MET D 134 47.98 -29.37 -7.41
CA MET D 134 47.88 -28.55 -8.60
C MET D 134 46.60 -27.75 -8.58
N TYR D 135 46.55 -26.73 -9.43
CA TYR D 135 45.39 -25.88 -9.58
C TYR D 135 45.30 -25.44 -11.03
N VAL D 136 44.07 -25.19 -11.48
CA VAL D 136 43.81 -24.74 -12.85
C VAL D 136 43.05 -23.43 -12.74
N ALA D 137 43.60 -22.37 -13.34
CA ALA D 137 43.04 -21.04 -13.22
C ALA D 137 42.62 -20.50 -14.59
N ILE D 138 41.63 -19.60 -14.57
CA ILE D 138 41.22 -18.92 -15.79
C ILE D 138 42.23 -17.83 -16.10
N GLN D 139 42.65 -17.76 -17.37
CA GLN D 139 43.76 -16.90 -17.74
C GLN D 139 43.44 -15.43 -17.51
N ALA D 140 42.19 -15.02 -17.77
CA ALA D 140 41.84 -13.62 -17.63
C ALA D 140 41.96 -13.16 -16.19
N VAL D 141 41.60 -14.02 -15.24
CA VAL D 141 41.70 -13.63 -13.83
C VAL D 141 43.16 -13.39 -13.45
N LEU D 142 44.06 -14.27 -13.90
CA LEU D 142 45.48 -14.05 -13.64
C LEU D 142 45.96 -12.77 -14.31
N SER D 143 45.52 -12.54 -15.54
CA SER D 143 45.87 -11.30 -16.23
C SER D 143 45.46 -10.08 -15.43
N LEU D 144 44.29 -10.12 -14.80
CA LEU D 144 43.86 -9.01 -13.96
C LEU D 144 44.70 -8.93 -12.68
N TYR D 145 45.05 -10.07 -12.10
CA TYR D 145 45.96 -10.07 -10.96
C TYR D 145 47.24 -9.30 -11.28
N ALA D 146 47.87 -9.63 -12.41
CA ALA D 146 49.14 -9.01 -12.74
C ALA D 146 49.00 -7.50 -12.88
N SER D 147 47.82 -7.02 -13.29
CA SER D 147 47.60 -5.59 -13.40
C SER D 147 47.49 -4.90 -12.05
N GLY D 148 47.39 -5.66 -10.97
CA GLY D 148 47.27 -5.06 -9.65
C GLY D 148 45.97 -4.33 -9.41
N ARG D 149 44.86 -4.87 -9.90
CA ARG D 149 43.55 -4.28 -9.68
C ARG D 149 42.53 -5.39 -9.53
N THR D 150 41.35 -5.03 -9.03
CA THR D 150 40.27 -5.98 -8.80
C THR D 150 39.04 -5.71 -9.65
N THR D 151 39.04 -4.66 -10.45
CA THR D 151 37.92 -4.34 -11.33
C THR D 151 38.45 -4.08 -12.73
N GLY D 152 37.80 -4.67 -13.73
CA GLY D 152 38.19 -4.46 -15.10
C GLY D 152 37.70 -5.57 -16.00
N ILE D 153 37.65 -5.30 -17.30
CA ILE D 153 37.27 -6.29 -18.30
C ILE D 153 38.52 -6.65 -19.06
N VAL D 154 38.96 -7.89 -18.92
CA VAL D 154 40.23 -8.32 -19.52
C VAL D 154 39.97 -8.85 -20.91
N LEU D 155 40.77 -8.38 -21.87
CA LEU D 155 40.71 -8.86 -23.25
C LEU D 155 41.99 -9.64 -23.51
N ASP D 156 41.95 -10.94 -23.28
CA ASP D 156 43.09 -11.82 -23.51
C ASP D 156 43.02 -12.33 -24.94
N SER D 157 44.14 -12.29 -25.64
CA SER D 157 44.21 -12.73 -27.03
C SER D 157 45.57 -13.39 -27.26
N GLY D 158 45.60 -14.70 -27.16
CA GLY D 158 46.83 -15.45 -27.33
C GLY D 158 47.03 -15.92 -28.75
N ASP D 159 47.34 -17.20 -28.90
CA ASP D 159 47.55 -17.79 -30.21
C ASP D 159 46.34 -18.56 -30.70
N GLY D 160 45.48 -19.01 -29.79
CA GLY D 160 44.35 -19.83 -30.17
C GLY D 160 42.99 -19.24 -29.87
N VAL D 161 42.88 -18.44 -28.80
CA VAL D 161 41.58 -17.99 -28.32
C VAL D 161 41.67 -16.52 -27.90
N THR D 162 40.60 -15.80 -28.19
CA THR D 162 40.38 -14.45 -27.70
C THR D 162 39.11 -14.43 -26.86
N HIS D 163 39.20 -13.92 -25.64
CA HIS D 163 38.05 -13.94 -24.76
C HIS D 163 38.04 -12.71 -23.87
N ASN D 164 36.84 -12.32 -23.45
CA ASN D 164 36.62 -11.21 -22.54
C ASN D 164 36.02 -11.75 -21.24
N VAL D 165 36.49 -11.24 -20.11
CA VAL D 165 36.01 -11.69 -18.81
C VAL D 165 35.79 -10.47 -17.92
N PRO D 166 34.56 -9.97 -17.77
CA PRO D 166 34.33 -8.84 -16.88
C PRO D 166 34.44 -9.26 -15.41
N ILE D 167 35.16 -8.46 -14.64
CA ILE D 167 35.32 -8.69 -13.20
C ILE D 167 35.13 -7.35 -12.50
N TYR D 168 34.29 -7.33 -11.47
CA TYR D 168 33.99 -6.13 -10.71
C TYR D 168 34.22 -6.41 -9.23
N GLU D 169 35.20 -5.74 -8.64
CA GLU D 169 35.51 -5.88 -7.22
C GLU D 169 35.71 -7.34 -6.85
N GLY D 170 36.37 -8.09 -7.74
CA GLY D 170 36.69 -9.47 -7.47
C GLY D 170 35.59 -10.46 -7.79
N TYR D 171 34.42 -10.00 -8.20
CA TYR D 171 33.31 -10.89 -8.55
C TYR D 171 33.25 -10.99 -10.08
N ALA D 172 33.37 -12.21 -10.58
CA ALA D 172 33.26 -12.44 -12.01
C ALA D 172 31.80 -12.53 -12.42
N LEU D 173 31.53 -12.10 -13.64
CA LEU D 173 30.19 -12.17 -14.19
C LEU D 173 30.18 -13.21 -15.30
N PRO D 174 30.12 -14.50 -14.98
CA PRO D 174 30.32 -15.53 -16.01
C PRO D 174 29.30 -15.50 -17.12
N HIS D 175 28.15 -14.88 -16.92
CA HIS D 175 27.17 -14.78 -17.99
C HIS D 175 27.57 -13.75 -19.04
N ALA D 176 28.54 -12.90 -18.75
CA ALA D 176 29.04 -11.90 -19.69
C ALA D 176 30.34 -12.30 -20.35
N ILE D 177 30.87 -13.50 -20.04
CA ILE D 177 32.12 -13.93 -20.64
C ILE D 177 31.90 -14.21 -22.11
N MET D 178 32.75 -13.64 -22.95
CA MET D 178 32.73 -13.86 -24.39
C MET D 178 33.98 -14.63 -24.79
N ARG D 179 33.84 -15.53 -25.75
CA ARG D 179 34.96 -16.25 -26.32
C ARG D 179 34.86 -16.17 -27.83
N LEU D 180 36.03 -16.14 -28.48
CA LEU D 180 36.11 -15.96 -29.93
C LEU D 180 37.31 -16.75 -30.42
N ASP D 181 37.05 -17.80 -31.21
CA ASP D 181 38.12 -18.66 -31.71
C ASP D 181 38.80 -18.01 -32.92
N LEU D 182 39.41 -16.86 -32.67
CA LEU D 182 40.16 -16.13 -33.68
C LEU D 182 41.33 -15.47 -32.98
N ALA D 183 42.55 -15.86 -33.35
CA ALA D 183 43.72 -15.45 -32.59
C ALA D 183 44.93 -15.49 -33.51
N GLY D 184 46.13 -15.48 -32.93
CA GLY D 184 47.33 -15.31 -33.72
C GLY D 184 47.47 -16.30 -34.86
N ARG D 185 47.10 -17.56 -34.62
CA ARG D 185 47.28 -18.57 -35.66
C ARG D 185 46.43 -18.26 -36.88
N ASP D 186 45.18 -17.82 -36.67
CA ASP D 186 44.33 -17.47 -37.80
C ASP D 186 44.90 -16.30 -38.58
N LEU D 187 45.46 -15.32 -37.87
CA LEU D 187 46.10 -14.21 -38.56
C LEU D 187 47.32 -14.67 -39.35
N THR D 188 48.10 -15.61 -38.80
CA THR D 188 49.23 -16.14 -39.54
C THR D 188 48.77 -16.84 -40.81
N ASP D 189 47.69 -17.61 -40.72
CA ASP D 189 47.17 -18.29 -41.90
C ASP D 189 46.69 -17.28 -42.93
N TYR D 190 45.98 -16.25 -42.48
CA TYR D 190 45.51 -15.22 -43.41
C TYR D 190 46.68 -14.52 -44.08
N LEU D 191 47.72 -14.19 -43.32
CA LEU D 191 48.89 -13.56 -43.91
C LEU D 191 49.55 -14.48 -44.93
N MET D 192 49.61 -15.79 -44.63
CA MET D 192 50.07 -16.74 -45.62
C MET D 192 49.23 -16.67 -46.88
N LYS D 193 47.91 -16.48 -46.73
CA LYS D 193 47.04 -16.46 -47.90
C LYS D 193 47.29 -15.22 -48.76
N ILE D 194 47.32 -14.04 -48.14
CA ILE D 194 47.38 -12.82 -48.92
C ILE D 194 48.78 -12.57 -49.47
N LEU D 195 49.81 -13.13 -48.83
CA LEU D 195 51.16 -12.99 -49.37
C LEU D 195 51.30 -13.64 -50.73
N THR D 196 50.39 -14.53 -51.11
CA THR D 196 50.41 -15.09 -52.45
C THR D 196 50.14 -14.03 -53.51
N GLU D 197 49.36 -13.01 -53.19
CA GLU D 197 49.07 -11.96 -54.16
C GLU D 197 50.34 -11.34 -54.71
N ARG D 198 51.39 -11.26 -53.89
CA ARG D 198 52.67 -10.73 -54.33
C ARG D 198 53.57 -11.80 -54.95
N GLY D 199 53.15 -13.05 -54.93
CA GLY D 199 53.93 -14.12 -55.53
C GLY D 199 54.71 -14.98 -54.56
N TYR D 200 54.60 -14.74 -53.26
CA TYR D 200 55.31 -15.55 -52.27
C TYR D 200 54.41 -16.69 -51.81
N SER D 201 54.89 -17.91 -51.93
CA SER D 201 54.11 -19.11 -51.60
C SER D 201 54.73 -19.81 -50.40
N PHE D 202 54.04 -19.75 -49.27
CA PHE D 202 54.43 -20.45 -48.05
C PHE D 202 53.36 -21.49 -47.74
N VAL D 203 53.71 -22.77 -47.88
CA VAL D 203 52.71 -23.83 -47.83
C VAL D 203 53.04 -24.86 -46.75
N THR D 204 54.32 -25.00 -46.43
CA THR D 204 54.73 -26.02 -45.47
C THR D 204 54.60 -25.50 -44.04
N THR D 205 54.58 -26.44 -43.09
CA THR D 205 54.52 -26.05 -41.69
C THR D 205 55.78 -25.31 -41.27
N ALA D 206 56.92 -25.65 -41.86
CA ALA D 206 58.14 -24.93 -41.56
C ALA D 206 58.06 -23.48 -42.04
N GLU D 207 57.47 -23.26 -43.21
CA GLU D 207 57.36 -21.89 -43.73
C GLU D 207 56.31 -21.09 -42.97
N ARG D 208 55.36 -21.76 -42.33
CA ARG D 208 54.42 -21.04 -41.48
C ARG D 208 55.14 -20.34 -40.34
N GLU D 209 56.23 -20.91 -39.85
CA GLU D 209 57.02 -20.23 -38.82
C GLU D 209 57.67 -18.97 -39.36
N ILE D 210 58.19 -19.02 -40.59
CA ILE D 210 58.76 -17.82 -41.20
C ILE D 210 57.68 -16.75 -41.35
N VAL D 211 56.49 -17.14 -41.80
CA VAL D 211 55.41 -16.17 -41.94
C VAL D 211 55.01 -15.60 -40.59
N ARG D 212 55.03 -16.43 -39.54
CA ARG D 212 54.72 -15.94 -38.20
C ARG D 212 55.75 -14.90 -37.76
N ASP D 213 57.02 -15.16 -38.03
CA ASP D 213 58.05 -14.17 -37.70
C ASP D 213 57.83 -12.88 -38.47
N ILE D 214 57.48 -12.98 -39.75
CA ILE D 214 57.19 -11.79 -40.54
C ILE D 214 56.06 -11.01 -39.90
N LYS D 215 54.99 -11.71 -39.51
CA LYS D 215 53.87 -11.05 -38.87
C LYS D 215 54.30 -10.34 -37.59
N GLU D 216 55.08 -11.03 -36.76
CA GLU D 216 55.51 -10.45 -35.50
C GLU D 216 56.39 -9.23 -35.70
N LYS D 217 57.16 -9.17 -36.79
CA LYS D 217 58.14 -8.09 -36.95
C LYS D 217 57.70 -6.98 -37.87
N LEU D 218 56.65 -7.15 -38.68
CA LEU D 218 56.29 -6.14 -39.67
C LEU D 218 54.84 -5.66 -39.61
N CYS D 219 53.97 -6.33 -38.86
CA CYS D 219 52.56 -5.98 -38.90
C CYS D 219 52.20 -4.95 -37.83
N TYR D 220 51.16 -4.18 -38.11
CA TYR D 220 50.67 -3.16 -37.19
C TYR D 220 49.19 -2.93 -37.49
N VAL D 221 48.52 -2.25 -36.57
CA VAL D 221 47.09 -1.99 -36.69
C VAL D 221 46.89 -0.58 -37.20
N ALA D 222 46.16 -0.45 -38.31
CA ALA D 222 45.85 0.85 -38.86
C ALA D 222 44.80 1.54 -38.01
N LEU D 223 45.04 2.83 -37.69
CA LEU D 223 44.04 3.59 -36.95
C LEU D 223 42.76 3.74 -37.76
N ASP D 224 42.88 4.04 -39.05
CA ASP D 224 41.73 4.12 -39.95
C ASP D 224 42.05 3.24 -41.15
N PHE D 225 41.30 2.14 -41.30
CA PHE D 225 41.66 1.15 -42.31
C PHE D 225 41.56 1.72 -43.72
N GLU D 226 40.46 2.41 -44.02
CA GLU D 226 40.26 2.89 -45.39
C GLU D 226 41.31 3.92 -45.79
N ASN D 227 41.63 4.86 -44.90
CA ASN D 227 42.64 5.86 -45.22
C ASN D 227 43.99 5.22 -45.44
N GLU D 228 44.36 4.24 -44.61
CA GLU D 228 45.62 3.55 -44.80
C GLU D 228 45.64 2.77 -46.11
N MET D 229 44.53 2.14 -46.48
CA MET D 229 44.47 1.44 -47.76
C MET D 229 44.68 2.41 -48.91
N ALA D 230 44.03 3.58 -48.83
CA ALA D 230 44.21 4.58 -49.88
C ALA D 230 45.66 5.05 -49.94
N THR D 231 46.28 5.29 -48.79
CA THR D 231 47.66 5.73 -48.77
C THR D 231 48.58 4.68 -49.37
N ALA D 232 48.40 3.41 -49.00
CA ALA D 232 49.22 2.35 -49.57
C ALA D 232 49.03 2.25 -51.08
N ALA D 233 47.79 2.40 -51.56
CA ALA D 233 47.54 2.38 -52.99
C ALA D 233 48.24 3.54 -53.69
N SER D 234 48.24 4.71 -53.07
CA SER D 234 48.74 5.92 -53.72
C SER D 234 50.23 6.15 -53.51
N SER D 235 50.92 5.27 -52.81
CA SER D 235 52.33 5.48 -52.52
C SER D 235 53.00 4.18 -52.15
N SER D 236 54.34 4.19 -52.16
CA SER D 236 55.13 3.07 -51.66
C SER D 236 55.75 3.35 -50.29
N SER D 237 55.34 4.44 -49.63
CA SER D 237 55.95 4.82 -48.36
C SER D 237 55.77 3.75 -47.29
N LEU D 238 54.72 2.92 -47.41
CA LEU D 238 54.40 1.97 -46.36
C LEU D 238 55.03 0.60 -46.57
N GLU D 239 55.81 0.41 -47.63
CA GLU D 239 56.38 -0.90 -47.91
C GLU D 239 57.63 -1.14 -47.08
N LYS D 240 57.79 -2.38 -46.63
CA LYS D 240 58.96 -2.81 -45.89
C LYS D 240 59.52 -4.06 -46.56
N SER D 241 60.73 -4.45 -46.14
CA SER D 241 61.39 -5.60 -46.72
C SER D 241 61.82 -6.56 -45.61
N TYR D 242 61.86 -7.84 -45.95
CA TYR D 242 62.21 -8.89 -45.01
C TYR D 242 63.08 -9.91 -45.73
N GLU D 243 64.03 -10.49 -45.00
CA GLU D 243 65.00 -11.41 -45.57
C GLU D 243 64.71 -12.83 -45.08
N LEU D 244 64.47 -13.73 -46.02
CA LEU D 244 64.18 -15.11 -45.68
C LEU D 244 65.44 -15.84 -45.23
N PRO D 245 65.29 -16.99 -44.58
CA PRO D 245 66.49 -17.70 -44.10
C PRO D 245 67.50 -18.00 -45.19
N ASP D 246 67.06 -18.26 -46.40
CA ASP D 246 67.97 -18.57 -47.50
C ASP D 246 68.59 -17.34 -48.13
N GLY D 247 68.35 -16.16 -47.56
CA GLY D 247 68.94 -14.93 -48.06
C GLY D 247 68.10 -14.17 -49.06
N GLN D 248 67.04 -14.79 -49.59
CA GLN D 248 66.17 -14.09 -50.51
C GLN D 248 65.35 -13.03 -49.76
N VAL D 249 65.03 -11.95 -50.45
CA VAL D 249 64.38 -10.79 -49.84
C VAL D 249 62.98 -10.64 -50.44
N ILE D 250 62.01 -10.31 -49.58
CA ILE D 250 60.65 -10.05 -50.00
C ILE D 250 60.20 -8.72 -49.42
N THR D 251 59.22 -8.11 -50.07
CA THR D 251 58.70 -6.81 -49.67
C THR D 251 57.20 -6.93 -49.41
N ILE D 252 56.75 -6.28 -48.34
CA ILE D 252 55.37 -6.38 -47.89
C ILE D 252 54.74 -4.99 -47.93
N GLY D 253 53.60 -4.87 -48.59
CA GLY D 253 52.95 -3.59 -48.75
C GLY D 253 51.78 -3.40 -47.81
N ASN D 254 50.57 -3.34 -48.35
CA ASN D 254 49.39 -3.18 -47.50
C ASN D 254 49.09 -4.42 -46.69
N GLU D 255 49.76 -5.54 -46.95
CA GLU D 255 49.57 -6.72 -46.12
C GLU D 255 50.00 -6.48 -44.68
N ARG D 256 50.78 -5.43 -44.43
CA ARG D 256 51.26 -5.18 -43.08
C ARG D 256 50.11 -4.92 -42.11
N PHE D 257 49.11 -4.15 -42.54
CA PHE D 257 47.97 -3.84 -41.70
C PHE D 257 46.69 -4.54 -42.12
N ARG D 258 46.68 -5.25 -43.25
CA ARG D 258 45.51 -6.03 -43.61
C ARG D 258 45.37 -7.26 -42.71
N CYS D 259 46.50 -7.85 -42.32
CA CYS D 259 46.49 -9.05 -41.50
C CYS D 259 45.83 -8.79 -40.15
N PRO D 260 46.35 -7.87 -39.33
CA PRO D 260 45.72 -7.62 -38.01
C PRO D 260 44.34 -7.00 -38.10
N GLU D 261 43.96 -6.45 -39.25
CA GLU D 261 42.61 -5.91 -39.38
C GLU D 261 41.56 -6.98 -39.23
N THR D 262 41.95 -8.25 -39.36
CA THR D 262 41.00 -9.34 -39.21
C THR D 262 40.46 -9.41 -37.79
N LEU D 263 41.22 -8.94 -36.80
CA LEU D 263 40.72 -8.92 -35.44
C LEU D 263 39.50 -8.02 -35.31
N PHE D 264 39.38 -7.01 -36.16
CA PHE D 264 38.25 -6.09 -36.12
C PHE D 264 37.23 -6.35 -37.20
N GLN D 265 37.60 -7.07 -38.26
CA GLN D 265 36.68 -7.48 -39.32
C GLN D 265 36.87 -8.96 -39.60
N PRO D 266 36.38 -9.83 -38.73
CA PRO D 266 36.59 -11.27 -38.92
C PRO D 266 36.03 -11.79 -40.24
N SER D 267 35.23 -11.00 -40.95
CA SER D 267 34.70 -11.45 -42.23
C SER D 267 35.79 -11.68 -43.26
N PHE D 268 37.00 -11.16 -43.02
CA PHE D 268 38.10 -11.39 -43.96
C PHE D 268 38.43 -12.86 -44.07
N ILE D 269 38.21 -13.64 -43.01
CA ILE D 269 38.50 -15.07 -43.03
C ILE D 269 37.22 -15.89 -42.98
N GLY D 270 36.08 -15.30 -43.31
CA GLY D 270 34.84 -16.04 -43.45
C GLY D 270 34.01 -16.16 -42.19
N MET D 271 34.54 -15.78 -41.03
CA MET D 271 33.73 -15.80 -39.82
C MET D 271 32.76 -14.62 -39.82
N GLU D 272 31.56 -14.87 -39.30
CA GLU D 272 30.56 -13.82 -39.14
C GLU D 272 30.51 -13.27 -37.73
N SER D 273 31.46 -13.66 -36.87
CA SER D 273 31.49 -13.12 -35.52
C SER D 273 31.88 -11.65 -35.54
N ALA D 274 31.55 -10.95 -34.46
CA ALA D 274 31.91 -9.55 -34.34
C ALA D 274 33.39 -9.39 -34.03
N GLY D 275 33.89 -8.17 -34.22
CA GLY D 275 35.27 -7.89 -33.92
C GLY D 275 35.53 -7.86 -32.43
N ILE D 276 36.80 -7.69 -32.07
CA ILE D 276 37.16 -7.66 -30.66
C ILE D 276 36.61 -6.41 -29.98
N HIS D 277 36.60 -5.27 -30.69
CA HIS D 277 36.01 -4.07 -30.11
C HIS D 277 34.53 -4.27 -29.81
N GLU D 278 33.79 -4.78 -30.80
CA GLU D 278 32.36 -4.96 -30.62
C GLU D 278 32.07 -6.09 -29.64
N THR D 279 32.91 -7.12 -29.61
CA THR D 279 32.76 -8.16 -28.61
C THR D 279 32.95 -7.62 -27.20
N THR D 280 33.96 -6.76 -27.00
CA THR D 280 34.17 -6.16 -25.70
C THR D 280 32.99 -5.29 -25.31
N TYR D 281 32.49 -4.49 -26.26
CA TYR D 281 31.34 -3.63 -25.95
C TYR D 281 30.13 -4.47 -25.57
N ASN D 282 29.88 -5.55 -26.32
CA ASN D 282 28.76 -6.42 -26.00
C ASN D 282 28.92 -7.05 -24.63
N SER D 283 30.13 -7.48 -24.30
CA SER D 283 30.38 -8.06 -22.98
C SER D 283 30.08 -7.05 -21.89
N ILE D 284 30.50 -5.79 -22.08
CA ILE D 284 30.20 -4.77 -21.08
C ILE D 284 28.69 -4.57 -20.96
N MET D 285 27.99 -4.52 -22.09
CA MET D 285 26.54 -4.31 -22.02
C MET D 285 25.80 -5.52 -21.45
N LYS D 286 26.47 -6.67 -21.34
CA LYS D 286 25.85 -7.80 -20.66
C LYS D 286 25.84 -7.63 -19.15
N CYS D 287 26.55 -6.63 -18.63
CA CYS D 287 26.70 -6.46 -17.20
C CYS D 287 25.64 -5.50 -16.65
N ASP D 288 25.62 -5.39 -15.32
CA ASP D 288 24.68 -4.49 -14.66
C ASP D 288 25.01 -3.05 -15.03
N ILE D 289 23.96 -2.22 -15.10
CA ILE D 289 24.12 -0.84 -15.55
C ILE D 289 25.07 -0.08 -14.63
N ASP D 290 25.08 -0.42 -13.34
CA ASP D 290 25.81 0.39 -12.38
C ASP D 290 27.32 0.21 -12.52
N ILE D 291 27.78 -0.94 -13.00
CA ILE D 291 29.21 -1.21 -13.05
C ILE D 291 29.83 -0.92 -14.42
N ARG D 292 29.04 -0.53 -15.41
CA ARG D 292 29.59 -0.30 -16.74
C ARG D 292 30.58 0.85 -16.74
N LYS D 293 30.33 1.87 -15.92
CA LYS D 293 31.25 3.00 -15.87
C LYS D 293 32.64 2.57 -15.45
N ASP D 294 32.75 1.71 -14.44
CA ASP D 294 34.06 1.22 -14.02
C ASP D 294 34.69 0.32 -15.07
N LEU D 295 33.89 -0.51 -15.75
CA LEU D 295 34.43 -1.41 -16.75
C LEU D 295 35.01 -0.63 -17.93
N TYR D 296 34.31 0.43 -18.36
CA TYR D 296 34.80 1.21 -19.49
C TYR D 296 36.20 1.75 -19.23
N ALA D 297 36.50 2.07 -17.97
CA ALA D 297 37.76 2.72 -17.65
C ALA D 297 38.88 1.75 -17.34
N ASN D 298 38.62 0.44 -17.37
CA ASN D 298 39.59 -0.56 -16.98
C ASN D 298 39.67 -1.67 -18.01
N ASN D 299 39.77 -1.30 -19.28
CA ASN D 299 39.99 -2.28 -20.34
C ASN D 299 41.43 -2.77 -20.28
N VAL D 300 41.64 -3.98 -19.81
CA VAL D 300 42.97 -4.55 -19.63
C VAL D 300 43.26 -5.45 -20.82
N MET D 301 44.46 -5.31 -21.39
CA MET D 301 44.89 -6.10 -22.53
C MET D 301 45.98 -7.07 -22.12
N SER D 302 46.01 -8.21 -22.79
CA SER D 302 47.05 -9.20 -22.55
C SER D 302 47.09 -10.19 -23.70
N GLY D 303 48.13 -11.01 -23.71
CA GLY D 303 48.32 -11.97 -24.78
C GLY D 303 49.20 -11.44 -25.88
N GLY D 304 49.74 -12.37 -26.67
CA GLY D 304 50.66 -11.98 -27.72
C GLY D 304 50.04 -11.11 -28.79
N THR D 305 48.83 -11.45 -29.24
CA THR D 305 48.21 -10.73 -30.35
C THR D 305 47.77 -9.32 -29.99
N THR D 306 47.82 -8.93 -28.72
CA THR D 306 47.60 -7.55 -28.34
C THR D 306 48.89 -6.74 -28.41
N MET D 307 49.93 -7.25 -29.06
CA MET D 307 51.20 -6.57 -29.16
C MET D 307 51.38 -5.82 -30.48
N TYR D 308 50.41 -5.89 -31.39
CA TYR D 308 50.52 -5.14 -32.62
C TYR D 308 50.55 -3.64 -32.30
N PRO D 309 51.51 -2.89 -32.84
CA PRO D 309 51.49 -1.44 -32.61
C PRO D 309 50.19 -0.82 -33.09
N GLY D 310 49.65 0.09 -32.30
CA GLY D 310 48.42 0.77 -32.63
C GLY D 310 47.15 0.02 -32.26
N ILE D 311 47.26 -1.16 -31.68
CA ILE D 311 46.07 -1.91 -31.28
C ILE D 311 45.31 -1.16 -30.19
N ALA D 312 46.03 -0.61 -29.21
CA ALA D 312 45.37 0.08 -28.11
C ALA D 312 44.61 1.31 -28.61
N ASP D 313 45.22 2.11 -29.47
CA ASP D 313 44.56 3.30 -29.99
C ASP D 313 43.33 2.93 -30.80
N ARG D 314 43.46 1.89 -31.64
CA ARG D 314 42.32 1.48 -32.46
C ARG D 314 41.17 1.00 -31.59
N MET D 315 41.48 0.23 -30.54
CA MET D 315 40.43 -0.24 -29.65
C MET D 315 39.77 0.93 -28.92
N GLN D 316 40.57 1.90 -28.46
CA GLN D 316 39.99 3.06 -27.80
C GLN D 316 39.06 3.81 -28.74
N LYS D 317 39.49 4.03 -29.98
CA LYS D 317 38.66 4.74 -30.94
C LYS D 317 37.35 3.98 -31.17
N GLU D 318 37.43 2.67 -31.38
CA GLU D 318 36.23 1.90 -31.68
C GLU D 318 35.27 1.88 -30.49
N ILE D 319 35.80 1.64 -29.29
CA ILE D 319 34.94 1.60 -28.11
C ILE D 319 34.29 2.97 -27.89
N THR D 320 35.07 4.04 -28.00
CA THR D 320 34.49 5.37 -27.87
C THR D 320 33.39 5.59 -28.89
N ALA D 321 33.56 5.09 -30.11
CA ALA D 321 32.49 5.18 -31.09
C ALA D 321 31.26 4.41 -30.65
N LEU D 322 31.44 3.24 -30.03
CA LEU D 322 30.30 2.43 -29.63
C LEU D 322 29.66 2.94 -28.34
N ALA D 323 30.47 3.20 -27.32
CA ALA D 323 29.93 3.58 -26.02
C ALA D 323 29.41 5.01 -26.05
N PRO D 324 28.51 5.36 -25.12
CA PRO D 324 27.99 6.72 -25.09
C PRO D 324 29.02 7.71 -24.59
N SER D 325 28.78 8.98 -24.90
CA SER D 325 29.66 10.03 -24.43
C SER D 325 29.62 10.12 -22.92
N THR D 326 30.43 10.99 -22.33
CA THR D 326 30.45 11.18 -20.89
C THR D 326 31.04 9.97 -20.18
N MET D 327 31.53 8.99 -20.93
CA MET D 327 32.16 7.82 -20.34
C MET D 327 33.65 7.85 -20.59
N LYS D 328 34.45 7.79 -19.52
CA LYS D 328 35.89 7.78 -19.64
C LYS D 328 36.34 6.38 -20.02
N ILE D 329 36.89 6.24 -21.22
CA ILE D 329 37.35 4.97 -21.74
C ILE D 329 38.87 4.98 -21.75
N LYS D 330 39.47 4.08 -20.97
CA LYS D 330 40.91 3.97 -20.87
C LYS D 330 41.30 2.51 -21.06
N ILE D 331 42.29 2.27 -21.91
CA ILE D 331 42.75 0.94 -22.23
C ILE D 331 44.15 0.76 -21.65
N ILE D 332 44.30 -0.20 -20.76
CA ILE D 332 45.55 -0.46 -20.06
C ILE D 332 46.32 -1.52 -20.85
N ALA D 333 47.45 -1.13 -21.41
CA ALA D 333 48.28 -2.01 -22.23
C ALA D 333 49.70 -1.97 -21.71
N PRO D 334 50.02 -2.74 -20.68
CA PRO D 334 51.36 -2.71 -20.11
C PRO D 334 52.37 -3.18 -21.13
N PRO D 335 53.62 -2.70 -21.04
CA PRO D 335 54.66 -3.21 -21.95
C PRO D 335 54.88 -4.72 -21.82
N GLU D 336 54.59 -5.29 -20.65
CA GLU D 336 54.74 -6.73 -20.43
C GLU D 336 53.44 -7.49 -20.65
N ARG D 337 52.58 -7.01 -21.56
CA ARG D 337 51.34 -7.71 -21.86
C ARG D 337 51.59 -9.18 -22.18
N LYS D 338 52.67 -9.47 -22.89
CA LYS D 338 52.88 -10.81 -23.41
C LYS D 338 52.93 -11.85 -22.30
N TYR D 339 53.38 -11.45 -21.10
CA TYR D 339 53.52 -12.37 -19.98
C TYR D 339 52.57 -12.06 -18.83
N SER D 340 51.47 -11.34 -19.10
CA SER D 340 50.58 -10.97 -18.02
C SER D 340 49.99 -12.18 -17.32
N VAL D 341 49.57 -13.19 -18.06
CA VAL D 341 48.96 -14.35 -17.45
C VAL D 341 49.94 -15.06 -16.53
N TRP D 342 51.18 -15.26 -16.99
CA TRP D 342 52.15 -15.95 -16.16
C TRP D 342 52.52 -15.12 -14.95
N ILE D 343 52.66 -13.81 -15.12
CA ILE D 343 52.98 -12.94 -13.99
C ILE D 343 51.89 -13.04 -12.94
N GLY D 344 50.63 -12.97 -13.37
CA GLY D 344 49.53 -13.09 -12.42
C GLY D 344 49.52 -14.43 -11.74
N GLY D 345 49.75 -15.51 -12.49
CA GLY D 345 49.82 -16.81 -11.88
C GLY D 345 50.92 -16.91 -10.85
N SER D 346 52.06 -16.28 -11.12
CA SER D 346 53.14 -16.23 -10.14
C SER D 346 52.70 -15.50 -8.89
N ILE D 347 52.01 -14.37 -9.04
CA ILE D 347 51.51 -13.64 -7.88
C ILE D 347 50.52 -14.49 -7.11
N LEU D 348 49.56 -15.10 -7.81
CA LEU D 348 48.51 -15.84 -7.13
C LEU D 348 49.06 -17.02 -6.35
N ALA D 349 49.99 -17.77 -6.94
CA ALA D 349 50.51 -18.95 -6.28
C ALA D 349 51.34 -18.62 -5.05
N SER D 350 51.89 -17.41 -4.97
CA SER D 350 52.72 -17.04 -3.84
C SER D 350 51.93 -16.48 -2.67
N LEU D 351 50.68 -16.07 -2.89
CA LEU D 351 49.87 -15.57 -1.79
C LEU D 351 49.67 -16.65 -0.74
N SER D 352 49.68 -16.25 0.53
CA SER D 352 49.45 -17.20 1.62
C SER D 352 47.99 -17.64 1.67
N THR D 353 47.05 -16.71 1.44
CA THR D 353 45.64 -17.07 1.50
C THR D 353 45.26 -18.06 0.41
N PHE D 354 45.99 -18.08 -0.70
CA PHE D 354 45.67 -18.99 -1.79
C PHE D 354 46.01 -20.44 -1.46
N GLN D 355 46.88 -20.67 -0.47
CA GLN D 355 47.41 -22.00 -0.24
C GLN D 355 46.35 -23.00 0.20
N GLN D 356 45.15 -22.53 0.57
CA GLN D 356 44.08 -23.45 0.92
C GLN D 356 43.33 -23.97 -0.30
N MET D 357 43.58 -23.40 -1.48
CA MET D 357 42.82 -23.74 -2.67
C MET D 357 43.51 -24.75 -3.57
N TRP D 358 44.64 -25.32 -3.15
CA TRP D 358 45.28 -26.35 -3.94
C TRP D 358 44.42 -27.61 -3.96
N ILE D 359 44.66 -28.46 -4.95
CA ILE D 359 44.03 -29.78 -5.02
C ILE D 359 45.11 -30.81 -4.72
N THR D 360 45.17 -31.27 -3.47
CA THR D 360 46.15 -32.27 -3.09
C THR D 360 45.80 -33.62 -3.68
N LYS D 361 46.83 -34.45 -3.89
CA LYS D 361 46.60 -35.74 -4.51
C LYS D 361 45.70 -36.62 -3.66
N GLN D 362 45.69 -36.41 -2.35
CA GLN D 362 44.85 -37.22 -1.48
C GLN D 362 43.38 -37.05 -1.82
N GLU D 363 42.92 -35.80 -1.88
CA GLU D 363 41.51 -35.57 -2.19
C GLU D 363 41.21 -35.86 -3.66
N TYR D 364 42.20 -35.71 -4.54
CA TYR D 364 41.99 -36.13 -5.93
C TYR D 364 41.70 -37.63 -6.00
N ASP D 365 42.48 -38.44 -5.27
CA ASP D 365 42.19 -39.87 -5.22
C ASP D 365 40.84 -40.13 -4.57
N GLU D 366 40.51 -39.37 -3.52
CA GLU D 366 39.24 -39.57 -2.83
C GLU D 366 38.06 -39.31 -3.76
N ALA D 367 38.13 -38.26 -4.57
CA ALA D 367 37.00 -37.82 -5.38
C ALA D 367 37.19 -38.01 -6.88
N GLY D 368 38.42 -38.18 -7.34
CA GLY D 368 38.68 -38.39 -8.75
C GLY D 368 38.81 -37.09 -9.51
N PRO D 369 38.98 -37.17 -10.84
CA PRO D 369 39.18 -35.96 -11.63
C PRO D 369 38.02 -34.99 -11.57
N SER D 370 36.81 -35.46 -11.28
CA SER D 370 35.65 -34.58 -11.21
C SER D 370 35.81 -33.49 -10.17
N ILE D 371 36.82 -33.58 -9.32
CA ILE D 371 37.04 -32.57 -8.29
C ILE D 371 37.38 -31.22 -8.90
N VAL D 372 38.10 -31.21 -10.03
CA VAL D 372 38.66 -29.97 -10.56
C VAL D 372 37.59 -28.91 -10.82
N HIS D 373 36.34 -29.31 -11.05
CA HIS D 373 35.30 -28.36 -11.38
C HIS D 373 34.66 -27.70 -10.16
N ARG D 374 35.05 -28.09 -8.95
CA ARG D 374 34.44 -27.52 -7.76
C ARG D 374 34.83 -26.05 -7.60
N THR E 7 -56.01 -8.47 -2.05
CA THR E 7 -54.74 -9.25 -2.24
C THR E 7 -53.89 -9.20 -0.97
N THR E 8 -52.98 -10.15 -0.86
CA THR E 8 -52.05 -10.17 0.26
C THR E 8 -51.09 -8.99 0.16
N ALA E 9 -50.64 -8.52 1.32
CA ALA E 9 -49.77 -7.35 1.40
C ALA E 9 -48.31 -7.77 1.51
N LEU E 10 -47.44 -6.90 1.04
CA LEU E 10 -46.00 -7.12 1.18
C LEU E 10 -45.49 -6.48 2.46
N VAL E 11 -44.50 -7.13 3.07
CA VAL E 11 -43.81 -6.61 4.24
C VAL E 11 -42.33 -6.56 3.91
N CYS E 12 -41.78 -5.35 3.85
CA CYS E 12 -40.38 -5.13 3.47
C CYS E 12 -39.68 -4.40 4.61
N ASP E 13 -38.85 -5.12 5.36
CA ASP E 13 -38.08 -4.53 6.46
C ASP E 13 -36.68 -4.22 5.95
N ASN E 14 -36.57 -3.11 5.22
CA ASN E 14 -35.30 -2.70 4.62
C ASN E 14 -34.47 -1.96 5.68
N GLY E 15 -33.72 -2.75 6.44
CA GLY E 15 -32.83 -2.21 7.44
C GLY E 15 -31.51 -1.77 6.84
N SER E 16 -30.59 -1.38 7.72
CA SER E 16 -29.30 -0.87 7.27
C SER E 16 -28.43 -1.97 6.66
N GLY E 17 -28.51 -3.18 7.19
CA GLY E 17 -27.64 -4.25 6.75
C GLY E 17 -28.27 -5.21 5.76
N LEU E 18 -29.48 -5.67 6.06
CA LEU E 18 -30.15 -6.69 5.25
C LEU E 18 -31.52 -6.21 4.83
N VAL E 19 -32.00 -6.71 3.71
CA VAL E 19 -33.38 -6.51 3.28
C VAL E 19 -34.14 -7.80 3.51
N LYS E 20 -35.19 -7.73 4.33
CA LYS E 20 -36.06 -8.87 4.60
C LYS E 20 -37.43 -8.56 4.02
N ALA E 21 -37.84 -9.32 3.02
CA ALA E 21 -39.09 -9.07 2.32
C ALA E 21 -39.88 -10.37 2.24
N GLY E 22 -41.19 -10.22 2.12
CA GLY E 22 -42.07 -11.38 2.08
C GLY E 22 -43.51 -10.94 1.96
N PHE E 23 -44.41 -11.87 2.27
CA PHE E 23 -45.84 -11.62 2.18
C PHE E 23 -46.47 -11.61 3.57
N ALA E 24 -47.41 -10.70 3.77
CA ALA E 24 -48.10 -10.63 5.06
C ALA E 24 -48.80 -11.95 5.35
N GLY E 25 -48.70 -12.38 6.61
CA GLY E 25 -49.27 -13.64 7.03
C GLY E 25 -48.34 -14.83 6.92
N ASP E 26 -47.26 -14.72 6.16
CA ASP E 26 -46.28 -15.79 6.06
C ASP E 26 -45.41 -15.81 7.31
N ASP E 27 -44.94 -17.01 7.66
CA ASP E 27 -44.25 -17.19 8.93
C ASP E 27 -42.88 -16.52 8.98
N ALA E 28 -42.09 -16.62 7.92
CA ALA E 28 -40.74 -16.09 7.90
C ALA E 28 -40.54 -15.35 6.59
N PRO E 29 -39.60 -14.40 6.54
CA PRO E 29 -39.36 -13.67 5.29
C PRO E 29 -38.94 -14.61 4.17
N ARG E 30 -39.41 -14.30 2.96
CA ARG E 30 -39.08 -15.14 1.81
C ARG E 30 -37.72 -14.77 1.22
N ALA E 31 -37.43 -13.48 1.13
CA ALA E 31 -36.17 -12.98 0.58
C ALA E 31 -35.37 -12.31 1.68
N VAL E 32 -34.11 -12.72 1.83
CA VAL E 32 -33.20 -12.16 2.82
C VAL E 32 -31.84 -12.02 2.15
N PHE E 33 -31.49 -10.80 1.74
CA PHE E 33 -30.24 -10.56 1.04
C PHE E 33 -29.64 -9.26 1.54
N PRO E 34 -28.32 -9.12 1.51
CA PRO E 34 -27.69 -7.91 2.05
C PRO E 34 -28.05 -6.67 1.23
N SER E 35 -28.15 -5.54 1.92
CA SER E 35 -28.48 -4.26 1.30
C SER E 35 -27.20 -3.64 0.74
N ILE E 36 -26.72 -4.22 -0.35
CA ILE E 36 -25.44 -3.87 -0.94
C ILE E 36 -25.64 -3.64 -2.44
N VAL E 37 -24.99 -2.61 -2.96
CA VAL E 37 -24.90 -2.37 -4.40
C VAL E 37 -23.43 -2.25 -4.76
N GLY E 38 -22.97 -3.09 -5.68
CA GLY E 38 -21.58 -3.11 -6.11
C GLY E 38 -21.47 -2.71 -7.58
N ARG E 39 -20.41 -1.97 -7.89
CA ARG E 39 -20.10 -1.58 -9.25
C ARG E 39 -18.67 -1.94 -9.57
N PRO E 40 -18.38 -2.36 -10.80
CA PRO E 40 -17.02 -2.80 -11.12
C PRO E 40 -16.00 -1.69 -10.89
N ARG E 41 -14.84 -2.07 -10.36
CA ARG E 41 -13.75 -1.14 -10.10
C ARG E 41 -12.52 -1.44 -10.93
N HIS E 42 -12.68 -2.21 -12.01
CA HIS E 42 -11.57 -2.58 -12.87
C HIS E 42 -12.00 -2.43 -14.32
N GLN E 43 -11.04 -2.55 -15.23
CA GLN E 43 -11.33 -2.42 -16.65
C GLN E 43 -11.69 -3.78 -17.24
N GLY E 44 -12.82 -3.83 -17.94
CA GLY E 44 -13.19 -5.06 -18.62
C GLY E 44 -12.42 -5.20 -19.93
N VAL E 45 -12.05 -6.43 -20.24
CA VAL E 45 -11.29 -6.72 -21.46
C VAL E 45 -11.98 -7.71 -22.38
N MET E 46 -12.93 -8.51 -21.90
CA MET E 46 -13.59 -9.51 -22.72
C MET E 46 -14.94 -8.99 -23.19
N VAL E 47 -15.24 -9.21 -24.46
CA VAL E 47 -16.40 -8.61 -25.08
C VAL E 47 -17.67 -9.33 -24.63
N GLY E 48 -18.69 -8.55 -24.29
CA GLY E 48 -20.00 -9.09 -23.95
C GLY E 48 -20.01 -9.94 -22.71
N MET E 49 -20.35 -11.22 -22.87
CA MET E 49 -20.41 -12.20 -21.78
C MET E 49 -21.21 -11.69 -20.59
N GLY E 50 -22.26 -10.91 -20.83
CA GLY E 50 -23.16 -10.51 -19.77
C GLY E 50 -22.51 -9.73 -18.65
N GLN E 51 -21.72 -8.71 -18.97
CA GLN E 51 -21.12 -7.85 -17.96
C GLN E 51 -22.07 -6.71 -17.64
N LYS E 52 -22.66 -6.75 -16.45
CA LYS E 52 -23.59 -5.71 -16.03
C LYS E 52 -22.84 -4.55 -15.40
N ASP E 53 -23.44 -3.37 -15.44
CA ASP E 53 -22.80 -2.18 -14.90
C ASP E 53 -22.98 -2.05 -13.40
N SER E 54 -23.81 -2.89 -12.77
CA SER E 54 -23.97 -2.86 -11.33
C SER E 54 -24.54 -4.20 -10.87
N TYR E 55 -24.30 -4.50 -9.61
CA TYR E 55 -24.79 -5.73 -9.00
C TYR E 55 -25.43 -5.40 -7.66
N VAL E 56 -26.42 -6.18 -7.27
CA VAL E 56 -27.22 -5.92 -6.09
C VAL E 56 -27.39 -7.20 -5.29
N GLY E 57 -27.32 -7.08 -3.97
CA GLY E 57 -27.69 -8.21 -3.13
C GLY E 57 -26.68 -9.34 -3.18
N ASP E 58 -27.19 -10.56 -3.19
CA ASP E 58 -26.32 -11.74 -3.15
C ASP E 58 -25.40 -11.80 -4.35
N GLU E 59 -25.83 -11.26 -5.50
CA GLU E 59 -24.96 -11.25 -6.66
C GLU E 59 -23.71 -10.43 -6.39
N ALA E 60 -23.86 -9.28 -5.72
CA ALA E 60 -22.70 -8.46 -5.41
C ALA E 60 -21.77 -9.15 -4.44
N GLN E 61 -22.32 -9.92 -3.50
CA GLN E 61 -21.47 -10.65 -2.56
C GLN E 61 -20.60 -11.67 -3.27
N SER E 62 -21.18 -12.40 -4.24
CA SER E 62 -20.40 -13.41 -4.95
C SER E 62 -19.25 -12.78 -5.73
N LYS E 63 -19.51 -11.66 -6.39
CA LYS E 63 -18.52 -10.99 -7.22
C LYS E 63 -17.80 -9.88 -6.48
N ARG E 64 -17.74 -9.93 -5.15
CA ARG E 64 -17.18 -8.80 -4.42
C ARG E 64 -15.69 -8.63 -4.65
N GLY E 65 -15.04 -9.62 -5.26
CA GLY E 65 -13.61 -9.49 -5.53
C GLY E 65 -13.28 -8.37 -6.49
N ILE E 66 -14.17 -8.13 -7.47
CA ILE E 66 -13.92 -7.12 -8.50
C ILE E 66 -14.80 -5.89 -8.34
N LEU E 67 -15.64 -5.85 -7.31
CA LEU E 67 -16.61 -4.77 -7.14
C LEU E 67 -16.23 -3.90 -5.95
N THR E 68 -16.67 -2.65 -5.97
CA THR E 68 -16.62 -1.81 -4.79
C THR E 68 -18.03 -1.72 -4.20
N LEU E 69 -18.18 -2.17 -2.97
CA LEU E 69 -19.48 -2.34 -2.34
C LEU E 69 -19.85 -1.08 -1.56
N LYS E 70 -21.11 -0.68 -1.67
CA LYS E 70 -21.61 0.48 -0.96
C LYS E 70 -22.99 0.18 -0.37
N TYR E 71 -23.18 0.58 0.88
CA TYR E 71 -24.48 0.44 1.51
C TYR E 71 -25.31 1.70 1.28
N PRO E 72 -26.50 1.60 0.68
CA PRO E 72 -27.31 2.81 0.50
C PRO E 72 -27.87 3.36 1.80
N ILE E 73 -27.91 2.58 2.87
CA ILE E 73 -28.48 3.01 4.14
C ILE E 73 -27.38 3.04 5.19
N GLU E 74 -27.26 4.15 5.90
CA GLU E 74 -26.31 4.29 6.98
C GLU E 74 -27.01 4.86 8.21
N HIC E 75 -26.94 4.13 9.32
CA HIC E 75 -27.55 4.55 10.55
C HIC E 75 -29.03 4.78 10.37
O HIC E 75 -29.66 5.68 10.93
CB HIC E 75 -26.97 5.86 11.13
CG HIC E 75 -25.55 5.71 11.51
ND1 HIC E 75 -25.01 4.64 12.24
CD2 HIC E 75 -24.53 6.63 11.20
CE1 HIC E 75 -23.70 4.91 12.37
NE2 HIC E 75 -23.36 6.11 11.75
CZ HIC E 75 -22.07 6.70 11.68
H HIC E 75 -26.48 3.24 9.41
HA HIC E 75 -27.41 3.73 11.31
HB2 HIC E 75 -27.06 6.67 10.37
HB3 HIC E 75 -27.56 6.16 12.04
HD2 HIC E 75 -24.55 7.57 10.65
HE1 HIC E 75 -22.96 4.27 12.88
HZ1 HIC E 75 -22.09 7.74 12.08
HZ2 HIC E 75 -21.34 6.11 12.29
HZ3 HIC E 75 -21.71 6.72 10.61
N GLY E 76 -29.63 3.92 9.56
CA GLY E 76 -31.07 3.93 9.36
C GLY E 76 -31.57 5.02 8.45
N ILE E 77 -30.66 5.81 7.89
CA ILE E 77 -31.00 6.91 7.00
C ILE E 77 -30.51 6.56 5.61
N ILE E 78 -31.40 6.66 4.62
CA ILE E 78 -31.06 6.40 3.23
C ILE E 78 -30.20 7.56 2.73
N THR E 79 -29.01 7.24 2.22
CA THR E 79 -28.08 8.26 1.76
C THR E 79 -27.95 8.33 0.25
N ASN E 80 -28.28 7.26 -0.47
CA ASN E 80 -28.21 7.25 -1.93
C ASN E 80 -29.54 6.70 -2.43
N TRP E 81 -30.38 7.58 -2.97
CA TRP E 81 -31.73 7.17 -3.34
C TRP E 81 -31.74 6.41 -4.67
N ASP E 82 -30.74 6.60 -5.52
CA ASP E 82 -30.64 5.78 -6.72
C ASP E 82 -30.34 4.33 -6.36
N ASP E 83 -29.38 4.11 -5.47
CA ASP E 83 -29.10 2.76 -5.02
C ASP E 83 -30.28 2.15 -4.29
N MET E 84 -31.05 2.97 -3.57
CA MET E 84 -32.20 2.44 -2.85
C MET E 84 -33.32 2.06 -3.81
N GLU E 85 -33.54 2.87 -4.85
CA GLU E 85 -34.47 2.48 -5.90
C GLU E 85 -34.02 1.17 -6.54
N LYS E 86 -32.71 1.03 -6.75
CA LYS E 86 -32.18 -0.21 -7.31
C LYS E 86 -32.47 -1.39 -6.40
N ILE E 87 -32.27 -1.21 -5.09
CA ILE E 87 -32.49 -2.29 -4.14
C ILE E 87 -33.95 -2.69 -4.11
N TRP E 88 -34.86 -1.71 -4.11
CA TRP E 88 -36.28 -2.04 -4.09
C TRP E 88 -36.70 -2.71 -5.38
N HIS E 89 -36.19 -2.24 -6.52
CA HIS E 89 -36.49 -2.90 -7.78
C HIS E 89 -36.06 -4.36 -7.74
N HIS E 90 -34.85 -4.61 -7.26
CA HIS E 90 -34.40 -5.99 -7.10
C HIS E 90 -35.35 -6.77 -6.20
N THR E 91 -35.64 -6.24 -5.02
CA THR E 91 -36.48 -6.97 -4.07
C THR E 91 -37.81 -7.36 -4.70
N PHE E 92 -38.49 -6.42 -5.36
CA PHE E 92 -39.81 -6.71 -5.90
C PHE E 92 -39.73 -7.66 -7.08
N TYR E 93 -38.82 -7.40 -8.03
CA TYR E 93 -38.91 -8.09 -9.31
C TYR E 93 -38.10 -9.37 -9.38
N ASN E 94 -36.94 -9.44 -8.73
CA ASN E 94 -36.06 -10.60 -8.86
C ASN E 94 -36.15 -11.54 -7.67
N GLU E 95 -36.38 -11.02 -6.47
CA GLU E 95 -36.48 -11.88 -5.29
C GLU E 95 -37.91 -12.36 -5.09
N LEU E 96 -38.85 -11.43 -4.93
CA LEU E 96 -40.25 -11.81 -4.77
C LEU E 96 -40.92 -12.13 -6.09
N ARG E 97 -40.55 -11.44 -7.16
CA ARG E 97 -41.17 -11.60 -8.47
C ARG E 97 -42.67 -11.35 -8.39
N VAL E 98 -43.02 -10.11 -8.04
CA VAL E 98 -44.41 -9.69 -7.90
C VAL E 98 -44.59 -8.34 -8.59
N ALA E 99 -45.83 -8.03 -8.90
CA ALA E 99 -46.16 -6.70 -9.43
C ALA E 99 -46.44 -5.77 -8.27
N PRO E 100 -45.64 -4.73 -8.06
CA PRO E 100 -45.89 -3.85 -6.90
C PRO E 100 -47.29 -3.25 -6.90
N GLU E 101 -47.85 -2.97 -8.07
CA GLU E 101 -49.17 -2.36 -8.13
C GLU E 101 -50.28 -3.29 -7.66
N GLU E 102 -50.00 -4.58 -7.48
CA GLU E 102 -51.01 -5.54 -7.07
C GLU E 102 -51.06 -5.75 -5.57
N HIS E 103 -50.10 -5.23 -4.80
CA HIS E 103 -50.01 -5.50 -3.38
C HIS E 103 -49.77 -4.21 -2.60
N PRO E 104 -50.47 -3.98 -1.50
CA PRO E 104 -50.05 -2.92 -0.58
C PRO E 104 -48.83 -3.36 0.22
N THR E 105 -47.89 -2.44 0.39
CA THR E 105 -46.59 -2.74 0.96
C THR E 105 -46.44 -2.06 2.31
N LEU E 106 -45.89 -2.79 3.28
CA LEU E 106 -45.62 -2.26 4.61
C LEU E 106 -44.12 -2.12 4.77
N LEU E 107 -43.67 -0.89 5.05
CA LEU E 107 -42.26 -0.61 5.29
C LEU E 107 -42.02 -0.39 6.77
N THR E 108 -40.77 -0.17 7.12
CA THR E 108 -40.38 0.08 8.50
C THR E 108 -39.33 1.19 8.55
N GLU E 109 -39.25 1.84 9.70
CA GLU E 109 -38.27 2.90 9.91
C GLU E 109 -37.90 2.95 11.38
N ALA E 110 -36.71 3.48 11.66
CA ALA E 110 -36.28 3.63 13.03
C ALA E 110 -36.88 4.91 13.63
N PRO E 111 -37.03 4.96 14.94
CA PRO E 111 -37.57 6.17 15.57
C PRO E 111 -36.56 7.32 15.51
N LEU E 112 -37.10 8.53 15.59
CA LEU E 112 -36.28 9.74 15.60
C LEU E 112 -35.45 9.85 14.32
N ASN E 113 -36.05 9.48 13.20
CA ASN E 113 -35.40 9.65 11.91
C ASN E 113 -35.83 10.97 11.28
N PRO E 114 -35.05 11.50 10.33
CA PRO E 114 -35.48 12.71 9.64
C PRO E 114 -36.80 12.51 8.93
N LYS E 115 -37.62 13.56 8.91
CA LYS E 115 -38.91 13.48 8.22
C LYS E 115 -38.73 13.33 6.71
N ALA E 116 -37.73 14.01 6.15
CA ALA E 116 -37.52 13.94 4.71
C ALA E 116 -37.27 12.52 4.25
N ASN E 117 -36.62 11.71 5.09
CA ASN E 117 -36.38 10.32 4.73
C ASN E 117 -37.69 9.59 4.48
N ARG E 118 -38.61 9.65 5.43
CA ARG E 118 -39.90 8.99 5.28
C ARG E 118 -40.70 9.57 4.12
N GLU E 119 -40.67 10.89 3.95
CA GLU E 119 -41.43 11.51 2.87
C GLU E 119 -40.91 11.04 1.51
N LYS E 120 -39.59 11.03 1.33
CA LYS E 120 -39.01 10.60 0.07
C LYS E 120 -39.29 9.12 -0.17
N MET E 121 -39.24 8.30 0.89
CA MET E 121 -39.55 6.88 0.74
C MET E 121 -40.99 6.70 0.27
N THR E 122 -41.92 7.43 0.87
CA THR E 122 -43.32 7.34 0.45
C THR E 122 -43.48 7.78 -1.01
N GLN E 123 -42.83 8.87 -1.39
CA GLN E 123 -42.94 9.36 -2.75
C GLN E 123 -42.43 8.32 -3.74
N ILE E 124 -41.26 7.73 -3.46
CA ILE E 124 -40.72 6.72 -4.35
C ILE E 124 -41.67 5.53 -4.45
N MET E 125 -42.19 5.09 -3.31
CA MET E 125 -43.06 3.91 -3.33
C MET E 125 -44.33 4.16 -4.14
N PHE E 126 -44.93 5.34 -3.99
CA PHE E 126 -46.18 5.61 -4.70
C PHE E 126 -45.96 5.90 -6.18
N GLU E 127 -44.90 6.62 -6.52
CA GLU E 127 -44.73 7.09 -7.88
C GLU E 127 -43.89 6.14 -8.74
N THR E 128 -42.72 5.74 -8.26
CA THR E 128 -41.84 4.89 -9.04
C THR E 128 -42.38 3.46 -9.15
N PHE E 129 -42.96 2.93 -8.08
CA PHE E 129 -43.45 1.56 -8.06
C PHE E 129 -44.97 1.47 -8.17
N ASN E 130 -45.67 2.60 -8.14
CA ASN E 130 -47.12 2.60 -8.36
C ASN E 130 -47.84 1.63 -7.43
N VAL E 131 -47.44 1.62 -6.16
CA VAL E 131 -48.07 0.71 -5.19
C VAL E 131 -49.47 1.24 -4.86
N PRO E 132 -50.45 0.37 -4.63
CA PRO E 132 -51.80 0.89 -4.32
C PRO E 132 -51.87 1.61 -2.99
N ALA E 133 -51.33 1.01 -1.93
CA ALA E 133 -51.32 1.64 -0.62
C ALA E 133 -50.09 1.16 0.14
N MET E 134 -49.68 1.95 1.12
CA MET E 134 -48.48 1.62 1.89
C MET E 134 -48.62 2.18 3.29
N TYR E 135 -47.70 1.76 4.16
CA TYR E 135 -47.66 2.18 5.54
C TYR E 135 -46.24 2.05 6.06
N VAL E 136 -45.85 2.96 6.95
CA VAL E 136 -44.52 2.98 7.53
C VAL E 136 -44.68 2.82 9.04
N ALA E 137 -43.97 1.86 9.61
CA ALA E 137 -44.13 1.49 11.01
C ALA E 137 -42.81 1.64 11.76
N ILE E 138 -42.90 1.89 13.06
CA ILE E 138 -41.72 1.94 13.91
C ILE E 138 -41.32 0.52 14.27
N GLN E 139 -40.04 0.20 14.07
CA GLN E 139 -39.60 -1.19 14.16
C GLN E 139 -39.80 -1.77 15.54
N ALA E 140 -39.48 -0.99 16.58
CA ALA E 140 -39.62 -1.49 17.94
C ALA E 140 -41.05 -1.89 18.25
N VAL E 141 -42.04 -1.17 17.68
CA VAL E 141 -43.43 -1.54 17.89
C VAL E 141 -43.73 -2.89 17.27
N LEU E 142 -43.25 -3.11 16.05
CA LEU E 142 -43.48 -4.40 15.39
C LEU E 142 -42.81 -5.52 16.15
N SER E 143 -41.68 -5.25 16.80
CA SER E 143 -41.04 -6.28 17.60
C SER E 143 -41.97 -6.79 18.69
N LEU E 144 -42.73 -5.91 19.33
CA LEU E 144 -43.68 -6.35 20.35
C LEU E 144 -44.80 -7.19 19.76
N TYR E 145 -45.37 -6.78 18.63
CA TYR E 145 -46.33 -7.63 17.94
C TYR E 145 -45.77 -9.03 17.75
N ALA E 146 -44.52 -9.11 17.27
CA ALA E 146 -43.91 -10.42 17.07
C ALA E 146 -43.79 -11.17 18.38
N SER E 147 -43.44 -10.48 19.47
CA SER E 147 -43.33 -11.13 20.76
C SER E 147 -44.68 -11.57 21.32
N GLY E 148 -45.77 -11.01 20.81
CA GLY E 148 -47.09 -11.40 21.28
C GLY E 148 -47.48 -10.81 22.61
N ARG E 149 -47.01 -9.61 22.93
CA ARG E 149 -47.40 -8.92 24.15
C ARG E 149 -47.52 -7.43 23.87
N THR E 150 -48.30 -6.74 24.69
CA THR E 150 -48.56 -5.32 24.52
C THR E 150 -47.83 -4.44 25.50
N THR E 151 -46.98 -5.00 26.36
CA THR E 151 -46.21 -4.24 27.33
C THR E 151 -44.77 -4.70 27.28
N GLY E 152 -43.85 -3.77 27.42
CA GLY E 152 -42.44 -4.09 27.44
C GLY E 152 -41.62 -2.99 26.83
N ILE E 153 -40.32 -3.03 27.13
CA ILE E 153 -39.36 -2.09 26.58
C ILE E 153 -38.50 -2.86 25.59
N VAL E 154 -38.60 -2.48 24.32
CA VAL E 154 -37.89 -3.18 23.26
C VAL E 154 -36.50 -2.58 23.10
N LEU E 155 -35.50 -3.43 22.95
CA LEU E 155 -34.15 -3.01 22.62
C LEU E 155 -33.80 -3.61 21.26
N ASP E 156 -33.94 -2.83 20.21
CA ASP E 156 -33.68 -3.26 18.85
C ASP E 156 -32.31 -2.77 18.43
N SER E 157 -31.45 -3.70 18.03
CA SER E 157 -30.09 -3.38 17.61
C SER E 157 -29.84 -4.05 16.26
N GLY E 158 -29.86 -3.27 15.20
CA GLY E 158 -29.65 -3.78 13.86
C GLY E 158 -28.22 -3.56 13.40
N ASP E 159 -28.10 -3.12 12.15
CA ASP E 159 -26.78 -2.82 11.59
C ASP E 159 -26.43 -1.36 11.74
N GLY E 160 -27.43 -0.47 11.77
CA GLY E 160 -27.16 0.94 11.80
C GLY E 160 -27.49 1.63 13.10
N VAL E 161 -28.59 1.25 13.75
CA VAL E 161 -29.09 2.00 14.90
C VAL E 161 -29.47 1.04 16.02
N THR E 162 -29.41 1.55 17.24
CA THR E 162 -29.90 0.87 18.43
C THR E 162 -30.86 1.81 19.14
N HIS E 163 -32.08 1.36 19.39
CA HIS E 163 -33.08 2.24 20.00
C HIS E 163 -33.90 1.47 21.01
N ASN E 164 -34.45 2.21 21.97
CA ASN E 164 -35.35 1.69 22.98
C ASN E 164 -36.69 2.38 22.86
N VAL E 165 -37.76 1.60 22.96
CA VAL E 165 -39.11 2.16 22.87
C VAL E 165 -39.97 1.53 23.96
N PRO E 166 -40.21 2.21 25.09
CA PRO E 166 -41.11 1.65 26.11
C PRO E 166 -42.55 1.67 25.62
N ILE E 167 -43.28 0.59 25.90
CA ILE E 167 -44.69 0.49 25.57
C ILE E 167 -45.40 -0.16 26.75
N TYR E 168 -46.52 0.42 27.16
CA TYR E 168 -47.27 -0.05 28.31
C TYR E 168 -48.74 -0.14 27.94
N GLU E 169 -49.29 -1.35 27.96
CA GLU E 169 -50.70 -1.57 27.64
C GLU E 169 -51.07 -0.97 26.29
N GLY E 170 -50.14 -1.04 25.35
CA GLY E 170 -50.38 -0.56 24.01
C GLY E 170 -50.14 0.92 23.80
N TYR E 171 -49.79 1.66 24.83
CA TYR E 171 -49.50 3.08 24.72
C TYR E 171 -47.98 3.28 24.71
N ALA E 172 -47.49 3.95 23.68
CA ALA E 172 -46.08 4.29 23.63
C ALA E 172 -45.80 5.50 24.51
N LEU E 173 -44.51 5.71 24.80
CA LEU E 173 -44.05 6.84 25.59
C LEU E 173 -42.97 7.55 24.78
N PRO E 174 -43.36 8.41 23.84
CA PRO E 174 -42.37 9.02 22.95
C PRO E 174 -41.28 9.80 23.68
N HIS E 175 -41.57 10.34 24.85
CA HIS E 175 -40.56 11.09 25.58
C HIS E 175 -39.46 10.21 26.14
N ALA E 176 -39.72 8.91 26.28
CA ALA E 176 -38.74 7.98 26.82
C ALA E 176 -38.02 7.18 25.74
N ILE E 177 -38.30 7.45 24.46
CA ILE E 177 -37.60 6.75 23.40
C ILE E 177 -36.14 7.20 23.37
N MET E 178 -35.23 6.24 23.32
CA MET E 178 -33.80 6.50 23.23
C MET E 178 -33.27 5.93 21.93
N ARG E 179 -32.36 6.66 21.29
CA ARG E 179 -31.73 6.21 20.07
C ARG E 179 -30.22 6.35 20.22
N LEU E 180 -29.50 5.35 19.72
CA LEU E 180 -28.04 5.30 19.84
C LEU E 180 -27.48 4.88 18.50
N ASP E 181 -26.69 5.76 17.87
CA ASP E 181 -26.10 5.46 16.57
C ASP E 181 -24.83 4.63 16.73
N LEU E 182 -25.04 3.38 17.15
CA LEU E 182 -23.95 2.44 17.35
C LEU E 182 -24.54 1.05 17.22
N ALA E 183 -24.15 0.33 16.17
CA ALA E 183 -24.79 -0.93 15.84
C ALA E 183 -23.75 -1.85 15.21
N GLY E 184 -24.21 -2.90 14.52
CA GLY E 184 -23.30 -3.92 14.04
C GLY E 184 -22.17 -3.38 13.19
N ARG E 185 -22.46 -2.36 12.36
CA ARG E 185 -21.42 -1.84 11.48
C ARG E 185 -20.27 -1.23 12.26
N ASP E 186 -20.58 -0.50 13.33
CA ASP E 186 -19.51 0.09 14.15
C ASP E 186 -18.68 -0.99 14.81
N LEU E 187 -19.32 -2.07 15.25
CA LEU E 187 -18.57 -3.19 15.80
C LEU E 187 -17.68 -3.83 14.74
N THR E 188 -18.18 -3.95 13.50
CA THR E 188 -17.35 -4.48 12.43
C THR E 188 -16.13 -3.60 12.21
N ASP E 189 -16.31 -2.29 12.18
CA ASP E 189 -15.18 -1.40 11.98
C ASP E 189 -14.19 -1.49 13.14
N TYR E 190 -14.70 -1.56 14.37
CA TYR E 190 -13.81 -1.71 15.52
C TYR E 190 -13.03 -3.02 15.43
N LEU E 191 -13.69 -4.11 15.03
CA LEU E 191 -12.99 -5.38 14.87
C LEU E 191 -11.92 -5.27 13.79
N MET E 192 -12.22 -4.59 12.70
CA MET E 192 -11.21 -4.36 11.66
C MET E 192 -10.00 -3.65 12.24
N LYS E 193 -10.25 -2.59 13.03
CA LYS E 193 -9.13 -1.88 13.65
C LYS E 193 -8.39 -2.78 14.62
N ILE E 194 -9.12 -3.62 15.35
CA ILE E 194 -8.52 -4.37 16.45
C ILE E 194 -7.76 -5.58 15.94
N LEU E 195 -8.10 -6.08 14.75
CA LEU E 195 -7.37 -7.22 14.20
C LEU E 195 -5.99 -6.82 13.74
N THR E 196 -5.76 -5.53 13.45
CA THR E 196 -4.45 -5.11 12.96
C THR E 196 -3.39 -5.29 14.02
N GLU E 197 -3.70 -5.06 15.29
CA GLU E 197 -2.72 -5.24 16.34
C GLU E 197 -2.24 -6.68 16.42
N ARG E 198 -2.99 -7.63 15.86
CA ARG E 198 -2.57 -9.02 15.82
C ARG E 198 -1.82 -9.38 14.55
N GLY E 199 -1.86 -8.54 13.52
CA GLY E 199 -1.08 -8.75 12.31
C GLY E 199 -1.88 -8.77 11.03
N TYR E 200 -3.21 -8.79 11.06
CA TYR E 200 -4.02 -8.94 9.86
C TYR E 200 -4.56 -7.58 9.44
N SER E 201 -4.55 -7.32 8.13
CA SER E 201 -5.00 -6.05 7.58
C SER E 201 -6.18 -6.27 6.68
N PHE E 202 -7.29 -5.59 6.97
CA PHE E 202 -8.50 -5.65 6.17
C PHE E 202 -8.94 -4.22 5.89
N VAL E 203 -8.78 -3.78 4.64
CA VAL E 203 -8.97 -2.37 4.34
C VAL E 203 -10.02 -2.15 3.24
N THR E 204 -10.18 -3.12 2.36
CA THR E 204 -11.11 -2.94 1.25
C THR E 204 -12.54 -3.17 1.71
N THR E 205 -13.49 -2.73 0.87
CA THR E 205 -14.89 -2.99 1.16
C THR E 205 -15.19 -4.48 1.16
N ALA E 206 -14.62 -5.21 0.20
CA ALA E 206 -14.81 -6.66 0.19
C ALA E 206 -14.22 -7.31 1.43
N GLU E 207 -13.04 -6.86 1.87
CA GLU E 207 -12.46 -7.40 3.08
C GLU E 207 -13.31 -7.07 4.30
N ARG E 208 -14.04 -5.95 4.27
CA ARG E 208 -14.93 -5.63 5.37
C ARG E 208 -16.04 -6.66 5.51
N GLU E 209 -16.37 -7.37 4.41
CA GLU E 209 -17.36 -8.43 4.50
C GLU E 209 -16.80 -9.67 5.16
N ILE E 210 -15.50 -9.93 5.01
CA ILE E 210 -14.88 -11.05 5.70
C ILE E 210 -14.85 -10.81 7.20
N VAL E 211 -14.53 -9.57 7.60
CA VAL E 211 -14.51 -9.25 9.02
C VAL E 211 -15.89 -9.40 9.63
N ARG E 212 -16.93 -9.04 8.86
CA ARG E 212 -18.29 -9.22 9.36
C ARG E 212 -18.59 -10.69 9.60
N ASP E 213 -18.13 -11.57 8.71
CA ASP E 213 -18.34 -13.00 8.91
C ASP E 213 -17.58 -13.51 10.13
N ILE E 214 -16.34 -13.04 10.32
CA ILE E 214 -15.60 -13.40 11.52
C ILE E 214 -16.37 -12.96 12.76
N LYS E 215 -16.93 -11.77 12.72
CA LYS E 215 -17.73 -11.28 13.84
C LYS E 215 -18.93 -12.18 14.09
N GLU E 216 -19.68 -12.48 13.03
CA GLU E 216 -20.88 -13.30 13.17
C GLU E 216 -20.59 -14.71 13.63
N LYS E 217 -19.36 -15.20 13.42
CA LYS E 217 -19.05 -16.59 13.76
C LYS E 217 -18.32 -16.75 15.09
N LEU E 218 -17.40 -15.84 15.44
CA LEU E 218 -16.48 -16.08 16.54
C LEU E 218 -16.66 -15.17 17.75
N CYS E 219 -17.43 -14.10 17.63
CA CYS E 219 -17.53 -13.14 18.72
C CYS E 219 -18.60 -13.54 19.73
N TYR E 220 -18.37 -13.14 20.98
CA TYR E 220 -19.32 -13.40 22.06
C TYR E 220 -19.14 -12.35 23.13
N VAL E 221 -20.14 -12.21 23.99
CA VAL E 221 -20.16 -11.20 25.04
C VAL E 221 -19.71 -11.84 26.35
N ALA E 222 -18.73 -11.21 27.00
CA ALA E 222 -18.20 -11.74 28.25
C ALA E 222 -19.05 -11.30 29.43
N LEU E 223 -19.32 -12.23 30.34
CA LEU E 223 -20.11 -11.91 31.53
C LEU E 223 -19.36 -11.00 32.48
N ASP E 224 -18.03 -11.05 32.50
CA ASP E 224 -17.22 -10.18 33.33
C ASP E 224 -15.99 -9.81 32.51
N PHE E 225 -15.93 -8.56 32.04
CA PHE E 225 -14.94 -8.19 31.04
C PHE E 225 -13.52 -8.31 31.59
N GLU E 226 -13.28 -7.84 32.81
CA GLU E 226 -11.92 -7.85 33.33
C GLU E 226 -11.42 -9.26 33.55
N ASN E 227 -12.24 -10.12 34.15
CA ASN E 227 -11.83 -11.51 34.35
C ASN E 227 -11.65 -12.22 33.01
N GLU E 228 -12.51 -11.93 32.04
CA GLU E 228 -12.33 -12.53 30.72
C GLU E 228 -11.01 -12.09 30.09
N MET E 229 -10.65 -10.82 30.23
CA MET E 229 -9.39 -10.34 29.71
C MET E 229 -8.22 -11.04 30.38
N ALA E 230 -8.31 -11.19 31.71
CA ALA E 230 -7.24 -11.88 32.43
C ALA E 230 -7.11 -13.32 31.97
N THR E 231 -8.23 -14.02 31.83
CA THR E 231 -8.20 -15.41 31.37
C THR E 231 -7.61 -15.52 29.98
N ALA E 232 -7.99 -14.62 29.07
CA ALA E 232 -7.42 -14.64 27.74
C ALA E 232 -5.93 -14.37 27.77
N ALA E 233 -5.48 -13.43 28.60
CA ALA E 233 -4.05 -13.13 28.67
C ALA E 233 -3.25 -14.28 29.26
N SER E 234 -3.79 -15.02 30.22
CA SER E 234 -3.04 -16.05 30.91
C SER E 234 -3.14 -17.42 30.27
N SER E 235 -3.96 -17.59 29.22
CA SER E 235 -4.14 -18.89 28.60
C SER E 235 -4.62 -18.72 27.16
N SER E 236 -4.43 -19.78 26.37
CA SER E 236 -4.88 -19.80 24.98
C SER E 236 -6.19 -20.56 24.80
N SER E 237 -6.86 -20.94 25.88
CA SER E 237 -8.08 -21.73 25.77
C SER E 237 -9.19 -20.98 25.04
N LEU E 238 -9.10 -19.65 24.98
CA LEU E 238 -10.15 -18.85 24.36
C LEU E 238 -9.93 -18.61 22.87
N GLU E 239 -8.79 -19.03 22.32
CA GLU E 239 -8.48 -18.71 20.94
C GLU E 239 -9.23 -19.61 19.97
N LYS E 240 -9.57 -19.04 18.82
CA LYS E 240 -10.25 -19.77 17.75
C LYS E 240 -9.57 -19.41 16.44
N SER E 241 -9.77 -20.27 15.43
CA SER E 241 -9.17 -20.08 14.12
C SER E 241 -10.26 -19.96 13.07
N TYR E 242 -9.99 -19.13 12.07
CA TYR E 242 -10.92 -18.89 10.98
C TYR E 242 -10.14 -18.88 9.68
N GLU E 243 -10.72 -19.46 8.63
CA GLU E 243 -10.03 -19.64 7.36
C GLU E 243 -10.55 -18.63 6.35
N LEU E 244 -9.64 -17.84 5.78
CA LEU E 244 -10.01 -16.83 4.82
C LEU E 244 -10.31 -17.46 3.46
N PRO E 245 -10.95 -16.70 2.56
CA PRO E 245 -11.30 -17.28 1.25
C PRO E 245 -10.10 -17.78 0.47
N ASP E 246 -8.91 -17.21 0.67
CA ASP E 246 -7.73 -17.63 -0.06
C ASP E 246 -6.95 -18.73 0.67
N GLY E 247 -7.51 -19.30 1.72
CA GLY E 247 -6.87 -20.38 2.43
C GLY E 247 -6.00 -19.97 3.60
N GLN E 248 -5.71 -18.69 3.76
CA GLN E 248 -4.96 -18.24 4.92
C GLN E 248 -5.79 -18.40 6.17
N VAL E 249 -5.15 -18.86 7.25
CA VAL E 249 -5.82 -19.13 8.52
C VAL E 249 -5.36 -18.07 9.52
N ILE E 250 -6.31 -17.43 10.17
CA ILE E 250 -6.04 -16.41 11.17
C ILE E 250 -6.52 -16.92 12.53
N THR E 251 -5.81 -16.53 13.59
CA THR E 251 -6.15 -16.92 14.95
C THR E 251 -6.54 -15.68 15.74
N ILE E 252 -7.71 -15.73 16.37
CA ILE E 252 -8.28 -14.58 17.05
C ILE E 252 -8.47 -14.93 18.52
N GLY E 253 -7.99 -14.07 19.40
CA GLY E 253 -8.02 -14.35 20.82
C GLY E 253 -9.01 -13.49 21.59
N ASN E 254 -8.50 -12.59 22.44
CA ASN E 254 -9.39 -11.74 23.22
C ASN E 254 -10.15 -10.76 22.36
N GLU E 255 -9.79 -10.62 21.08
CA GLU E 255 -10.58 -9.81 20.17
C GLU E 255 -11.98 -10.39 19.99
N ARG E 256 -12.19 -11.63 20.37
CA ARG E 256 -13.51 -12.25 20.20
C ARG E 256 -14.57 -11.52 21.01
N PHE E 257 -14.25 -11.16 22.26
CA PHE E 257 -15.22 -10.51 23.12
C PHE E 257 -14.97 -9.02 23.29
N ARG E 258 -13.82 -8.51 22.85
CA ARG E 258 -13.60 -7.07 22.92
C ARG E 258 -14.44 -6.32 21.90
N CYS E 259 -14.82 -7.00 20.82
CA CYS E 259 -15.60 -6.36 19.77
C CYS E 259 -17.01 -6.03 20.27
N PRO E 260 -17.80 -7.03 20.67
CA PRO E 260 -19.15 -6.72 21.18
C PRO E 260 -19.16 -5.97 22.49
N GLU E 261 -18.03 -5.96 23.23
CA GLU E 261 -17.97 -5.17 24.46
C GLU E 261 -18.17 -3.69 24.19
N THR E 262 -17.98 -3.25 22.95
CA THR E 262 -18.23 -1.86 22.62
C THR E 262 -19.68 -1.47 22.86
N LEU E 263 -20.60 -2.44 22.79
CA LEU E 263 -22.00 -2.15 23.05
C LEU E 263 -22.19 -1.64 24.47
N PHE E 264 -21.34 -2.06 25.41
CA PHE E 264 -21.47 -1.66 26.80
C PHE E 264 -20.49 -0.57 27.20
N GLN E 265 -19.46 -0.33 26.42
CA GLN E 265 -18.49 0.74 26.66
C GLN E 265 -18.20 1.46 25.36
N PRO E 266 -19.14 2.29 24.89
CA PRO E 266 -18.92 2.99 23.61
C PRO E 266 -17.66 3.83 23.57
N SER E 267 -17.00 4.05 24.71
CA SER E 267 -15.75 4.79 24.69
C SER E 267 -14.66 4.04 23.93
N PHE E 268 -14.83 2.74 23.69
CA PHE E 268 -13.86 1.99 22.91
C PHE E 268 -13.73 2.56 21.50
N ILE E 269 -14.80 3.12 20.95
CA ILE E 269 -14.77 3.73 19.63
C ILE E 269 -14.90 5.25 19.72
N GLY E 270 -14.57 5.83 20.87
CA GLY E 270 -14.55 7.26 21.02
C GLY E 270 -15.90 7.92 21.22
N MET E 271 -16.97 7.14 21.39
CA MET E 271 -18.29 7.73 21.63
C MET E 271 -18.45 8.09 23.10
N GLU E 272 -19.11 9.21 23.36
CA GLU E 272 -19.37 9.64 24.72
C GLU E 272 -20.64 9.04 25.30
N SER E 273 -21.45 8.37 24.48
CA SER E 273 -22.73 7.86 24.94
C SER E 273 -22.53 6.78 26.00
N ALA E 274 -23.64 6.34 26.59
CA ALA E 274 -23.62 5.25 27.55
C ALA E 274 -23.91 3.92 26.86
N GLY E 275 -23.62 2.83 27.57
CA GLY E 275 -23.86 1.52 27.03
C GLY E 275 -25.33 1.24 26.86
N ILE E 276 -25.62 0.09 26.24
CA ILE E 276 -27.01 -0.27 26.00
C ILE E 276 -27.74 -0.54 27.31
N HIS E 277 -27.05 -1.11 28.30
CA HIS E 277 -27.68 -1.33 29.60
C HIS E 277 -28.05 0.00 30.25
N GLU E 278 -27.12 0.95 30.24
CA GLU E 278 -27.42 2.26 30.81
C GLU E 278 -28.52 2.96 30.04
N THR E 279 -28.52 2.82 28.71
CA THR E 279 -29.57 3.44 27.93
C THR E 279 -30.93 2.86 28.26
N THR E 280 -31.04 1.54 28.38
CA THR E 280 -32.32 0.94 28.73
C THR E 280 -32.75 1.36 30.13
N TYR E 281 -31.84 1.39 31.08
CA TYR E 281 -32.20 1.79 32.43
C TYR E 281 -32.68 3.24 32.45
N ASN E 282 -31.98 4.12 31.73
CA ASN E 282 -32.39 5.51 31.66
C ASN E 282 -33.77 5.64 31.01
N SER E 283 -34.01 4.87 29.96
CA SER E 283 -35.32 4.91 29.31
C SER E 283 -36.41 4.47 30.27
N ILE E 284 -36.16 3.40 31.03
CA ILE E 284 -37.16 2.94 32.00
C ILE E 284 -37.41 4.01 33.05
N MET E 285 -36.35 4.64 33.54
CA MET E 285 -36.52 5.68 34.56
C MET E 285 -37.23 6.91 34.01
N LYS E 286 -37.27 7.09 32.69
CA LYS E 286 -38.01 8.21 32.11
C LYS E 286 -39.51 8.00 32.19
N CYS E 287 -39.97 6.77 32.44
CA CYS E 287 -41.39 6.46 32.50
C CYS E 287 -41.93 6.68 33.90
N ASP E 288 -43.24 6.59 34.02
CA ASP E 288 -43.91 6.84 35.29
C ASP E 288 -43.57 5.75 36.30
N ILE E 289 -43.63 6.12 37.58
CA ILE E 289 -43.21 5.22 38.64
C ILE E 289 -44.05 3.94 38.62
N ASP E 290 -45.33 4.03 38.28
CA ASP E 290 -46.19 2.87 38.31
C ASP E 290 -45.96 1.93 37.14
N ILE E 291 -45.16 2.34 36.15
CA ILE E 291 -44.97 1.52 34.96
C ILE E 291 -43.66 0.74 35.04
N ARG E 292 -42.70 1.23 35.81
CA ARG E 292 -41.34 0.69 35.74
C ARG E 292 -41.30 -0.78 36.12
N LYS E 293 -42.16 -1.21 37.05
CA LYS E 293 -42.13 -2.61 37.46
C LYS E 293 -42.42 -3.54 36.29
N ASP E 294 -43.39 -3.18 35.46
CA ASP E 294 -43.73 -4.01 34.30
C ASP E 294 -42.68 -3.92 33.21
N LEU E 295 -41.99 -2.79 33.10
CA LEU E 295 -40.95 -2.66 32.08
C LEU E 295 -39.72 -3.48 32.45
N TYR E 296 -39.34 -3.47 33.73
CA TYR E 296 -38.19 -4.26 34.14
C TYR E 296 -38.35 -5.73 33.77
N ALA E 297 -39.57 -6.25 33.79
CA ALA E 297 -39.80 -7.66 33.58
C ALA E 297 -40.07 -8.02 32.12
N ASN E 298 -40.05 -7.05 31.21
CA ASN E 298 -40.40 -7.28 29.81
C ASN E 298 -39.39 -6.61 28.88
N ASN E 299 -38.11 -6.82 29.14
CA ASN E 299 -37.07 -6.33 28.24
C ASN E 299 -36.99 -7.25 27.03
N VAL E 300 -37.49 -6.78 25.90
CA VAL E 300 -37.56 -7.57 24.67
C VAL E 300 -36.41 -7.14 23.78
N MET E 301 -35.55 -8.09 23.42
CA MET E 301 -34.43 -7.82 22.54
C MET E 301 -34.77 -8.22 21.11
N SER E 302 -34.20 -7.49 20.15
CA SER E 302 -34.54 -7.65 18.76
C SER E 302 -33.35 -7.24 17.90
N GLY E 303 -33.37 -7.65 16.64
CA GLY E 303 -32.33 -7.28 15.71
C GLY E 303 -31.17 -8.25 15.73
N GLY E 304 -30.35 -8.16 14.68
CA GLY E 304 -29.23 -9.07 14.54
C GLY E 304 -28.16 -8.87 15.60
N THR E 305 -27.86 -7.62 15.94
CA THR E 305 -26.74 -7.34 16.84
C THR E 305 -26.97 -7.87 18.25
N THR E 306 -28.19 -8.25 18.59
CA THR E 306 -28.47 -8.89 19.87
C THR E 306 -28.34 -10.40 19.81
N MET E 307 -27.64 -10.93 18.80
CA MET E 307 -27.49 -12.37 18.64
C MET E 307 -26.17 -12.89 19.21
N TYR E 308 -25.36 -12.05 19.81
CA TYR E 308 -24.11 -12.51 20.37
C TYR E 308 -24.39 -13.48 21.52
N PRO E 309 -23.66 -14.59 21.62
CA PRO E 309 -23.79 -15.43 22.82
C PRO E 309 -23.45 -14.64 24.07
N GLY E 310 -24.26 -14.82 25.11
CA GLY E 310 -24.06 -14.16 26.37
C GLY E 310 -24.56 -12.73 26.44
N ILE E 311 -25.19 -12.22 25.38
CA ILE E 311 -25.70 -10.84 25.42
C ILE E 311 -26.80 -10.72 26.46
N ALA E 312 -27.72 -11.69 26.50
CA ALA E 312 -28.84 -11.62 27.43
C ALA E 312 -28.36 -11.67 28.87
N ASP E 313 -27.41 -12.55 29.18
CA ASP E 313 -26.92 -12.64 30.55
C ASP E 313 -26.22 -11.35 30.97
N ARG E 314 -25.41 -10.77 30.08
CA ARG E 314 -24.73 -9.53 30.40
C ARG E 314 -25.74 -8.41 30.63
N MET E 315 -26.75 -8.32 29.77
CA MET E 315 -27.77 -7.29 29.94
C MET E 315 -28.50 -7.46 31.26
N GLN E 316 -28.88 -8.70 31.59
CA GLN E 316 -29.57 -8.92 32.86
C GLN E 316 -28.70 -8.55 34.04
N LYS E 317 -27.42 -8.94 34.02
CA LYS E 317 -26.53 -8.61 35.12
C LYS E 317 -26.41 -7.10 35.28
N GLU E 318 -26.21 -6.38 34.17
CA GLU E 318 -26.04 -4.94 34.27
C GLU E 318 -27.30 -4.25 34.75
N ILE E 319 -28.46 -4.64 34.21
CA ILE E 319 -29.70 -4.01 34.62
C ILE E 319 -29.97 -4.28 36.09
N THR E 320 -29.78 -5.53 36.53
CA THR E 320 -29.94 -5.84 37.95
C THR E 320 -29.00 -5.00 38.80
N ALA E 321 -27.79 -4.74 38.32
CA ALA E 321 -26.89 -3.86 39.05
C ALA E 321 -27.46 -2.45 39.16
N LEU E 322 -28.00 -1.92 38.07
CA LEU E 322 -28.54 -0.56 38.08
C LEU E 322 -29.88 -0.46 38.80
N ALA E 323 -30.77 -1.41 38.57
CA ALA E 323 -32.11 -1.33 39.14
C ALA E 323 -32.08 -1.67 40.62
N PRO E 324 -33.06 -1.21 41.38
CA PRO E 324 -33.13 -1.57 42.80
C PRO E 324 -33.47 -3.04 42.97
N SER E 325 -33.06 -3.59 44.11
CA SER E 325 -33.41 -4.96 44.42
C SER E 325 -34.93 -5.08 44.55
N THR E 326 -35.40 -6.33 44.62
CA THR E 326 -36.83 -6.61 44.72
C THR E 326 -37.53 -6.38 43.38
N MET E 327 -36.78 -6.00 42.36
CA MET E 327 -37.34 -5.88 41.02
C MET E 327 -36.97 -7.11 40.20
N LYS E 328 -37.97 -7.70 39.56
CA LYS E 328 -37.78 -8.92 38.78
C LYS E 328 -37.32 -8.53 37.38
N ILE E 329 -36.01 -8.39 37.22
CA ILE E 329 -35.43 -8.10 35.91
C ILE E 329 -35.49 -9.36 35.08
N LYS E 330 -36.09 -9.27 33.89
CA LYS E 330 -36.23 -10.41 33.00
C LYS E 330 -36.11 -9.93 31.57
N ILE E 331 -35.27 -10.62 30.80
CA ILE E 331 -34.97 -10.25 29.43
C ILE E 331 -35.43 -11.37 28.52
N ILE E 332 -36.30 -11.04 27.56
CA ILE E 332 -36.86 -12.01 26.64
C ILE E 332 -36.05 -11.98 25.36
N ALA E 333 -35.45 -13.11 25.02
CA ALA E 333 -34.61 -13.24 23.83
C ALA E 333 -35.10 -14.44 23.03
N PRO E 334 -36.07 -14.24 22.14
CA PRO E 334 -36.56 -15.34 21.32
C PRO E 334 -35.46 -15.89 20.43
N PRO E 335 -35.53 -17.17 20.06
CA PRO E 335 -34.47 -17.71 19.18
C PRO E 335 -34.43 -17.06 17.81
N GLU E 336 -35.49 -16.36 17.40
CA GLU E 336 -35.57 -15.73 16.08
C GLU E 336 -35.61 -14.22 16.15
N ARG E 337 -34.79 -13.62 17.02
CA ARG E 337 -34.78 -12.17 17.16
C ARG E 337 -34.50 -11.49 15.82
N LYS E 338 -33.68 -12.11 14.99
CA LYS E 338 -33.25 -11.46 13.75
C LYS E 338 -34.43 -11.02 12.91
N TYR E 339 -35.47 -11.85 12.85
CA TYR E 339 -36.63 -11.58 12.01
C TYR E 339 -37.84 -11.12 12.81
N SER E 340 -37.66 -10.75 14.08
CA SER E 340 -38.80 -10.37 14.91
C SER E 340 -39.50 -9.15 14.34
N VAL E 341 -38.75 -8.18 13.83
CA VAL E 341 -39.39 -7.01 13.24
C VAL E 341 -40.23 -7.42 12.03
N TRP E 342 -39.68 -8.27 11.17
CA TRP E 342 -40.46 -8.70 10.01
C TRP E 342 -41.66 -9.54 10.42
N ILE E 343 -41.48 -10.40 11.42
CA ILE E 343 -42.61 -11.22 11.86
C ILE E 343 -43.72 -10.34 12.40
N GLY E 344 -43.36 -9.33 13.19
CA GLY E 344 -44.37 -8.40 13.67
C GLY E 344 -45.06 -7.66 12.55
N GLY E 345 -44.29 -7.20 11.56
CA GLY E 345 -44.91 -6.58 10.40
C GLY E 345 -45.88 -7.51 9.71
N SER E 346 -45.52 -8.79 9.60
CA SER E 346 -46.43 -9.76 9.02
C SER E 346 -47.71 -9.88 9.82
N ILE E 347 -47.60 -9.94 11.14
CA ILE E 347 -48.78 -10.04 11.99
C ILE E 347 -49.63 -8.78 11.85
N LEU E 348 -48.99 -7.62 11.90
CA LEU E 348 -49.74 -6.37 11.86
C LEU E 348 -50.51 -6.22 10.56
N ALA E 349 -49.87 -6.52 9.43
CA ALA E 349 -50.53 -6.34 8.14
C ALA E 349 -51.71 -7.28 7.95
N SER E 350 -51.75 -8.38 8.69
CA SER E 350 -52.84 -9.34 8.53
C SER E 350 -54.06 -8.98 9.36
N LEU E 351 -53.88 -8.24 10.45
CA LEU E 351 -55.00 -7.92 11.33
C LEU E 351 -56.08 -7.18 10.57
N SER E 352 -57.34 -7.54 10.85
CA SER E 352 -58.47 -6.89 10.19
C SER E 352 -58.59 -5.44 10.62
N THR E 353 -58.27 -5.14 11.88
CA THR E 353 -58.38 -3.79 12.39
C THR E 353 -57.35 -2.84 11.79
N PHE E 354 -56.35 -3.37 11.08
CA PHE E 354 -55.32 -2.53 10.49
C PHE E 354 -55.66 -2.05 9.09
N GLN E 355 -56.64 -2.67 8.43
CA GLN E 355 -56.90 -2.36 7.03
C GLN E 355 -57.33 -0.93 6.81
N GLN E 356 -57.72 -0.20 7.85
CA GLN E 356 -58.07 1.21 7.69
C GLN E 356 -56.86 2.11 7.82
N MET E 357 -55.72 1.59 8.26
CA MET E 357 -54.54 2.42 8.48
C MET E 357 -53.72 2.62 7.21
N TRP E 358 -54.00 1.84 6.16
CA TRP E 358 -53.26 2.00 4.92
C TRP E 358 -53.43 3.40 4.37
N ILE E 359 -52.35 3.95 3.81
CA ILE E 359 -52.41 5.20 3.08
C ILE E 359 -52.63 4.85 1.62
N THR E 360 -53.84 5.06 1.13
CA THR E 360 -54.12 4.81 -0.27
C THR E 360 -53.52 5.91 -1.14
N LYS E 361 -53.27 5.59 -2.40
CA LYS E 361 -52.68 6.57 -3.30
C LYS E 361 -53.57 7.80 -3.45
N GLN E 362 -54.88 7.61 -3.39
CA GLN E 362 -55.80 8.74 -3.43
C GLN E 362 -55.48 9.73 -2.31
N GLU E 363 -55.38 9.23 -1.08
CA GLU E 363 -55.06 10.11 0.03
C GLU E 363 -53.70 10.79 -0.17
N TYR E 364 -52.71 10.03 -0.65
CA TYR E 364 -51.38 10.60 -0.82
C TYR E 364 -51.40 11.75 -1.81
N ASP E 365 -51.99 11.54 -2.98
CA ASP E 365 -51.95 12.57 -4.01
C ASP E 365 -52.92 13.72 -3.74
N GLU E 366 -53.95 13.51 -2.93
CA GLU E 366 -54.86 14.59 -2.61
C GLU E 366 -54.42 15.41 -1.40
N ALA E 367 -53.36 14.99 -0.70
CA ALA E 367 -52.90 15.70 0.48
C ALA E 367 -51.40 15.87 0.55
N GLY E 368 -50.63 15.31 -0.38
CA GLY E 368 -49.20 15.49 -0.40
C GLY E 368 -48.48 14.48 0.47
N PRO E 369 -47.14 14.47 0.40
CA PRO E 369 -46.38 13.49 1.18
C PRO E 369 -46.60 13.59 2.68
N SER E 370 -46.92 14.77 3.20
CA SER E 370 -47.05 14.95 4.64
C SER E 370 -48.09 14.03 5.26
N ILE E 371 -48.91 13.34 4.46
CA ILE E 371 -49.91 12.43 5.01
C ILE E 371 -49.22 11.33 5.81
N VAL E 372 -48.00 10.95 5.43
CA VAL E 372 -47.32 9.83 6.07
C VAL E 372 -46.92 10.12 7.50
N HIS E 373 -47.01 11.36 7.95
CA HIS E 373 -46.69 11.70 9.34
C HIS E 373 -47.89 11.62 10.27
N ARG E 374 -49.08 11.29 9.75
CA ARG E 374 -50.27 11.23 10.58
C ARG E 374 -50.13 10.15 11.65
N HYP F 1 18.71 -4.52 -23.65
CA HYP F 1 18.81 -4.52 -25.12
C HYP F 1 17.41 -4.54 -25.84
O HYP F 1 16.42 -5.03 -25.26
CB HYP F 1 19.62 -5.74 -25.52
CG HYP F 1 19.26 -6.80 -24.47
CD HYP F 1 18.96 -5.92 -23.21
OD1 HYP F 1 20.22 -7.79 -24.25
N ALA F 2 17.36 -4.02 -27.05
CA ALA F 2 16.14 -4.04 -27.85
C ALA F 2 15.06 -3.14 -27.25
N TRP F 3 15.43 -2.36 -26.24
CA TRP F 3 14.47 -1.49 -25.58
C TRP F 3 14.72 -0.04 -25.97
CG G5G F 4 14.14 3.87 -26.55
CB G5G F 4 14.30 3.03 -25.30
CA G5G F 4 15.55 2.14 -25.27
N G5G F 4 15.21 0.75 -25.01
C G5G F 4 16.57 2.69 -24.24
O G5G F 4 17.33 3.64 -24.54
O1 G5G F 4 15.26 3.71 -27.42
CD1 G5G F 4 14.19 5.36 -26.16
CD2 G5G F 4 12.85 3.58 -27.31
O2 G5G F 4 13.49 6.20 -27.08
N ALA F 5 16.58 2.09 -23.05
CA ALA F 5 17.54 2.45 -22.03
C ALA F 5 18.21 1.20 -21.49
N ALO F 6 17.73 0.72 -20.35
CA ALO F 6 18.25 -0.49 -19.79
CB ALO F 6 17.93 -0.65 -18.27
CG2 ALO F 6 18.12 0.68 -17.57
OG1 ALO F 6 18.76 -1.64 -17.69
C ALO F 6 17.67 -1.68 -20.53
O ALO F 6 16.68 -1.62 -21.25
N CYS F 7 18.35 -2.81 -20.37
CA CYS F 7 17.94 -4.05 -21.02
C CYS F 7 18.02 -3.94 -22.53
N HYP G 1 -22.44 12.13 10.05
CA HYP G 1 -22.09 11.85 8.63
C HYP G 1 -23.34 11.68 7.69
O HYP G 1 -23.63 12.57 6.88
CB HYP G 1 -21.23 10.59 8.60
CG HYP G 1 -21.65 9.79 9.84
CD HYP G 1 -22.09 10.91 10.83
OD1 HYP G 1 -20.66 8.96 10.36
N ALA G 2 -24.03 10.55 7.82
CA ALA G 2 -25.20 10.26 7.00
C ALA G 2 -26.30 11.29 7.24
N TRP G 3 -26.22 11.99 8.37
CA TRP G 3 -27.24 12.96 8.73
C TRP G 3 -27.16 14.21 7.89
CG G5G G 4 -29.34 17.21 6.32
CB G5G G 4 -28.71 17.22 7.72
CA G5G G 4 -27.30 16.64 7.82
N G5G G 4 -27.34 15.36 8.52
C G5G G 4 -26.35 17.66 8.51
O G5G G 4 -25.74 18.51 7.81
O1 G5G G 4 -28.60 16.34 5.46
CD1 G5G G 4 -29.19 18.61 5.71
CD2 G5G G 4 -30.80 16.80 6.33
O2 G5G G 4 -30.41 19.32 5.68
N ALA G 5 -26.25 17.58 9.83
CA ALA G 5 -25.39 18.49 10.58
C ALA G 5 -24.21 17.73 11.17
N ALO G 6 -24.42 17.15 12.35
CA ALO G 6 -23.37 16.42 13.01
CB ALO G 6 -23.27 16.72 14.53
CG2 ALO G 6 -23.58 18.18 14.79
OG1 ALO G 6 -22.00 16.37 15.04
C ALO G 6 -23.55 14.92 12.83
O ALO G 6 -24.63 14.39 12.57
N CYS G 7 -22.43 14.22 12.97
CA CYS G 7 -22.42 12.78 12.83
C CYS G 7 -22.80 12.37 11.41
N HYP H 1 0.84 -8.08 1.98
CA HYP H 1 2.30 -8.21 1.86
C HYP H 1 3.08 -7.61 3.09
O HYP H 1 2.92 -6.41 3.40
CB HYP H 1 2.74 -7.51 0.57
CG HYP H 1 1.51 -6.79 -0.01
CD HYP H 1 0.45 -6.95 1.12
OD1 HYP H 1 1.06 -7.24 -1.26
N ALA H 2 3.88 -8.43 3.76
CA ALA H 2 4.68 -7.99 4.89
C ALA H 2 3.83 -7.77 6.13
N TRP H 3 2.72 -8.52 6.22
CA TRP H 3 1.80 -8.40 7.35
C TRP H 3 1.68 -9.72 8.09
CG G5G H 4 1.05 -12.38 10.83
CB G5G H 4 0.09 -11.60 9.94
CA G5G H 4 0.33 -11.73 8.44
N G5G H 4 0.59 -10.43 7.82
C G5G H 4 -0.88 -12.42 7.75
O G5G H 4 -0.91 -13.68 7.64
O1 G5G H 4 1.81 -13.30 10.07
CD1 G5G H 4 0.22 -13.29 11.77
CD2 G5G H 4 1.96 -11.50 11.66
O2 G5G H 4 1.02 -13.98 12.71
N ALA H 5 -1.84 -11.61 7.32
CA ALA H 5 -2.96 -12.12 6.55
C ALA H 5 -3.00 -11.43 5.20
N ALO H 6 -3.87 -10.44 5.08
CA ALO H 6 -3.98 -9.69 3.84
CB ALO H 6 -5.37 -9.04 3.65
CG2 ALO H 6 -6.43 -9.84 4.39
OG1 ALO H 6 -5.69 -8.94 2.27
C ALO H 6 -2.92 -8.62 3.80
O ALO H 6 -2.31 -8.21 4.79
N CYS H 7 -2.69 -8.13 2.59
CA CYS H 7 -1.69 -7.10 2.35
C CYS H 7 -0.30 -7.59 2.70
MG MG I . 3.34 -16.29 -28.74
PB ADP J . 6.13 -16.62 -30.49
O1B ADP J . 5.60 -16.35 -31.86
O2B ADP J . 5.10 -16.53 -29.40
O3B ADP J . 7.42 -15.91 -30.17
PA ADP J . 5.84 -19.38 -29.83
O1A ADP J . 5.17 -20.24 -30.85
O2A ADP J . 5.06 -18.82 -28.67
O3A ADP J . 6.56 -18.17 -30.61
O5' ADP J . 7.11 -20.19 -29.27
C5' ADP J . 8.28 -20.30 -30.06
C4' ADP J . 9.44 -20.81 -29.22
O4' ADP J . 9.04 -21.93 -28.44
C3' ADP J . 10.60 -21.25 -30.08
O3' ADP J . 11.66 -20.30 -30.03
C2' ADP J . 11.06 -22.59 -29.51
O2' ADP J . 12.36 -22.45 -28.96
C1' ADP J . 10.05 -22.94 -28.45
N9 ADP J . 9.41 -24.25 -28.75
C8 ADP J . 8.58 -24.48 -29.79
N7 ADP J . 8.17 -25.77 -29.79
C5 ADP J . 8.74 -26.38 -28.74
C6 ADP J . 8.73 -27.75 -28.18
N6 ADP J . 8.00 -28.72 -28.75
N1 ADP J . 9.47 -27.98 -27.08
C2 ADP J . 10.20 -27.01 -26.49
N3 ADP J . 10.26 -25.74 -26.97
C4 ADP J . 9.57 -25.38 -28.06
H5'1 ADP J . 8.55 -19.34 -30.49
H5'2 ADP J . 8.08 -21.00 -30.88
H4' ADP J . 9.77 -20.00 -28.55
H3' ADP J . 10.26 -21.40 -31.11
HO3' ADP J . 12.28 -20.47 -30.75
H2' ADP J . 11.05 -23.34 -30.31
HO2' ADP J . 13.00 -22.27 -29.66
H1' ADP J . 10.55 -22.98 -27.47
H8 ADP J . 8.28 -23.73 -30.51
HN61 ADP J . 8.00 -29.65 -28.36
HN62 ADP J . 7.45 -28.53 -29.58
H2 ADP J . 10.77 -27.26 -25.61
MG MG K . -31.76 31.74 38.76
PB ADP L . -29.89 29.75 36.35
O1B ADP L . -30.99 29.01 35.64
O2B ADP L . -28.66 28.92 36.62
O3B ADP L . -30.35 30.57 37.53
PA ADP L . -30.47 31.88 34.69
O1A ADP L . -29.75 33.18 34.39
O2A ADP L . -31.64 31.87 35.64
O3A ADP L . -29.40 30.85 35.29
O5' ADP L . -30.90 31.21 33.31
C5' ADP L . -30.10 30.21 32.68
C4' ADP L . -30.85 29.64 31.48
O4' ADP L . -31.51 30.69 30.79
C3' ADP L . -29.94 28.96 30.47
O3' ADP L . -30.05 27.54 30.58
C2' ADP L . -30.41 29.44 29.11
O2' ADP L . -30.91 28.34 28.34
C1' ADP L . -31.52 30.43 29.39
N9 ADP L . -31.29 31.70 28.64
C8 ADP L . -30.30 32.56 28.91
N7 ADP L . -30.35 33.61 28.05
C5 ADP L . -31.40 33.42 27.23
C6 ADP L . -32.02 34.15 26.11
N6 ADP L . -31.50 35.33 25.69
N1 ADP L . -33.09 33.60 25.53
C2 ADP L . -33.61 32.43 25.93
N3 ADP L . -33.09 31.72 26.95
C4 ADP L . -32.01 32.15 27.62
H5'1 ADP L . -29.87 29.41 33.40
H5'2 ADP L . -29.15 30.65 32.36
H4' ADP L . -31.58 28.92 31.85
H3' ADP L . -28.90 29.28 30.64
HO3' ADP L . -29.37 27.13 30.03
H2' ADP L . -29.58 29.93 28.60
HO2' ADP L . -30.17 27.78 28.06
H1' ADP L . -32.49 29.99 29.09
H8 ADP L . -29.55 32.44 29.68
HN61 ADP L . -31.93 35.82 24.92
HN62 ADP L . -30.69 35.72 26.14
H2 ADP L . -34.48 32.04 25.42
MG MG M . 9.59 8.42 8.59
PB ADP N . 11.13 6.69 5.93
O1B ADP N . 10.04 6.50 4.90
O2B ADP N . 12.05 5.51 6.08
O3B ADP N . 10.65 7.29 7.22
PA ADP N . 11.48 9.28 4.99
O1A ADP N . 12.58 10.28 5.24
O2A ADP N . 10.18 9.37 5.74
O3A ADP N . 12.08 7.83 5.29
O5' ADP N . 11.17 9.25 3.41
C5' ADP N . 11.84 8.35 2.54
C4' ADP N . 11.13 8.33 1.20
O4' ADP N . 10.83 9.65 0.77
C3' ADP N . 11.98 7.70 0.10
O3' ADP N . 11.50 6.39 -0.21
C2' ADP N . 11.86 8.62 -1.09
O2' ADP N . 11.23 7.95 -2.19
C1' ADP N . 11.03 9.80 -0.63
N9 ADP N . 11.73 11.08 -0.89
C8 ADP N . 12.84 11.49 -0.27
N7 ADP N . 13.24 12.71 -0.73
C5 ADP N . 12.34 13.09 -1.66
C6 ADP N . 12.17 14.25 -2.54
N6 ADP N . 13.04 15.29 -2.52
N1 ADP N . 11.11 14.25 -3.38
C2 ADP N . 10.24 13.23 -3.42
N3 ADP N . 10.35 12.14 -2.65
C4 ADP N . 11.37 12.01 -1.76
H5'1 ADP N . 11.86 7.35 2.97
H5'2 ADP N . 12.87 8.69 2.40
H4' ADP N . 10.20 7.76 1.29
H3' ADP N . 13.03 7.66 0.43
HO3' ADP N . 12.13 5.95 -0.80
H2' ADP N . 12.87 8.97 -1.39
HO2' ADP N . 11.82 7.28 -2.54
H1' ADP N . 10.07 9.78 -1.15
H8 ADP N . 13.37 10.93 0.50
HN61 ADP N . 12.90 16.08 -3.12
HN62 ADP N . 13.82 15.27 -1.88
H2 ADP N . 9.41 13.29 -4.12
MG MG O . 47.93 -16.81 -23.51
PB ADP P . 49.71 -18.23 -26.21
O1B ADP P . 50.19 -19.56 -26.73
O2B ADP P . 49.22 -18.23 -24.80
O3B ADP P . 48.83 -17.49 -27.17
PA ADP P . 50.93 -15.71 -26.25
O1A ADP P . 52.26 -15.15 -25.83
O2A ADP P . 49.67 -15.34 -25.51
O3A ADP P . 51.03 -17.32 -26.16
O5' ADP P . 50.73 -15.39 -27.80
C5' ADP P . 51.49 -16.04 -28.81
C4' ADP P . 51.10 -15.48 -30.17
O4' ADP P . 51.21 -14.06 -30.15
C3' ADP P . 51.98 -15.97 -31.31
O3' ADP P . 51.31 -16.98 -32.06
C2' ADP P . 52.26 -14.76 -32.16
O2' ADP P . 51.61 -14.89 -33.43
C1' ADP P . 51.70 -13.57 -31.41
N9 ADP P . 52.77 -12.56 -31.17
C8 ADP P . 53.85 -12.74 -30.40
N7 ADP P . 54.62 -11.63 -30.39
C5 ADP P . 54.03 -10.71 -31.17
C6 ADP P . 54.32 -9.32 -31.59
N6 ADP P . 55.43 -8.69 -31.16
N1 ADP P . 53.44 -8.72 -32.41
C2 ADP P . 52.33 -9.35 -32.85
N3 ADP P . 52.01 -10.61 -32.50
C4 ADP P . 52.81 -11.34 -31.68
H5'1 ADP P . 51.32 -17.12 -28.79
H5'2 ADP P . 52.56 -15.86 -28.64
H4' ADP P . 50.06 -15.77 -30.38
H3' ADP P . 52.92 -16.36 -30.89
HO3' ADP P . 51.94 -17.42 -32.65
H2' ADP P . 53.35 -14.65 -32.29
HO2' ADP P . 52.04 -15.60 -33.94
H1' ADP P . 50.89 -13.13 -31.99
H8 ADP P . 54.08 -13.65 -29.85
HN61 ADP P . 55.61 -7.73 -31.46
HN62 ADP P . 56.08 -9.15 -30.54
H2 ADP P . 51.67 -8.82 -33.50
MG MG Q . -33.54 -4.23 12.05
PB ADP R . -30.80 -4.76 9.85
O1B ADP R . -30.80 -4.42 8.39
O2B ADP R . -32.13 -4.61 10.53
O3B ADP R . -29.65 -4.15 10.61
PA ADP R . -30.43 -7.09 11.33
O1A ADP R . -30.78 -8.53 11.11
O2A ADP R . -31.23 -6.25 12.28
O3A ADP R . -30.51 -6.34 9.91
O5' ADP R . -28.88 -7.02 11.76
C5' ADP R . -27.83 -7.05 10.81
C4' ADP R . -26.50 -6.99 11.56
O4' ADP R . -26.49 -7.95 12.62
C3' ADP R . -25.31 -7.31 10.68
O3' ADP R . -24.60 -6.13 10.32
C2' ADP R . -24.42 -8.23 11.49
O2' ADP R . -23.19 -7.58 11.82
C1' ADP R . -25.20 -8.55 12.75
N9 ADP R . -25.36 -10.01 12.93
C8 ADP R . -26.07 -10.81 12.11
N7 ADP R . -26.02 -12.08 12.54
C5 ADP R . -25.27 -12.13 13.64
C6 ADP R . -24.81 -13.17 14.59
N6 ADP R . -25.18 -14.46 14.42
N1 ADP R . -24.03 -12.79 15.62
C2 ADP R . -23.66 -11.51 15.80
N3 ADP R . -24.04 -10.52 14.97
C4 ADP R . -24.82 -10.75 13.90
H5'1 ADP R . -27.91 -6.19 10.13
H5'2 ADP R . -27.88 -7.96 10.22
H4' ADP R . -26.36 -5.98 11.97
H3' ADP R . -25.64 -7.85 9.78
HO3' ADP R . -23.96 -6.33 9.64
H2' ADP R . -24.23 -9.16 10.93
HO2' ADP R . -22.65 -7.48 11.02
H1' ADP R . -24.68 -8.12 13.62
H8 ADP R . -26.61 -10.47 11.24
HN61 ADP R . -24.86 -15.16 15.07
HN62 ADP R . -25.76 -14.72 13.64
H2 ADP R . -23.04 -11.27 16.64
#